data_2NZ1
#
_entry.id   2NZ1
#
_cell.length_a   99.240
_cell.length_b   99.240
_cell.length_c   243.460
_cell.angle_alpha   90.00
_cell.angle_beta   90.00
_cell.angle_gamma   120.00
#
_symmetry.space_group_name_H-M   'P 31 2 1'
#
loop_
_entity.id
_entity.type
_entity.pdbx_description
1 polymer 'Hypothetical protein GAMMAHV.M3'
2 polymer 'Small inducible cytokine A2'
3 water water
#
loop_
_entity_poly.entity_id
_entity_poly.type
_entity_poly.pdbx_seq_one_letter_code
_entity_poly.pdbx_strand_id
1 'polypeptide(L)'
;LTLGLAPALSTHSSGVSTQSVDLSQIKRGDEIQAHCLTPAETEVTECAGILKDVLSKNLHELQGLCNVKNKMGVPWVSVE
ELGQEIITGRLPFPSVGGTPVNDLVRVLVVAESNTPEETPEEEFYAYVELQTELYTFGLSDDNVVFTSDYMTVWMIDIPK
SYVDVGMLTRATFLEQWPGAKVTVMIPYSSTFTWCGELGAISEESAPQPSLSARSPVCKNSARYSTSKFCEVDGCTAETG
MEKMSLLTPFGGPPQQAKMNTCPCYYKYSVSPLPAMDHLILADLAGLDSLTSPVYVMAAYFDSTHENPVRPSSKLYHCAL
QMTSHDGVWTSTSSEQCPIRLVEGQSQNVLQVRVAPTSMPNLVGVSLMLEGQQYRLEYFGDH
;
A,B,X
2 'polypeptide(L)' QPDAINAPVTCCYNFTNRKISVQRLASYRRITSSKCPKEAVIFKTIVAKEICADPKQKWVQDSIDHLDKQTQTPKT D,E,Y
#
# COMPACT_ATOMS: atom_id res chain seq x y z
N HIS A 12 -35.89 44.77 0.15
CA HIS A 12 -34.41 44.60 0.13
C HIS A 12 -33.90 44.13 -1.23
N SER A 13 -32.58 43.99 -1.34
CA SER A 13 -31.97 43.54 -2.58
C SER A 13 -31.06 42.35 -2.25
N SER A 14 -31.53 41.50 -1.36
CA SER A 14 -30.80 40.32 -0.94
C SER A 14 -31.70 39.52 0.00
N GLY A 15 -31.54 38.19 0.00
CA GLY A 15 -32.36 37.39 0.87
C GLY A 15 -32.58 35.95 0.43
N VAL A 16 -33.34 35.23 1.24
CA VAL A 16 -33.67 33.84 0.99
C VAL A 16 -35.17 33.74 1.21
N SER A 17 -35.86 32.99 0.35
CA SER A 17 -37.30 32.83 0.47
C SER A 17 -37.81 31.48 -0.02
N THR A 18 -38.96 31.06 0.49
CA THR A 18 -39.56 29.79 0.14
C THR A 18 -41.04 29.90 -0.25
N GLN A 19 -41.56 28.83 -0.82
CA GLN A 19 -42.95 28.78 -1.23
C GLN A 19 -43.26 27.36 -1.68
N SER A 20 -44.53 27.00 -1.77
CA SER A 20 -44.87 25.66 -2.23
C SER A 20 -45.03 25.71 -3.74
N VAL A 21 -44.72 24.60 -4.39
CA VAL A 21 -44.85 24.51 -5.84
C VAL A 21 -45.81 23.35 -6.15
N ASP A 22 -46.99 23.70 -6.66
CA ASP A 22 -48.00 22.70 -7.02
C ASP A 22 -48.19 22.81 -8.55
N LEU A 23 -47.57 21.91 -9.29
CA LEU A 23 -47.66 21.92 -10.76
C LEU A 23 -49.09 21.93 -11.27
N SER A 24 -49.99 21.32 -10.51
CA SER A 24 -51.42 21.25 -10.85
C SER A 24 -51.99 22.63 -11.11
N GLN A 25 -51.58 23.59 -10.29
CA GLN A 25 -52.07 24.96 -10.44
C GLN A 25 -51.06 25.86 -11.15
N ILE A 26 -50.35 25.29 -12.11
CA ILE A 26 -49.36 26.02 -12.90
C ILE A 26 -49.58 25.64 -14.36
N LYS A 27 -49.89 26.64 -15.19
CA LYS A 27 -50.15 26.43 -16.61
C LYS A 27 -49.15 25.52 -17.33
N ARG A 28 -49.50 24.25 -17.48
CA ARG A 28 -48.64 23.28 -18.16
C ARG A 28 -47.37 23.09 -17.34
N GLY A 29 -47.54 23.04 -16.02
CA GLY A 29 -46.42 22.86 -15.14
C GLY A 29 -45.69 21.57 -15.38
N ASP A 30 -46.44 20.50 -15.65
CA ASP A 30 -45.82 19.20 -15.88
C ASP A 30 -44.94 19.20 -17.13
N GLU A 31 -45.38 19.86 -18.19
CA GLU A 31 -44.61 19.89 -19.41
C GLU A 31 -43.35 20.72 -19.28
N ILE A 32 -43.46 21.85 -18.59
CA ILE A 32 -42.29 22.70 -18.40
C ILE A 32 -41.24 21.87 -17.66
N GLN A 33 -41.67 21.34 -16.52
CA GLN A 33 -40.84 20.53 -15.65
C GLN A 33 -40.16 19.37 -16.39
N ALA A 34 -40.92 18.72 -17.28
CA ALA A 34 -40.41 17.57 -18.02
C ALA A 34 -39.54 17.85 -19.26
N HIS A 35 -39.81 18.95 -19.95
CA HIS A 35 -39.05 19.29 -21.16
C HIS A 35 -38.12 20.50 -21.01
N CYS A 36 -38.24 21.23 -19.90
CA CYS A 36 -37.40 22.40 -19.66
C CYS A 36 -36.52 22.23 -18.43
N LEU A 37 -37.02 21.52 -17.44
CA LEU A 37 -36.28 21.32 -16.19
C LEU A 37 -35.73 19.91 -16.02
N THR A 38 -35.80 19.12 -17.09
CA THR A 38 -35.31 17.74 -17.08
C THR A 38 -34.53 17.50 -18.36
N PRO A 39 -33.34 16.92 -18.26
CA PRO A 39 -32.60 16.69 -19.51
C PRO A 39 -33.42 15.74 -20.37
N ALA A 40 -33.87 16.25 -21.52
CA ALA A 40 -34.70 15.48 -22.44
C ALA A 40 -34.24 15.70 -23.89
N GLU A 41 -35.10 16.27 -24.73
CA GLU A 41 -34.75 16.55 -26.13
C GLU A 41 -33.51 17.45 -26.18
N THR A 42 -32.51 17.03 -26.94
CA THR A 42 -31.27 17.80 -27.07
C THR A 42 -31.36 19.00 -28.01
N GLU A 43 -32.56 19.51 -28.19
CA GLU A 43 -32.79 20.66 -29.04
C GLU A 43 -33.70 21.57 -28.24
N VAL A 44 -33.78 22.84 -28.61
CA VAL A 44 -34.61 23.76 -27.84
C VAL A 44 -36.09 23.87 -28.25
N THR A 45 -36.45 23.22 -29.34
CA THR A 45 -37.82 23.28 -29.86
C THR A 45 -38.94 22.95 -28.87
N GLU A 46 -38.85 21.82 -28.20
CA GLU A 46 -39.90 21.42 -27.26
C GLU A 46 -40.12 22.43 -26.14
N CYS A 47 -39.07 22.71 -25.37
CA CYS A 47 -39.20 23.65 -24.27
C CYS A 47 -39.63 25.04 -24.77
N ALA A 48 -39.14 25.42 -25.94
CA ALA A 48 -39.47 26.72 -26.51
C ALA A 48 -40.96 26.85 -26.85
N GLY A 49 -41.53 25.79 -27.43
CA GLY A 49 -42.94 25.85 -27.78
C GLY A 49 -43.81 26.02 -26.55
N ILE A 50 -43.44 25.30 -25.51
CA ILE A 50 -44.15 25.35 -24.25
C ILE A 50 -44.05 26.75 -23.63
N LEU A 51 -42.84 27.28 -23.54
CA LEU A 51 -42.61 28.58 -22.95
C LEU A 51 -43.22 29.74 -23.74
N LYS A 52 -43.29 29.61 -25.07
CA LYS A 52 -43.84 30.66 -25.90
C LYS A 52 -45.33 30.86 -25.64
N ASP A 53 -46.05 29.79 -25.35
CA ASP A 53 -47.47 29.88 -25.05
C ASP A 53 -47.75 30.31 -23.62
N VAL A 54 -47.02 29.74 -22.66
CA VAL A 54 -47.20 30.05 -21.25
C VAL A 54 -46.74 31.42 -20.78
N LEU A 55 -45.52 31.79 -21.14
CA LEU A 55 -44.97 33.08 -20.73
C LEU A 55 -45.58 34.25 -21.48
N SER A 56 -46.21 33.95 -22.61
CA SER A 56 -46.87 34.99 -23.41
C SER A 56 -48.15 35.43 -22.73
N LYS A 57 -48.76 34.54 -21.96
CA LYS A 57 -49.98 34.86 -21.23
C LYS A 57 -49.65 35.23 -19.78
N ASN A 58 -48.53 34.71 -19.26
CA ASN A 58 -48.08 35.02 -17.91
C ASN A 58 -46.56 35.08 -17.87
N LEU A 59 -46.05 36.28 -18.11
CA LEU A 59 -44.62 36.54 -18.18
C LEU A 59 -43.73 36.10 -17.02
N HIS A 60 -44.27 36.03 -15.80
CA HIS A 60 -43.48 35.63 -14.65
C HIS A 60 -43.81 34.25 -14.12
N GLU A 61 -44.34 33.40 -14.99
CA GLU A 61 -44.71 32.04 -14.62
C GLU A 61 -43.60 31.25 -13.88
N LEU A 62 -42.38 31.28 -14.43
CA LEU A 62 -41.27 30.54 -13.86
C LEU A 62 -40.99 30.76 -12.37
N GLN A 63 -41.37 31.92 -11.84
CA GLN A 63 -41.14 32.20 -10.42
C GLN A 63 -41.89 31.17 -9.56
N GLY A 64 -43.06 30.74 -10.04
CA GLY A 64 -43.83 29.77 -9.30
C GLY A 64 -43.20 28.38 -9.25
N LEU A 65 -42.11 28.16 -9.99
CA LEU A 65 -41.46 26.85 -10.01
C LEU A 65 -40.28 26.73 -9.04
N CYS A 66 -39.89 27.85 -8.42
CA CYS A 66 -38.76 27.83 -7.48
C CYS A 66 -39.23 27.48 -6.07
N ASN A 67 -38.80 26.34 -5.54
CA ASN A 67 -39.22 25.98 -4.19
C ASN A 67 -38.52 26.93 -3.21
N VAL A 68 -37.23 27.15 -3.46
CA VAL A 68 -36.40 28.01 -2.65
C VAL A 68 -35.81 29.06 -3.58
N LYS A 69 -35.71 30.28 -3.08
CA LYS A 69 -35.16 31.39 -3.86
C LYS A 69 -34.09 32.02 -2.99
N ASN A 70 -32.87 32.09 -3.51
CA ASN A 70 -31.78 32.67 -2.75
C ASN A 70 -31.13 33.73 -3.61
N LYS A 71 -31.22 35.00 -3.19
CA LYS A 71 -30.65 36.06 -3.99
C LYS A 71 -29.63 36.91 -3.28
N MET A 72 -28.89 37.66 -4.07
CA MET A 72 -27.86 38.54 -3.55
C MET A 72 -27.65 39.72 -4.52
N GLY A 73 -27.08 40.80 -4.01
CA GLY A 73 -26.80 41.95 -4.85
C GLY A 73 -25.32 41.94 -5.15
N VAL A 74 -24.96 42.20 -6.40
CA VAL A 74 -23.55 42.23 -6.79
C VAL A 74 -23.31 43.49 -7.62
N PRO A 75 -22.30 44.28 -7.21
CA PRO A 75 -21.95 45.54 -7.88
C PRO A 75 -21.79 45.46 -9.39
N TRP A 76 -22.20 46.52 -10.06
CA TRP A 76 -22.06 46.63 -11.50
C TRP A 76 -20.57 46.80 -11.72
N VAL A 77 -20.07 46.35 -12.87
CA VAL A 77 -18.67 46.51 -13.18
C VAL A 77 -18.60 46.79 -14.67
N SER A 78 -18.04 47.96 -15.02
CA SER A 78 -17.98 48.36 -16.42
C SER A 78 -16.69 48.15 -17.18
N VAL A 79 -16.86 48.17 -18.48
CA VAL A 79 -15.82 48.06 -19.50
C VAL A 79 -16.45 48.94 -20.54
N GLU A 80 -16.12 50.23 -20.47
CA GLU A 80 -16.66 51.24 -21.37
C GLU A 80 -16.15 51.05 -22.79
N GLU A 81 -14.92 50.54 -22.88
CA GLU A 81 -14.25 50.29 -24.14
C GLU A 81 -15.19 49.61 -25.14
N LEU A 82 -16.09 48.77 -24.62
CA LEU A 82 -17.04 48.05 -25.46
C LEU A 82 -18.49 48.33 -25.05
N GLY A 83 -18.66 49.17 -24.03
CA GLY A 83 -20.00 49.49 -23.57
C GLY A 83 -20.65 48.33 -22.82
N GLN A 84 -19.81 47.55 -22.14
CA GLN A 84 -20.28 46.40 -21.37
C GLN A 84 -20.53 46.69 -19.88
N GLU A 85 -21.73 46.40 -19.42
CA GLU A 85 -22.08 46.59 -18.01
C GLU A 85 -22.19 45.16 -17.51
N ILE A 86 -21.20 44.74 -16.74
CA ILE A 86 -21.14 43.37 -16.24
C ILE A 86 -21.42 43.11 -14.76
N ILE A 87 -22.08 42.00 -14.49
CA ILE A 87 -22.37 41.57 -13.11
C ILE A 87 -21.99 40.10 -13.04
N THR A 88 -21.36 39.71 -11.94
CA THR A 88 -20.93 38.33 -11.76
C THR A 88 -20.83 37.97 -10.30
N GLY A 89 -21.03 36.70 -9.97
CA GLY A 89 -20.96 36.28 -8.58
C GLY A 89 -21.00 34.78 -8.38
N ARG A 90 -20.71 34.35 -7.16
CA ARG A 90 -20.70 32.94 -6.81
C ARG A 90 -21.96 32.54 -6.02
N LEU A 91 -22.93 31.97 -6.71
CA LEU A 91 -24.15 31.55 -6.05
C LEU A 91 -23.88 30.60 -4.89
N PRO A 92 -24.64 30.73 -3.80
CA PRO A 92 -24.46 29.86 -2.64
C PRO A 92 -25.21 28.53 -2.85
N PHE A 93 -24.66 27.67 -3.69
CA PHE A 93 -25.27 26.38 -3.99
C PHE A 93 -25.64 25.65 -2.70
N PRO A 94 -26.93 25.28 -2.55
CA PRO A 94 -27.45 24.59 -1.37
C PRO A 94 -26.79 23.27 -0.97
N SER A 95 -26.17 22.55 -1.89
CA SER A 95 -25.50 21.31 -1.49
C SER A 95 -24.56 20.77 -2.57
N VAL A 96 -23.84 19.71 -2.24
CA VAL A 96 -22.90 19.11 -3.17
C VAL A 96 -23.55 18.85 -4.52
N GLY A 97 -22.95 19.39 -5.59
CA GLY A 97 -23.49 19.19 -6.92
C GLY A 97 -23.69 17.71 -7.20
N GLY A 98 -22.59 16.97 -7.18
CA GLY A 98 -22.66 15.54 -7.42
C GLY A 98 -21.32 14.88 -7.65
N THR A 99 -21.38 13.61 -8.03
CA THR A 99 -20.21 12.82 -8.33
C THR A 99 -20.18 12.63 -9.85
N PRO A 100 -18.99 12.38 -10.43
CA PRO A 100 -18.91 12.20 -11.89
C PRO A 100 -19.80 11.06 -12.42
N VAL A 101 -20.21 10.16 -11.55
CA VAL A 101 -21.05 9.03 -11.93
C VAL A 101 -22.51 9.46 -12.19
N ASN A 102 -22.88 10.65 -11.72
CA ASN A 102 -24.24 11.16 -11.90
C ASN A 102 -24.54 11.57 -13.34
N ASP A 103 -25.81 11.88 -13.61
CA ASP A 103 -26.21 12.30 -14.93
C ASP A 103 -26.01 13.80 -15.06
N LEU A 104 -26.89 14.44 -15.81
CA LEU A 104 -26.79 15.88 -16.00
C LEU A 104 -27.96 16.55 -15.30
N VAL A 105 -27.92 17.87 -15.27
CA VAL A 105 -29.01 18.63 -14.68
C VAL A 105 -29.36 19.70 -15.71
N ARG A 106 -30.63 19.77 -16.06
CA ARG A 106 -31.06 20.79 -17.01
C ARG A 106 -31.47 22.04 -16.24
N VAL A 107 -30.61 23.03 -16.22
CA VAL A 107 -30.92 24.26 -15.52
C VAL A 107 -31.46 25.28 -16.53
N LEU A 108 -32.34 26.15 -16.03
CA LEU A 108 -32.95 27.18 -16.85
C LEU A 108 -32.32 28.49 -16.36
N VAL A 109 -31.90 29.33 -17.31
CA VAL A 109 -31.27 30.61 -16.97
C VAL A 109 -32.16 31.75 -17.43
N VAL A 110 -32.40 32.73 -16.55
CA VAL A 110 -33.26 33.86 -16.87
C VAL A 110 -32.59 35.23 -16.63
N ALA A 111 -32.49 36.03 -17.69
CA ALA A 111 -31.90 37.36 -17.60
C ALA A 111 -33.02 38.35 -17.84
N GLU A 112 -33.15 39.36 -16.98
CA GLU A 112 -34.23 40.33 -17.18
C GLU A 112 -33.98 41.65 -16.48
N SER A 113 -34.92 42.58 -16.65
CA SER A 113 -34.85 43.91 -16.05
C SER A 113 -36.19 44.59 -16.15
N ASN A 114 -36.35 45.72 -15.47
CA ASN A 114 -37.60 46.46 -15.53
C ASN A 114 -37.78 46.99 -16.94
N THR A 115 -39.03 47.25 -17.31
CA THR A 115 -39.32 47.79 -18.61
C THR A 115 -39.27 49.30 -18.43
N PRO A 116 -38.34 49.98 -19.10
CA PRO A 116 -38.24 51.43 -18.95
C PRO A 116 -39.47 52.16 -19.52
N GLU A 117 -39.78 53.32 -18.96
CA GLU A 117 -40.91 54.11 -19.39
C GLU A 117 -40.67 54.70 -20.78
N GLU A 118 -39.40 54.86 -21.13
CA GLU A 118 -39.01 55.40 -22.43
C GLU A 118 -38.18 54.38 -23.22
N THR A 119 -38.47 54.25 -24.51
CA THR A 119 -37.74 53.32 -25.38
C THR A 119 -36.27 53.69 -25.44
N PRO A 120 -35.39 52.82 -24.93
CA PRO A 120 -33.95 53.05 -24.92
C PRO A 120 -33.30 53.14 -26.29
N GLU A 121 -32.02 53.48 -26.30
CA GLU A 121 -31.24 53.62 -27.51
C GLU A 121 -31.01 52.29 -28.22
N GLU A 122 -31.40 51.20 -27.57
CA GLU A 122 -31.23 49.87 -28.16
C GLU A 122 -32.14 48.84 -27.49
N GLU A 123 -32.18 47.63 -28.05
CA GLU A 123 -32.99 46.58 -27.49
C GLU A 123 -32.27 45.91 -26.32
N PHE A 124 -33.04 45.31 -25.42
CA PHE A 124 -32.46 44.63 -24.27
C PHE A 124 -31.53 43.51 -24.78
N TYR A 125 -30.43 43.29 -24.08
CA TYR A 125 -29.49 42.26 -24.45
C TYR A 125 -28.72 41.79 -23.22
N ALA A 126 -28.32 40.52 -23.22
CA ALA A 126 -27.55 39.97 -22.11
C ALA A 126 -26.99 38.62 -22.47
N TYR A 127 -25.70 38.43 -22.21
CA TYR A 127 -25.04 37.16 -22.47
C TYR A 127 -24.64 36.57 -21.14
N VAL A 128 -25.08 35.35 -20.87
CA VAL A 128 -24.77 34.72 -19.61
C VAL A 128 -23.88 33.51 -19.80
N GLU A 129 -22.96 33.34 -18.86
CA GLU A 129 -22.05 32.21 -18.94
C GLU A 129 -21.76 31.68 -17.56
N LEU A 130 -21.70 30.36 -17.45
CA LEU A 130 -21.40 29.66 -16.20
C LEU A 130 -20.04 29.01 -16.39
N GLN A 131 -19.00 29.59 -15.79
CA GLN A 131 -17.66 29.03 -15.97
C GLN A 131 -17.10 28.20 -14.81
N THR A 132 -16.48 27.09 -15.18
CA THR A 132 -15.86 26.21 -14.21
C THR A 132 -14.37 26.17 -14.53
N GLU A 133 -13.63 25.44 -13.71
CA GLU A 133 -12.19 25.30 -13.87
C GLU A 133 -11.76 24.97 -15.30
N LEU A 134 -12.33 23.90 -15.86
CA LEU A 134 -11.94 23.49 -17.20
C LEU A 134 -12.76 24.09 -18.34
N TYR A 135 -14.07 24.16 -18.16
CA TYR A 135 -14.90 24.70 -19.22
C TYR A 135 -15.87 25.78 -18.77
N THR A 136 -16.25 26.62 -19.71
CA THR A 136 -17.20 27.68 -19.44
C THR A 136 -18.44 27.33 -20.24
N PHE A 137 -19.59 27.28 -19.58
CA PHE A 137 -20.81 26.96 -20.29
C PHE A 137 -21.49 28.27 -20.70
N GLY A 138 -21.50 28.54 -22.01
CA GLY A 138 -22.09 29.75 -22.51
C GLY A 138 -23.50 29.52 -23.01
N LEU A 139 -24.39 30.45 -22.66
CA LEU A 139 -25.78 30.37 -23.09
C LEU A 139 -25.88 31.12 -24.41
N SER A 140 -25.50 30.43 -25.49
CA SER A 140 -25.54 30.98 -26.84
C SER A 140 -26.99 31.14 -27.28
N ASP A 141 -27.18 31.69 -28.47
CA ASP A 141 -28.52 31.89 -29.00
C ASP A 141 -29.16 30.53 -29.27
N ASP A 142 -28.31 29.52 -29.45
CA ASP A 142 -28.80 28.15 -29.70
C ASP A 142 -29.43 27.58 -28.42
N ASN A 143 -29.19 28.24 -27.29
CA ASN A 143 -29.76 27.78 -26.04
C ASN A 143 -31.08 28.47 -25.66
N VAL A 144 -31.43 29.52 -26.41
CA VAL A 144 -32.65 30.29 -26.16
C VAL A 144 -33.98 29.57 -26.30
N VAL A 145 -34.81 29.64 -25.26
CA VAL A 145 -36.13 29.04 -25.29
C VAL A 145 -37.25 30.06 -25.16
N PHE A 146 -36.89 31.32 -24.93
CA PHE A 146 -37.90 32.38 -24.86
C PHE A 146 -37.29 33.77 -24.83
N THR A 147 -37.85 34.68 -25.63
CA THR A 147 -37.38 36.06 -25.65
C THR A 147 -38.54 37.03 -25.71
N SER A 148 -38.54 37.93 -24.75
CA SER A 148 -39.55 38.96 -24.64
C SER A 148 -38.77 40.28 -24.71
N ASP A 149 -39.50 41.39 -24.73
CA ASP A 149 -38.87 42.71 -24.81
C ASP A 149 -37.76 42.93 -23.80
N TYR A 150 -37.97 42.53 -22.54
CA TYR A 150 -36.97 42.72 -21.50
C TYR A 150 -36.63 41.48 -20.68
N MET A 151 -36.69 40.31 -21.32
CA MET A 151 -36.37 39.05 -20.67
C MET A 151 -36.02 37.97 -21.68
N THR A 152 -34.99 37.20 -21.37
CA THR A 152 -34.54 36.09 -22.22
C THR A 152 -34.35 34.86 -21.32
N VAL A 153 -34.73 33.70 -21.82
CA VAL A 153 -34.58 32.47 -21.05
C VAL A 153 -33.77 31.47 -21.86
N TRP A 154 -32.70 30.94 -21.26
CA TRP A 154 -31.86 29.95 -21.94
C TRP A 154 -32.00 28.61 -21.23
N MET A 155 -31.65 27.56 -21.93
CA MET A 155 -31.72 26.21 -21.39
C MET A 155 -30.43 25.48 -21.74
N ILE A 156 -29.92 24.68 -20.81
CA ILE A 156 -28.70 23.93 -21.05
C ILE A 156 -28.50 22.78 -20.05
N ASP A 157 -27.86 21.71 -20.52
CA ASP A 157 -27.58 20.54 -19.69
C ASP A 157 -26.14 20.59 -19.22
N ILE A 158 -25.94 20.45 -17.91
CA ILE A 158 -24.61 20.51 -17.33
C ILE A 158 -24.40 19.31 -16.41
N PRO A 159 -23.18 18.75 -16.40
CA PRO A 159 -22.93 17.61 -15.53
C PRO A 159 -23.15 18.12 -14.10
N LYS A 160 -23.89 17.36 -13.30
CA LYS A 160 -24.18 17.77 -11.94
C LYS A 160 -22.95 18.18 -11.13
N SER A 161 -21.89 17.39 -11.18
CA SER A 161 -20.68 17.69 -10.41
C SER A 161 -20.13 19.09 -10.61
N TYR A 162 -20.49 19.70 -11.74
CA TYR A 162 -20.04 21.07 -12.04
C TYR A 162 -20.89 22.13 -11.36
N VAL A 163 -22.18 21.83 -11.18
CA VAL A 163 -23.06 22.80 -10.54
C VAL A 163 -22.78 22.80 -9.04
N ASP A 164 -21.81 23.59 -8.61
CA ASP A 164 -21.44 23.63 -7.20
C ASP A 164 -20.52 24.81 -6.97
N VAL A 165 -20.08 25.00 -5.73
CA VAL A 165 -19.15 26.09 -5.41
C VAL A 165 -17.99 25.89 -6.38
N GLY A 166 -17.61 26.96 -7.07
CA GLY A 166 -16.53 26.84 -8.03
C GLY A 166 -17.08 27.31 -9.37
N MET A 167 -18.39 27.22 -9.52
CA MET A 167 -19.04 27.67 -10.74
C MET A 167 -19.41 29.13 -10.56
N LEU A 168 -18.74 29.98 -11.32
CA LEU A 168 -18.96 31.41 -11.28
C LEU A 168 -20.05 31.78 -12.30
N THR A 169 -20.82 32.82 -12.02
CA THR A 169 -21.88 33.25 -12.91
C THR A 169 -21.63 34.67 -13.42
N ARG A 170 -21.63 34.85 -14.74
CA ARG A 170 -21.38 36.16 -15.32
C ARG A 170 -22.41 36.59 -16.35
N ALA A 171 -22.92 37.80 -16.17
CA ALA A 171 -23.92 38.34 -17.07
C ALA A 171 -23.42 39.68 -17.60
N THR A 172 -23.40 39.81 -18.92
CA THR A 172 -22.93 41.03 -19.59
C THR A 172 -24.10 41.75 -20.27
N PHE A 173 -24.30 43.03 -19.92
CA PHE A 173 -25.35 43.84 -20.53
C PHE A 173 -24.70 45.02 -21.24
N LEU A 174 -25.47 45.75 -22.04
CA LEU A 174 -24.93 46.90 -22.77
C LEU A 174 -25.39 48.22 -22.15
N GLU A 175 -26.20 48.10 -21.09
CA GLU A 175 -26.73 49.24 -20.36
C GLU A 175 -26.92 48.82 -18.91
N GLN A 176 -26.87 49.78 -17.99
CA GLN A 176 -27.07 49.44 -16.59
C GLN A 176 -28.57 49.45 -16.32
N TRP A 177 -29.25 48.44 -16.86
CA TRP A 177 -30.69 48.33 -16.71
C TRP A 177 -31.17 48.21 -15.27
N PRO A 178 -32.19 48.99 -14.90
CA PRO A 178 -32.75 48.96 -13.55
C PRO A 178 -33.51 47.65 -13.34
N GLY A 179 -33.36 47.05 -12.17
CA GLY A 179 -34.04 45.80 -11.89
C GLY A 179 -33.41 44.64 -12.64
N ALA A 180 -32.28 44.90 -13.28
CA ALA A 180 -31.60 43.85 -14.03
C ALA A 180 -31.18 42.77 -13.04
N LYS A 181 -31.31 41.54 -13.47
CA LYS A 181 -30.92 40.41 -12.63
C LYS A 181 -30.95 39.15 -13.46
N VAL A 182 -30.13 38.19 -13.07
CA VAL A 182 -30.11 36.91 -13.76
C VAL A 182 -30.40 35.85 -12.73
N THR A 183 -31.09 34.80 -13.15
CA THR A 183 -31.45 33.74 -12.24
C THR A 183 -31.15 32.39 -12.84
N VAL A 184 -30.58 31.50 -12.02
CA VAL A 184 -30.29 30.14 -12.45
C VAL A 184 -31.22 29.18 -11.70
N MET A 185 -32.14 28.56 -12.43
CA MET A 185 -33.06 27.62 -11.81
C MET A 185 -32.38 26.23 -11.82
N ILE A 186 -32.26 25.61 -10.65
CA ILE A 186 -31.58 24.33 -10.55
C ILE A 186 -32.39 23.22 -9.91
N PRO A 187 -32.94 22.30 -10.73
CA PRO A 187 -33.71 21.21 -10.16
C PRO A 187 -32.76 20.20 -9.52
N TYR A 188 -32.93 19.95 -8.23
CA TYR A 188 -32.07 19.00 -7.53
C TYR A 188 -32.71 17.63 -7.51
N SER A 189 -34.03 17.63 -7.67
CA SER A 189 -34.83 16.40 -7.71
C SER A 189 -35.98 16.74 -8.63
N SER A 190 -36.86 15.78 -8.86
CA SER A 190 -38.00 16.01 -9.73
C SER A 190 -39.04 16.92 -9.09
N THR A 191 -38.91 17.11 -7.77
CA THR A 191 -39.88 17.94 -7.06
C THR A 191 -39.32 19.14 -6.33
N PHE A 192 -38.01 19.36 -6.45
CA PHE A 192 -37.40 20.49 -5.76
C PHE A 192 -36.50 21.32 -6.66
N THR A 193 -36.85 22.60 -6.81
CA THR A 193 -36.06 23.49 -7.62
C THR A 193 -35.55 24.64 -6.79
N TRP A 194 -34.24 24.85 -6.84
CA TRP A 194 -33.56 25.91 -6.09
C TRP A 194 -33.10 26.96 -7.09
N CYS A 195 -33.54 28.19 -6.92
CA CYS A 195 -33.16 29.25 -7.85
C CYS A 195 -32.10 30.20 -7.28
N GLY A 196 -31.00 30.36 -8.00
CA GLY A 196 -29.95 31.26 -7.57
C GLY A 196 -30.09 32.56 -8.32
N GLU A 197 -30.14 33.68 -7.61
CA GLU A 197 -30.31 34.96 -8.29
C GLU A 197 -29.22 35.97 -8.01
N LEU A 198 -28.82 36.69 -9.05
CA LEU A 198 -27.83 37.75 -8.92
C LEU A 198 -28.51 39.03 -9.34
N GLY A 199 -28.74 39.93 -8.38
CA GLY A 199 -29.39 41.19 -8.70
C GLY A 199 -28.35 42.31 -8.73
N ALA A 200 -28.44 43.18 -9.73
CA ALA A 200 -27.47 44.27 -9.81
C ALA A 200 -27.78 45.42 -8.86
N ILE A 201 -26.71 45.95 -8.25
CA ILE A 201 -26.82 47.07 -7.33
C ILE A 201 -25.78 48.07 -7.86
N SER A 202 -25.89 49.33 -7.47
CA SER A 202 -24.96 50.37 -7.95
C SER A 202 -23.49 50.02 -7.83
N GLU A 203 -22.71 50.48 -8.81
CA GLU A 203 -21.28 50.26 -8.90
C GLU A 203 -20.52 50.38 -7.59
N GLU A 204 -20.54 51.58 -7.02
CA GLU A 204 -19.86 51.87 -5.77
C GLU A 204 -20.28 50.95 -4.63
N SER A 205 -21.47 50.35 -4.76
CA SER A 205 -21.97 49.45 -3.71
C SER A 205 -21.06 48.26 -3.41
N ALA A 206 -21.15 47.78 -2.18
CA ALA A 206 -20.37 46.64 -1.74
C ALA A 206 -21.23 45.40 -1.96
N PRO A 207 -20.61 44.25 -2.22
CA PRO A 207 -21.40 43.04 -2.43
C PRO A 207 -22.39 42.91 -1.27
N GLN A 208 -23.59 42.43 -1.57
CA GLN A 208 -24.61 42.25 -0.56
C GLN A 208 -25.10 40.81 -0.62
N PRO A 209 -24.35 39.89 -0.02
CA PRO A 209 -24.70 38.47 -0.01
C PRO A 209 -25.87 38.20 0.93
N SER A 210 -26.59 37.11 0.66
CA SER A 210 -27.71 36.72 1.49
C SER A 210 -27.13 35.93 2.64
N LEU A 211 -27.96 35.64 3.63
CA LEU A 211 -27.52 34.87 4.79
C LEU A 211 -27.44 33.39 4.42
N SER A 212 -26.32 33.01 3.81
CA SER A 212 -26.11 31.63 3.42
C SER A 212 -24.73 31.16 3.86
N ALA A 213 -24.68 30.11 4.67
CA ALA A 213 -23.39 29.60 5.14
C ALA A 213 -23.17 28.13 4.76
N ARG A 214 -21.92 27.71 4.87
CA ARG A 214 -21.55 26.35 4.54
C ARG A 214 -20.71 25.88 5.74
N SER A 215 -21.13 24.79 6.38
CA SER A 215 -20.37 24.33 7.54
C SER A 215 -19.96 22.87 7.49
N PRO A 216 -18.65 22.60 7.63
CA PRO A 216 -18.11 21.24 7.62
C PRO A 216 -18.24 20.70 9.04
N VAL A 217 -19.41 20.18 9.35
CA VAL A 217 -19.69 19.64 10.67
C VAL A 217 -18.59 18.74 11.22
N CYS A 218 -18.00 17.91 10.37
CA CYS A 218 -16.97 16.98 10.82
C CYS A 218 -15.53 17.33 10.41
N LYS A 219 -15.09 18.54 10.71
CA LYS A 219 -13.71 18.91 10.38
C LYS A 219 -12.78 17.86 10.99
N ASN A 220 -11.91 17.30 10.15
CA ASN A 220 -10.96 16.29 10.58
C ASN A 220 -11.68 14.99 10.95
N SER A 221 -12.19 14.31 9.93
CA SER A 221 -12.93 13.07 10.11
C SER A 221 -12.19 11.97 10.86
N ALA A 222 -10.88 12.04 10.92
CA ALA A 222 -10.11 11.02 11.64
C ALA A 222 -10.33 11.16 13.15
N ARG A 223 -10.73 12.36 13.58
CA ARG A 223 -11.00 12.60 14.98
C ARG A 223 -12.15 11.74 15.46
N TYR A 224 -12.91 11.21 14.51
CA TYR A 224 -14.08 10.42 14.80
C TYR A 224 -13.94 8.94 14.47
N SER A 225 -12.73 8.53 14.10
CA SER A 225 -12.48 7.12 13.77
C SER A 225 -12.74 6.23 14.99
N THR A 226 -12.51 6.75 16.18
CA THR A 226 -12.77 5.99 17.41
C THR A 226 -13.59 6.84 18.37
N SER A 227 -13.85 6.30 19.55
CA SER A 227 -14.65 6.99 20.57
C SER A 227 -13.81 7.81 21.56
N LYS A 228 -12.49 7.78 21.39
CA LYS A 228 -11.57 8.48 22.27
C LYS A 228 -11.99 9.89 22.71
N PHE A 229 -12.54 10.68 21.79
CA PHE A 229 -12.93 12.03 22.12
C PHE A 229 -14.41 12.20 22.46
N CYS A 230 -15.14 11.10 22.57
CA CYS A 230 -16.57 11.15 22.88
C CYS A 230 -16.90 12.02 24.08
N GLU A 231 -16.26 11.72 25.20
CA GLU A 231 -16.48 12.45 26.43
C GLU A 231 -16.16 13.94 26.23
N VAL A 232 -15.02 14.22 25.63
CA VAL A 232 -14.57 15.57 25.37
C VAL A 232 -15.51 16.36 24.47
N ASP A 233 -16.13 15.70 23.50
CA ASP A 233 -17.05 16.38 22.60
C ASP A 233 -18.46 16.47 23.16
N GLY A 234 -18.72 15.76 24.25
CA GLY A 234 -20.06 15.79 24.81
C GLY A 234 -20.98 14.92 23.97
N CYS A 235 -20.42 13.86 23.39
CA CYS A 235 -21.19 12.92 22.57
C CYS A 235 -21.20 11.57 23.30
N THR A 236 -22.14 11.44 24.21
CA THR A 236 -22.25 10.22 25.00
C THR A 236 -23.70 9.84 25.22
N ALA A 237 -23.90 8.64 25.74
CA ALA A 237 -25.26 8.16 26.01
C ALA A 237 -25.97 9.11 26.98
N GLU A 238 -25.21 9.66 27.94
CA GLU A 238 -25.79 10.58 28.92
C GLU A 238 -26.45 11.77 28.23
N THR A 239 -25.73 12.42 27.33
CA THR A 239 -26.26 13.59 26.61
C THR A 239 -27.12 13.18 25.41
N GLY A 240 -27.15 11.89 25.11
CA GLY A 240 -27.95 11.42 23.98
C GLY A 240 -27.39 11.80 22.63
N MET A 241 -26.06 11.87 22.54
CA MET A 241 -25.38 12.23 21.30
C MET A 241 -25.87 13.58 20.76
N GLU A 242 -25.80 14.60 21.60
CA GLU A 242 -26.23 15.93 21.21
C GLU A 242 -25.32 17.03 21.69
N LYS A 243 -24.46 17.49 20.79
CA LYS A 243 -23.55 18.60 21.07
C LYS A 243 -23.96 19.66 20.05
N MET A 244 -24.92 20.49 20.42
CA MET A 244 -25.44 21.52 19.53
C MET A 244 -24.64 22.83 19.49
N SER A 245 -24.58 23.43 18.30
CA SER A 245 -23.90 24.70 18.10
C SER A 245 -24.86 25.58 17.28
N LEU A 246 -24.78 26.88 17.50
CA LEU A 246 -25.64 27.85 16.84
C LEU A 246 -25.26 28.14 15.39
N LEU A 247 -26.26 28.16 14.51
CA LEU A 247 -26.07 28.46 13.09
C LEU A 247 -26.53 29.90 12.79
N THR A 248 -27.65 30.29 13.40
CA THR A 248 -28.20 31.63 13.21
C THR A 248 -27.36 32.73 13.87
N PRO A 249 -26.71 33.61 13.09
CA PRO A 249 -25.90 34.67 13.69
C PRO A 249 -26.72 35.63 14.56
N PHE A 250 -26.02 36.34 15.43
CA PHE A 250 -26.64 37.28 16.38
C PHE A 250 -27.79 38.16 15.88
N GLY A 251 -27.57 38.92 14.82
CA GLY A 251 -28.65 39.78 14.34
C GLY A 251 -29.57 39.17 13.29
N GLY A 252 -29.54 37.84 13.17
CA GLY A 252 -30.37 37.16 12.18
C GLY A 252 -31.87 37.12 12.45
N PRO A 253 -32.65 36.61 11.48
CA PRO A 253 -34.10 36.49 11.61
C PRO A 253 -34.51 35.88 12.93
N PRO A 254 -35.79 36.05 13.31
CA PRO A 254 -36.30 35.50 14.56
C PRO A 254 -36.47 33.98 14.64
N GLN A 255 -35.82 33.24 13.75
CA GLN A 255 -35.87 31.77 13.77
C GLN A 255 -34.46 31.29 14.11
N GLN A 256 -34.36 30.44 15.13
CA GLN A 256 -33.08 29.95 15.60
C GLN A 256 -32.76 28.56 15.14
N ALA A 257 -31.67 28.43 14.40
CA ALA A 257 -31.26 27.14 13.88
C ALA A 257 -29.94 26.67 14.49
N LYS A 258 -29.90 25.41 14.89
CA LYS A 258 -28.70 24.83 15.46
C LYS A 258 -28.37 23.49 14.80
N MET A 259 -27.08 23.15 14.75
CA MET A 259 -26.62 21.90 14.16
C MET A 259 -25.94 21.05 15.23
N ASN A 260 -25.95 19.73 15.02
CA ASN A 260 -25.37 18.78 15.97
C ASN A 260 -24.12 18.15 15.36
N THR A 261 -23.02 18.14 16.12
CA THR A 261 -21.79 17.56 15.59
C THR A 261 -21.57 16.10 15.96
N CYS A 262 -22.35 15.58 16.90
CA CYS A 262 -22.18 14.18 17.31
C CYS A 262 -22.38 13.10 16.24
N PRO A 263 -23.26 13.32 15.24
CA PRO A 263 -23.44 12.28 14.21
C PRO A 263 -22.15 11.89 13.45
N CYS A 264 -21.12 12.74 13.57
CA CYS A 264 -19.83 12.46 12.93
C CYS A 264 -19.27 11.14 13.46
N TYR A 265 -19.67 10.79 14.68
CA TYR A 265 -19.22 9.54 15.28
C TYR A 265 -19.87 8.34 14.63
N TYR A 266 -21.13 8.49 14.27
CA TYR A 266 -21.87 7.42 13.64
C TYR A 266 -21.47 7.29 12.19
N LYS A 267 -20.88 8.33 11.64
CA LYS A 267 -20.47 8.25 10.26
C LYS A 267 -19.07 7.67 10.15
N TYR A 268 -18.20 8.03 11.09
CA TYR A 268 -16.81 7.59 11.02
C TYR A 268 -16.27 6.60 12.06
N SER A 269 -16.96 6.41 13.18
CA SER A 269 -16.43 5.52 14.20
C SER A 269 -16.44 4.01 13.92
N VAL A 270 -15.35 3.34 14.31
CA VAL A 270 -15.20 1.90 14.18
C VAL A 270 -15.14 1.35 15.60
N SER A 271 -15.45 2.20 16.57
CA SER A 271 -15.50 1.80 17.96
C SER A 271 -16.98 1.70 18.25
N PRO A 272 -17.37 0.86 19.22
CA PRO A 272 -18.80 0.71 19.54
C PRO A 272 -19.41 2.04 19.94
N LEU A 273 -20.67 2.25 19.58
CA LEU A 273 -21.35 3.48 19.94
C LEU A 273 -22.69 3.18 20.58
N PRO A 274 -23.18 4.08 21.43
CA PRO A 274 -24.46 3.91 22.10
C PRO A 274 -25.54 3.64 21.04
N ALA A 275 -26.43 2.71 21.31
CA ALA A 275 -27.50 2.43 20.36
C ALA A 275 -28.45 3.62 20.43
N MET A 276 -28.92 4.09 19.29
CA MET A 276 -29.84 5.22 19.29
C MET A 276 -30.97 4.93 18.32
N ASP A 277 -32.20 5.29 18.69
CA ASP A 277 -33.31 5.08 17.80
C ASP A 277 -33.15 6.04 16.64
N HIS A 278 -32.75 7.27 16.96
CA HIS A 278 -32.56 8.29 15.94
C HIS A 278 -31.53 9.33 16.39
N LEU A 279 -30.95 10.04 15.44
CA LEU A 279 -30.00 11.09 15.76
C LEU A 279 -30.62 12.42 15.31
N ILE A 280 -30.27 13.49 16.01
CA ILE A 280 -30.78 14.79 15.63
C ILE A 280 -29.64 15.50 14.92
N LEU A 281 -29.85 15.81 13.65
CA LEU A 281 -28.83 16.50 12.87
C LEU A 281 -28.91 18.01 13.07
N ALA A 282 -30.12 18.50 13.26
CA ALA A 282 -30.33 19.94 13.45
C ALA A 282 -31.76 20.22 13.84
N ASP A 283 -31.99 21.40 14.40
CA ASP A 283 -33.34 21.77 14.78
C ASP A 283 -33.55 23.26 14.53
N LEU A 284 -34.81 23.66 14.48
CA LEU A 284 -35.17 25.03 14.20
C LEU A 284 -36.33 25.46 15.09
N ALA A 285 -36.12 26.52 15.84
CA ALA A 285 -37.14 27.03 16.75
C ALA A 285 -37.62 28.41 16.29
N GLY A 286 -38.89 28.70 16.55
CA GLY A 286 -39.43 30.00 16.16
C GLY A 286 -40.53 29.86 15.15
N LEU A 287 -40.93 28.62 14.89
CA LEU A 287 -41.98 28.32 13.92
C LEU A 287 -43.29 29.04 14.18
N ASP A 288 -43.49 29.51 15.41
CA ASP A 288 -44.73 30.21 15.73
C ASP A 288 -44.89 31.50 14.93
N SER A 289 -43.81 32.04 14.39
CA SER A 289 -43.90 33.27 13.62
C SER A 289 -43.42 33.14 12.19
N LEU A 290 -43.07 31.93 11.78
CA LEU A 290 -42.60 31.69 10.42
C LEU A 290 -43.84 31.57 9.56
N THR A 291 -43.92 32.36 8.50
CA THR A 291 -45.10 32.31 7.65
C THR A 291 -44.85 31.81 6.24
N SER A 292 -43.86 30.94 6.09
CA SER A 292 -43.55 30.34 4.80
C SER A 292 -42.97 28.98 5.14
N PRO A 293 -43.10 28.02 4.24
CA PRO A 293 -42.56 26.68 4.51
C PRO A 293 -41.04 26.56 4.70
N VAL A 294 -40.62 25.40 5.19
CA VAL A 294 -39.21 25.11 5.41
C VAL A 294 -38.80 23.90 4.58
N TYR A 295 -37.61 23.95 4.00
CA TYR A 295 -37.13 22.83 3.21
C TYR A 295 -35.79 22.33 3.74
N VAL A 296 -35.60 21.02 3.66
CA VAL A 296 -34.36 20.43 4.11
C VAL A 296 -33.96 19.41 3.06
N MET A 297 -32.88 19.71 2.35
CA MET A 297 -32.41 18.82 1.31
C MET A 297 -31.25 18.02 1.83
N ALA A 298 -31.23 16.74 1.47
CA ALA A 298 -30.18 15.83 1.87
C ALA A 298 -29.49 15.26 0.64
N ALA A 299 -28.18 15.06 0.77
CA ALA A 299 -27.38 14.48 -0.29
C ALA A 299 -26.77 13.23 0.35
N TYR A 300 -26.97 12.08 -0.29
CA TYR A 300 -26.47 10.82 0.24
C TYR A 300 -26.21 9.79 -0.86
N PHE A 301 -25.40 8.80 -0.55
CA PHE A 301 -25.11 7.74 -1.50
C PHE A 301 -26.12 6.64 -1.22
N ASP A 302 -26.36 5.78 -2.21
CA ASP A 302 -27.33 4.70 -2.03
C ASP A 302 -26.76 3.61 -1.13
N SER A 303 -27.58 3.14 -0.20
CA SER A 303 -27.16 2.10 0.73
C SER A 303 -27.06 0.72 0.08
N THR A 304 -27.31 0.65 -1.22
CA THR A 304 -27.24 -0.62 -1.95
C THR A 304 -25.82 -1.16 -1.94
N HIS A 305 -25.69 -2.44 -2.22
CA HIS A 305 -24.39 -3.09 -2.24
C HIS A 305 -23.66 -2.78 -3.53
N GLU A 306 -22.35 -2.60 -3.40
CA GLU A 306 -21.48 -2.27 -4.53
C GLU A 306 -20.64 -3.46 -4.98
N ASN A 307 -19.91 -3.25 -6.06
CA ASN A 307 -18.98 -4.26 -6.56
C ASN A 307 -17.69 -3.63 -6.03
N PRO A 308 -16.88 -4.39 -5.27
CA PRO A 308 -15.65 -3.81 -4.73
C PRO A 308 -14.67 -3.40 -5.83
N VAL A 309 -14.79 -4.02 -7.01
CA VAL A 309 -13.94 -3.75 -8.14
C VAL A 309 -14.33 -2.47 -8.89
N ARG A 310 -15.57 -2.02 -8.70
CA ARG A 310 -16.06 -0.83 -9.37
C ARG A 310 -17.22 -0.22 -8.58
N PRO A 311 -16.91 0.49 -7.48
CA PRO A 311 -17.92 1.12 -6.63
C PRO A 311 -18.70 2.25 -7.32
N SER A 312 -19.95 1.94 -7.67
CA SER A 312 -20.82 2.90 -8.33
C SER A 312 -21.25 3.98 -7.33
N SER A 313 -20.51 5.09 -7.35
CA SER A 313 -20.77 6.20 -6.43
C SER A 313 -21.71 7.30 -6.97
N LYS A 314 -22.98 6.99 -7.18
CA LYS A 314 -23.91 8.01 -7.66
C LYS A 314 -24.57 8.74 -6.50
N LEU A 315 -24.45 10.06 -6.49
CA LEU A 315 -25.01 10.88 -5.43
C LEU A 315 -26.47 11.24 -5.70
N TYR A 316 -27.32 11.05 -4.70
CA TYR A 316 -28.74 11.36 -4.82
C TYR A 316 -29.11 12.54 -3.95
N HIS A 317 -30.21 13.18 -4.28
CA HIS A 317 -30.75 14.33 -3.56
C HIS A 317 -32.25 14.18 -3.26
N CYS A 318 -32.65 14.45 -2.02
CA CYS A 318 -34.06 14.41 -1.64
C CYS A 318 -34.33 15.60 -0.73
N ALA A 319 -35.45 16.27 -0.95
CA ALA A 319 -35.79 17.40 -0.12
C ALA A 319 -37.14 17.18 0.56
N LEU A 320 -37.22 17.50 1.85
CA LEU A 320 -38.48 17.37 2.58
C LEU A 320 -39.01 18.78 2.79
N GLN A 321 -40.26 18.91 3.22
CA GLN A 321 -40.88 20.22 3.41
C GLN A 321 -41.83 20.27 4.60
N MET A 322 -41.61 21.25 5.48
CA MET A 322 -42.47 21.43 6.64
C MET A 322 -43.32 22.62 6.28
N THR A 323 -44.63 22.48 6.43
CA THR A 323 -45.53 23.55 6.08
C THR A 323 -46.54 23.76 7.20
N SER A 324 -47.16 24.93 7.22
CA SER A 324 -48.14 25.26 8.23
C SER A 324 -49.54 25.22 7.65
N HIS A 325 -50.34 24.25 8.09
CA HIS A 325 -51.71 24.10 7.63
C HIS A 325 -52.65 24.43 8.77
N ASP A 326 -53.25 25.61 8.71
CA ASP A 326 -54.16 26.06 9.75
C ASP A 326 -53.45 26.11 11.11
N GLY A 327 -52.19 26.55 11.10
CA GLY A 327 -51.44 26.62 12.34
C GLY A 327 -50.69 25.35 12.75
N VAL A 328 -50.99 24.23 12.09
CA VAL A 328 -50.33 22.97 12.40
C VAL A 328 -49.22 22.70 11.39
N TRP A 329 -48.02 22.39 11.87
CA TRP A 329 -46.87 22.11 11.00
C TRP A 329 -46.66 20.60 10.78
N THR A 330 -46.73 20.18 9.52
CA THR A 330 -46.51 18.77 9.17
C THR A 330 -45.49 18.67 8.04
N SER A 331 -44.88 17.49 7.91
CA SER A 331 -43.86 17.24 6.89
C SER A 331 -44.23 16.26 5.78
N THR A 332 -43.58 16.39 4.64
CA THR A 332 -43.79 15.46 3.52
C THR A 332 -42.87 14.30 3.92
N SER A 333 -43.06 13.14 3.33
CA SER A 333 -42.22 11.99 3.69
C SER A 333 -41.73 11.26 2.47
N SER A 334 -40.67 10.46 2.63
CA SER A 334 -40.12 9.70 1.51
C SER A 334 -39.41 8.44 2.00
N GLU A 335 -39.86 7.29 1.52
CA GLU A 335 -39.28 6.01 1.92
C GLU A 335 -37.79 5.90 1.57
N GLN A 336 -37.35 6.64 0.56
CA GLN A 336 -35.95 6.61 0.13
C GLN A 336 -35.04 7.57 0.89
N CYS A 337 -35.58 8.75 1.22
CA CYS A 337 -34.84 9.79 1.91
C CYS A 337 -34.39 9.39 3.29
N PRO A 338 -33.07 9.47 3.57
CA PRO A 338 -32.57 9.09 4.89
C PRO A 338 -32.97 10.06 6.02
N ILE A 339 -33.26 11.31 5.70
CA ILE A 339 -33.64 12.25 6.75
C ILE A 339 -35.13 12.35 6.88
N ARG A 340 -35.59 12.81 8.03
CA ARG A 340 -37.01 13.01 8.25
C ARG A 340 -37.17 14.26 9.09
N LEU A 341 -38.28 14.96 8.89
CA LEU A 341 -38.55 16.17 9.64
C LEU A 341 -39.69 15.93 10.60
N VAL A 342 -39.47 16.23 11.87
CA VAL A 342 -40.52 16.04 12.86
C VAL A 342 -40.57 17.26 13.77
N GLU A 343 -41.74 17.56 14.30
CA GLU A 343 -41.89 18.67 15.22
C GLU A 343 -41.03 18.31 16.44
N GLY A 344 -40.62 19.30 17.22
CA GLY A 344 -39.81 19.03 18.39
C GLY A 344 -40.62 18.83 19.66
N GLN A 345 -40.16 19.43 20.76
CA GLN A 345 -40.87 19.34 22.03
C GLN A 345 -42.22 20.05 21.93
N SER A 346 -42.33 20.95 20.96
CA SER A 346 -43.57 21.68 20.74
C SER A 346 -43.61 22.09 19.28
N GLN A 347 -44.79 22.45 18.78
CA GLN A 347 -44.95 22.87 17.40
C GLN A 347 -44.06 24.06 17.04
N ASN A 348 -43.48 24.72 18.05
CA ASN A 348 -42.61 25.87 17.79
C ASN A 348 -41.19 25.43 17.42
N VAL A 349 -40.99 24.13 17.26
CA VAL A 349 -39.68 23.58 16.92
C VAL A 349 -39.76 22.42 15.94
N LEU A 350 -38.76 22.34 15.05
CA LEU A 350 -38.70 21.21 14.13
C LEU A 350 -37.31 20.60 14.26
N GLN A 351 -37.24 19.29 14.04
CA GLN A 351 -35.99 18.56 14.14
C GLN A 351 -35.74 17.81 12.86
N VAL A 352 -34.48 17.73 12.46
CA VAL A 352 -34.11 16.99 11.28
C VAL A 352 -33.54 15.69 11.86
N ARG A 353 -34.17 14.57 11.53
CA ARG A 353 -33.72 13.30 12.08
C ARG A 353 -33.19 12.28 11.08
N VAL A 354 -32.44 11.31 11.61
CA VAL A 354 -31.89 10.26 10.80
C VAL A 354 -31.56 9.06 11.68
N ALA A 355 -31.65 7.86 11.11
CA ALA A 355 -31.31 6.66 11.85
C ALA A 355 -29.78 6.63 11.85
N PRO A 356 -29.15 6.33 13.01
CA PRO A 356 -27.69 6.26 13.17
C PRO A 356 -26.96 5.54 12.05
N THR A 357 -27.56 4.45 11.59
CA THR A 357 -26.99 3.62 10.57
C THR A 357 -26.96 4.26 9.16
N SER A 358 -27.54 5.44 9.00
CA SER A 358 -27.56 6.11 7.69
C SER A 358 -26.42 7.12 7.50
N MET A 359 -25.75 7.50 8.58
CA MET A 359 -24.66 8.48 8.52
C MET A 359 -23.48 8.14 7.62
N PRO A 360 -23.04 6.88 7.60
CA PRO A 360 -21.90 6.55 6.73
C PRO A 360 -22.09 7.01 5.28
N ASN A 361 -23.33 6.94 4.80
CA ASN A 361 -23.64 7.32 3.43
C ASN A 361 -24.20 8.73 3.28
N LEU A 362 -24.43 9.42 4.39
CA LEU A 362 -24.97 10.77 4.34
C LEU A 362 -23.85 11.76 4.04
N VAL A 363 -23.98 12.51 2.95
CA VAL A 363 -22.94 13.48 2.59
C VAL A 363 -23.26 14.87 3.16
N GLY A 364 -24.55 15.17 3.28
CA GLY A 364 -24.95 16.45 3.84
C GLY A 364 -26.44 16.72 3.85
N VAL A 365 -26.85 17.78 4.55
CA VAL A 365 -28.23 18.20 4.61
C VAL A 365 -28.18 19.71 4.57
N SER A 366 -29.22 20.33 4.01
CA SER A 366 -29.25 21.78 3.93
C SER A 366 -30.58 22.28 4.44
N LEU A 367 -30.52 23.35 5.23
CA LEU A 367 -31.72 23.95 5.81
C LEU A 367 -32.01 25.27 5.11
N MET A 368 -33.21 25.37 4.55
CA MET A 368 -33.62 26.57 3.85
C MET A 368 -34.93 27.12 4.39
N LEU A 369 -34.94 28.37 4.81
CA LEU A 369 -36.16 29.02 5.29
C LEU A 369 -35.98 30.52 5.09
N GLU A 370 -37.05 31.27 5.31
CA GLU A 370 -37.02 32.72 5.15
C GLU A 370 -35.77 33.34 5.72
N GLY A 371 -34.99 34.00 4.88
CA GLY A 371 -33.79 34.67 5.32
C GLY A 371 -32.64 33.84 5.84
N GLN A 372 -32.69 32.52 5.66
CA GLN A 372 -31.59 31.70 6.16
C GLN A 372 -31.39 30.42 5.38
N GLN A 373 -30.13 30.12 5.07
CA GLN A 373 -29.77 28.90 4.37
C GLN A 373 -28.48 28.34 4.95
N TYR A 374 -28.53 27.12 5.45
CA TYR A 374 -27.35 26.49 6.02
C TYR A 374 -27.05 25.18 5.34
N ARG A 375 -25.84 25.07 4.79
CA ARG A 375 -25.40 23.87 4.10
C ARG A 375 -24.47 23.08 5.03
N LEU A 376 -24.99 21.96 5.53
CA LEU A 376 -24.24 21.11 6.46
C LEU A 376 -23.51 19.98 5.75
N GLU A 377 -22.18 20.01 5.81
CA GLU A 377 -21.34 18.99 5.16
C GLU A 377 -20.74 18.03 6.18
N TYR A 378 -20.85 16.72 5.93
CA TYR A 378 -20.31 15.74 6.86
C TYR A 378 -19.01 15.17 6.33
N PHE A 379 -18.39 15.90 5.40
CA PHE A 379 -17.12 15.50 4.78
C PHE A 379 -16.25 16.74 4.65
N GLY A 380 -14.98 16.51 4.30
CA GLY A 380 -14.06 17.61 4.10
C GLY A 380 -13.80 18.47 5.31
N ASP A 381 -12.98 19.50 5.12
CA ASP A 381 -12.66 20.42 6.20
C ASP A 381 -13.03 21.85 5.82
N HIS A 382 -13.95 21.99 4.87
CA HIS A 382 -14.38 23.31 4.43
C HIS A 382 -15.85 23.31 4.03
N HIS B 12 18.86 6.97 -3.26
CA HIS B 12 17.73 7.84 -2.81
C HIS B 12 16.38 7.18 -3.06
N SER B 13 15.42 7.49 -2.20
CA SER B 13 14.09 6.93 -2.32
C SER B 13 13.18 7.87 -3.11
N SER B 14 13.77 8.73 -3.92
CA SER B 14 13.00 9.66 -4.73
C SER B 14 13.56 9.74 -6.15
N GLY B 15 12.69 9.98 -7.12
CA GLY B 15 13.16 10.07 -8.49
C GLY B 15 12.08 9.91 -9.55
N VAL B 16 12.49 10.09 -10.80
CA VAL B 16 11.59 9.98 -11.95
C VAL B 16 12.40 9.21 -12.99
N SER B 17 11.87 8.08 -13.49
CA SER B 17 12.58 7.29 -14.51
C SER B 17 11.73 6.86 -15.72
N THR B 18 12.36 6.79 -16.89
CA THR B 18 11.66 6.39 -18.11
C THR B 18 12.15 5.09 -18.72
N GLN B 19 11.34 4.51 -19.60
CA GLN B 19 11.70 3.29 -20.29
C GLN B 19 10.69 2.99 -21.40
N SER B 20 11.14 2.26 -22.41
CA SER B 20 10.26 1.86 -23.51
C SER B 20 9.48 0.68 -22.99
N VAL B 21 8.30 0.46 -23.56
CA VAL B 21 7.46 -0.67 -23.16
C VAL B 21 6.95 -1.36 -24.40
N ASP B 22 7.40 -2.59 -24.60
CA ASP B 22 7.01 -3.40 -25.75
C ASP B 22 6.21 -4.56 -25.20
N LEU B 23 4.89 -4.47 -25.29
CA LEU B 23 4.02 -5.53 -24.78
C LEU B 23 4.31 -6.85 -25.49
N SER B 24 4.86 -6.76 -26.70
CA SER B 24 5.22 -7.93 -27.50
C SER B 24 6.33 -8.75 -26.83
N GLN B 25 7.20 -8.06 -26.08
CA GLN B 25 8.29 -8.73 -25.42
C GLN B 25 8.01 -8.90 -23.93
N ILE B 26 6.73 -8.89 -23.57
CA ILE B 26 6.32 -9.07 -22.19
C ILE B 26 5.32 -10.22 -22.16
N LYS B 27 5.62 -11.23 -21.35
CA LYS B 27 4.75 -12.41 -21.23
C LYS B 27 3.29 -12.03 -21.03
N ARG B 28 2.45 -12.42 -21.99
CA ARG B 28 1.02 -12.14 -21.95
C ARG B 28 0.73 -10.66 -21.70
N GLY B 29 1.68 -9.84 -22.12
CA GLY B 29 1.56 -8.41 -21.96
C GLY B 29 0.24 -7.86 -22.45
N ASP B 30 -0.29 -8.44 -23.53
CA ASP B 30 -1.56 -7.98 -24.08
C ASP B 30 -2.74 -8.28 -23.17
N GLU B 31 -2.74 -9.48 -22.59
CA GLU B 31 -3.82 -9.91 -21.72
C GLU B 31 -3.82 -9.08 -20.45
N ILE B 32 -2.64 -8.91 -19.86
CA ILE B 32 -2.53 -8.11 -18.65
C ILE B 32 -3.08 -6.72 -18.93
N GLN B 33 -2.68 -6.15 -20.07
CA GLN B 33 -3.12 -4.83 -20.47
C GLN B 33 -4.63 -4.75 -20.70
N ALA B 34 -5.20 -5.78 -21.31
CA ALA B 34 -6.62 -5.80 -21.62
C ALA B 34 -7.55 -6.17 -20.46
N HIS B 35 -7.05 -6.98 -19.52
CA HIS B 35 -7.85 -7.42 -18.40
C HIS B 35 -7.50 -6.87 -17.02
N CYS B 36 -6.29 -6.34 -16.88
CA CYS B 36 -5.86 -5.79 -15.61
C CYS B 36 -5.69 -4.27 -15.61
N LEU B 37 -5.51 -3.68 -16.79
CA LEU B 37 -5.30 -2.24 -16.89
C LEU B 37 -6.34 -1.52 -17.76
N THR B 38 -7.36 -2.27 -18.16
CA THR B 38 -8.46 -1.74 -18.97
C THR B 38 -9.72 -2.16 -18.22
N PRO B 39 -10.63 -1.21 -17.95
CA PRO B 39 -11.86 -1.56 -17.22
C PRO B 39 -12.75 -2.55 -18.00
N ALA B 40 -12.57 -3.84 -17.73
CA ALA B 40 -13.31 -4.89 -18.40
C ALA B 40 -14.26 -5.64 -17.48
N GLU B 41 -13.97 -6.92 -17.25
CA GLU B 41 -14.79 -7.76 -16.37
C GLU B 41 -14.80 -7.18 -14.95
N THR B 42 -15.97 -7.12 -14.34
CA THR B 42 -16.07 -6.59 -12.99
C THR B 42 -15.75 -7.64 -11.94
N GLU B 43 -14.90 -8.58 -12.33
CA GLU B 43 -14.48 -9.66 -11.45
C GLU B 43 -12.96 -9.82 -11.53
N VAL B 44 -12.35 -10.16 -10.41
CA VAL B 44 -10.90 -10.30 -10.35
C VAL B 44 -10.36 -11.58 -10.98
N THR B 45 -11.26 -12.49 -11.37
CA THR B 45 -10.82 -13.76 -11.91
C THR B 45 -9.90 -13.78 -13.14
N GLU B 46 -10.33 -13.15 -14.23
CA GLU B 46 -9.53 -13.13 -15.45
C GLU B 46 -8.15 -12.55 -15.26
N CYS B 47 -8.05 -11.46 -14.51
CA CYS B 47 -6.76 -10.83 -14.26
C CYS B 47 -5.94 -11.62 -13.21
N ALA B 48 -6.62 -12.21 -12.23
CA ALA B 48 -5.92 -12.99 -11.20
C ALA B 48 -5.30 -14.20 -11.89
N GLY B 49 -6.05 -14.78 -12.82
CA GLY B 49 -5.55 -15.95 -13.53
C GLY B 49 -4.34 -15.65 -14.40
N ILE B 50 -4.24 -14.42 -14.90
CA ILE B 50 -3.12 -14.06 -15.74
C ILE B 50 -1.88 -13.79 -14.89
N LEU B 51 -2.05 -13.02 -13.83
CA LEU B 51 -0.93 -12.71 -12.94
C LEU B 51 -0.38 -13.96 -12.28
N LYS B 52 -1.29 -14.85 -11.89
CA LYS B 52 -0.92 -16.09 -11.23
C LYS B 52 0.12 -16.82 -12.06
N ASP B 53 -0.12 -16.89 -13.36
CA ASP B 53 0.81 -17.57 -14.24
C ASP B 53 2.07 -16.74 -14.49
N VAL B 54 1.88 -15.49 -14.92
CA VAL B 54 3.00 -14.60 -15.22
C VAL B 54 3.92 -14.27 -14.04
N LEU B 55 3.33 -13.75 -12.95
CA LEU B 55 4.11 -13.37 -11.78
C LEU B 55 4.74 -14.49 -10.97
N SER B 56 4.24 -15.71 -11.14
CA SER B 56 4.81 -16.84 -10.41
C SER B 56 6.12 -17.21 -11.11
N LYS B 57 6.26 -16.77 -12.35
CA LYS B 57 7.45 -17.04 -13.16
C LYS B 57 8.42 -15.86 -13.07
N ASN B 58 7.87 -14.66 -12.90
CA ASN B 58 8.66 -13.43 -12.77
C ASN B 58 7.88 -12.44 -11.90
N LEU B 59 8.19 -12.47 -10.61
CA LEU B 59 7.54 -11.64 -9.61
C LEU B 59 7.41 -10.15 -9.90
N HIS B 60 8.38 -9.57 -10.60
CA HIS B 60 8.32 -8.15 -10.88
C HIS B 60 7.97 -7.74 -12.31
N GLU B 61 7.34 -8.65 -13.07
CA GLU B 61 7.00 -8.32 -14.45
C GLU B 61 6.20 -7.03 -14.62
N LEU B 62 5.33 -6.73 -13.66
CA LEU B 62 4.51 -5.53 -13.75
C LEU B 62 5.35 -4.23 -13.91
N GLN B 63 6.59 -4.23 -13.46
CA GLN B 63 7.40 -3.02 -13.59
C GLN B 63 7.76 -2.69 -15.02
N GLY B 64 7.81 -3.70 -15.87
CA GLY B 64 8.13 -3.48 -17.27
C GLY B 64 7.01 -2.79 -18.04
N LEU B 65 5.86 -2.64 -17.38
CA LEU B 65 4.71 -1.99 -18.00
C LEU B 65 4.64 -0.47 -17.73
N CYS B 66 5.52 0.04 -16.88
CA CYS B 66 5.53 1.47 -16.56
C CYS B 66 6.39 2.25 -17.55
N ASN B 67 5.79 3.12 -18.34
CA ASN B 67 6.56 3.92 -19.29
C ASN B 67 7.36 4.96 -18.50
N VAL B 68 6.75 5.43 -17.41
CA VAL B 68 7.33 6.44 -16.55
C VAL B 68 7.03 6.05 -15.11
N LYS B 69 8.03 6.19 -14.25
CA LYS B 69 7.88 5.85 -12.85
C LYS B 69 8.36 7.02 -12.01
N ASN B 70 7.45 7.56 -11.20
CA ASN B 70 7.69 8.70 -10.34
C ASN B 70 7.59 8.24 -8.88
N LYS B 71 8.71 8.20 -8.16
CA LYS B 71 8.67 7.76 -6.76
C LYS B 71 9.13 8.82 -5.76
N MET B 72 8.51 8.78 -4.58
CA MET B 72 8.85 9.72 -3.52
C MET B 72 9.06 8.96 -2.20
N GLY B 73 9.90 9.51 -1.34
CA GLY B 73 10.15 8.89 -0.04
C GLY B 73 9.22 9.45 1.01
N VAL B 74 8.49 8.57 1.69
CA VAL B 74 7.56 9.03 2.72
C VAL B 74 7.90 8.38 4.06
N PRO B 75 7.96 9.18 5.12
CA PRO B 75 8.27 8.75 6.49
C PRO B 75 7.18 7.90 7.12
N TRP B 76 7.61 6.90 7.89
CA TRP B 76 6.67 6.05 8.59
C TRP B 76 5.97 6.89 9.66
N VAL B 77 4.67 6.70 9.80
CA VAL B 77 3.90 7.38 10.84
C VAL B 77 3.27 6.27 11.67
N SER B 78 3.73 6.24 12.91
CA SER B 78 3.42 5.25 13.91
C SER B 78 2.15 5.38 14.76
N VAL B 79 1.52 4.25 15.04
CA VAL B 79 0.36 4.20 15.92
C VAL B 79 0.79 3.06 16.83
N GLU B 80 0.53 3.20 18.11
CA GLU B 80 1.00 2.25 19.10
C GLU B 80 0.14 1.06 19.43
N GLU B 81 -1.10 1.39 19.74
CA GLU B 81 -2.12 0.44 20.14
C GLU B 81 -2.46 -0.68 19.16
N LEU B 82 -2.48 -0.39 17.87
CA LEU B 82 -2.85 -1.44 16.92
C LEU B 82 -1.71 -2.11 16.14
N GLY B 83 -0.50 -1.57 16.25
CA GLY B 83 0.64 -2.12 15.53
C GLY B 83 0.64 -1.58 14.12
N GLN B 84 0.41 -0.28 14.00
CA GLN B 84 0.33 0.32 12.68
C GLN B 84 1.40 1.31 12.29
N GLU B 85 2.10 0.92 11.25
CA GLU B 85 3.14 1.71 10.66
C GLU B 85 2.45 2.19 9.39
N ILE B 86 2.28 3.49 9.24
CA ILE B 86 1.59 4.00 8.07
C ILE B 86 2.32 5.06 7.25
N ILE B 87 2.39 4.80 5.95
CA ILE B 87 3.02 5.73 5.01
C ILE B 87 1.89 6.29 4.15
N THR B 88 1.85 7.61 4.00
CA THR B 88 0.83 8.24 3.20
C THR B 88 1.45 9.35 2.37
N GLY B 89 0.93 9.57 1.18
CA GLY B 89 1.50 10.59 0.33
C GLY B 89 0.60 11.03 -0.79
N ARG B 90 0.92 12.19 -1.35
CA ARG B 90 0.18 12.77 -2.46
C ARG B 90 1.00 12.63 -3.73
N LEU B 91 0.68 11.61 -4.51
CA LEU B 91 1.39 11.36 -5.76
C LEU B 91 1.29 12.52 -6.73
N PRO B 92 2.41 12.84 -7.39
CA PRO B 92 2.44 13.93 -8.36
C PRO B 92 1.82 13.50 -9.70
N PHE B 93 0.52 13.24 -9.71
CA PHE B 93 -0.19 12.84 -10.92
C PHE B 93 0.22 13.77 -12.06
N PRO B 94 0.74 13.19 -13.14
CA PRO B 94 1.21 13.91 -14.32
C PRO B 94 0.23 14.81 -15.08
N SER B 95 -1.06 14.57 -14.96
CA SER B 95 -2.02 15.37 -15.70
C SER B 95 -3.43 15.33 -15.14
N VAL B 96 -4.26 16.27 -15.56
CA VAL B 96 -5.64 16.31 -15.10
C VAL B 96 -6.22 14.93 -15.32
N GLY B 97 -6.89 14.40 -14.29
CA GLY B 97 -7.48 13.07 -14.40
C GLY B 97 -8.55 13.02 -15.47
N GLY B 98 -9.54 13.90 -15.33
CA GLY B 98 -10.60 13.94 -16.29
C GLY B 98 -11.79 14.77 -15.89
N THR B 99 -12.80 14.70 -16.74
CA THR B 99 -14.05 15.41 -16.57
C THR B 99 -15.11 14.37 -16.18
N PRO B 100 -16.16 14.79 -15.45
CA PRO B 100 -17.22 13.84 -15.07
C PRO B 100 -17.75 13.02 -16.25
N VAL B 101 -17.67 13.60 -17.44
CA VAL B 101 -18.14 12.94 -18.66
C VAL B 101 -17.29 11.72 -19.07
N ASN B 102 -16.05 11.67 -18.62
CA ASN B 102 -15.16 10.55 -18.95
C ASN B 102 -15.62 9.21 -18.38
N ASP B 103 -14.95 8.16 -18.80
CA ASP B 103 -15.27 6.84 -18.31
C ASP B 103 -14.45 6.52 -17.07
N LEU B 104 -13.99 5.29 -16.98
CA LEU B 104 -13.21 4.90 -15.84
C LEU B 104 -11.82 4.45 -16.25
N VAL B 105 -10.96 4.34 -15.26
CA VAL B 105 -9.61 3.87 -15.49
C VAL B 105 -9.42 2.72 -14.51
N ARG B 106 -8.81 1.63 -14.98
CA ARG B 106 -8.53 0.50 -14.12
C ARG B 106 -7.09 0.65 -13.68
N VAL B 107 -6.89 0.80 -12.39
CA VAL B 107 -5.54 0.94 -11.89
C VAL B 107 -5.13 -0.28 -11.09
N LEU B 108 -3.83 -0.56 -11.10
CA LEU B 108 -3.27 -1.66 -10.36
C LEU B 108 -2.56 -1.01 -9.18
N VAL B 109 -2.70 -1.61 -8.01
CA VAL B 109 -2.06 -1.09 -6.80
C VAL B 109 -1.19 -2.23 -6.31
N VAL B 110 0.05 -1.92 -5.96
CA VAL B 110 0.98 -2.94 -5.47
C VAL B 110 1.62 -2.54 -4.14
N ALA B 111 1.49 -3.41 -3.14
CA ALA B 111 2.09 -3.15 -1.84
C ALA B 111 3.12 -4.25 -1.66
N GLU B 112 4.37 -3.88 -1.47
CA GLU B 112 5.42 -4.87 -1.30
C GLU B 112 6.53 -4.36 -0.39
N SER B 113 7.47 -5.24 -0.07
CA SER B 113 8.60 -4.88 0.76
C SER B 113 9.69 -5.91 0.56
N ASN B 114 10.83 -5.69 1.21
CA ASN B 114 11.95 -6.61 1.11
C ASN B 114 11.66 -7.83 1.97
N THR B 115 12.12 -8.99 1.51
CA THR B 115 11.95 -10.22 2.27
C THR B 115 13.07 -10.29 3.31
N PRO B 116 12.72 -10.38 4.60
CA PRO B 116 13.81 -10.46 5.57
C PRO B 116 14.39 -11.86 5.48
N GLU B 117 15.67 -12.01 5.80
CA GLU B 117 16.27 -13.32 5.73
C GLU B 117 15.79 -14.18 6.91
N GLU B 118 15.15 -13.52 7.87
CA GLU B 118 14.63 -14.22 9.05
C GLU B 118 13.11 -14.18 9.09
N THR B 119 12.49 -15.35 9.04
CA THR B 119 11.04 -15.46 9.08
C THR B 119 10.45 -14.60 10.19
N PRO B 120 9.59 -13.65 9.84
CA PRO B 120 8.96 -12.75 10.81
C PRO B 120 7.93 -13.49 11.66
N GLU B 121 7.54 -12.89 12.77
CA GLU B 121 6.56 -13.50 13.65
C GLU B 121 5.23 -13.64 12.94
N GLU B 122 4.85 -12.63 12.18
CA GLU B 122 3.58 -12.71 11.47
C GLU B 122 3.71 -12.55 9.98
N GLU B 123 2.58 -12.72 9.32
CA GLU B 123 2.52 -12.61 7.90
C GLU B 123 2.54 -11.14 7.45
N PHE B 124 3.04 -10.95 6.22
CA PHE B 124 3.14 -9.63 5.62
C PHE B 124 1.75 -9.09 5.33
N TYR B 125 1.36 -8.03 6.03
CA TYR B 125 0.04 -7.45 5.83
C TYR B 125 0.14 -6.03 5.30
N ALA B 126 -0.87 -5.61 4.55
CA ALA B 126 -0.90 -4.27 3.98
C ALA B 126 -2.31 -3.90 3.54
N TYR B 127 -2.74 -2.70 3.92
CA TYR B 127 -4.05 -2.24 3.50
C TYR B 127 -3.87 -0.90 2.80
N VAL B 128 -4.20 -0.84 1.52
CA VAL B 128 -4.04 0.40 0.76
C VAL B 128 -5.39 1.07 0.44
N GLU B 129 -5.42 2.40 0.46
CA GLU B 129 -6.64 3.13 0.14
C GLU B 129 -6.42 4.45 -0.59
N LEU B 130 -7.31 4.75 -1.52
CA LEU B 130 -7.20 5.97 -2.27
C LEU B 130 -8.42 6.79 -1.90
N GLN B 131 -8.21 7.86 -1.14
CA GLN B 131 -9.33 8.66 -0.72
C GLN B 131 -9.42 10.04 -1.35
N THR B 132 -10.65 10.38 -1.73
CA THR B 132 -10.93 11.67 -2.30
C THR B 132 -11.88 12.29 -1.30
N GLU B 133 -12.07 13.60 -1.41
CA GLU B 133 -12.93 14.31 -0.49
C GLU B 133 -14.20 13.55 -0.10
N LEU B 134 -14.93 13.05 -1.08
CA LEU B 134 -16.20 12.34 -0.84
C LEU B 134 -16.13 10.84 -0.60
N TYR B 135 -15.48 10.13 -1.51
CA TYR B 135 -15.38 8.69 -1.41
C TYR B 135 -13.96 8.17 -1.26
N THR B 136 -13.80 7.13 -0.45
CA THR B 136 -12.52 6.51 -0.23
C THR B 136 -12.52 5.14 -0.88
N PHE B 137 -11.81 5.02 -2.00
CA PHE B 137 -11.73 3.75 -2.70
C PHE B 137 -10.76 2.84 -1.97
N GLY B 138 -11.28 1.81 -1.34
CA GLY B 138 -10.43 0.88 -0.61
C GLY B 138 -10.13 -0.37 -1.40
N LEU B 139 -8.93 -0.90 -1.23
CA LEU B 139 -8.54 -2.13 -1.92
C LEU B 139 -8.80 -3.28 -0.96
N SER B 140 -10.01 -3.81 -1.03
CA SER B 140 -10.43 -4.92 -0.18
C SER B 140 -9.83 -6.23 -0.63
N ASP B 141 -10.23 -7.31 0.04
CA ASP B 141 -9.76 -8.64 -0.29
C ASP B 141 -10.38 -9.02 -1.62
N ASP B 142 -11.52 -8.43 -1.92
CA ASP B 142 -12.21 -8.71 -3.17
C ASP B 142 -11.54 -8.06 -4.38
N ASN B 143 -10.57 -7.18 -4.14
CA ASN B 143 -9.86 -6.53 -5.24
C ASN B 143 -8.55 -7.23 -5.53
N VAL B 144 -8.18 -8.16 -4.65
CA VAL B 144 -6.92 -8.89 -4.77
C VAL B 144 -6.79 -9.72 -6.06
N VAL B 145 -5.75 -9.48 -6.84
CA VAL B 145 -5.49 -10.24 -8.09
C VAL B 145 -4.20 -11.01 -8.06
N PHE B 146 -3.43 -10.84 -6.98
CA PHE B 146 -2.19 -11.58 -6.83
C PHE B 146 -1.63 -11.41 -5.43
N THR B 147 -1.02 -12.46 -4.91
CA THR B 147 -0.40 -12.42 -3.59
C THR B 147 0.75 -13.39 -3.52
N SER B 148 1.80 -12.96 -2.83
CA SER B 148 3.00 -13.74 -2.63
C SER B 148 3.38 -13.44 -1.20
N ASP B 149 4.50 -13.98 -0.72
CA ASP B 149 4.92 -13.75 0.67
C ASP B 149 5.20 -12.30 1.04
N TYR B 150 5.62 -11.48 0.07
CA TYR B 150 5.92 -10.09 0.37
C TYR B 150 5.48 -9.12 -0.74
N MET B 151 4.31 -9.39 -1.30
CA MET B 151 3.76 -8.56 -2.35
C MET B 151 2.29 -8.91 -2.64
N THR B 152 1.46 -7.88 -2.74
CA THR B 152 0.06 -8.06 -3.04
C THR B 152 -0.33 -7.10 -4.16
N VAL B 153 -1.17 -7.58 -5.07
CA VAL B 153 -1.60 -6.76 -6.19
C VAL B 153 -3.11 -6.64 -6.19
N TRP B 154 -3.59 -5.40 -6.22
CA TRP B 154 -5.02 -5.13 -6.24
C TRP B 154 -5.43 -4.43 -7.54
N MET B 155 -6.68 -4.65 -7.92
CA MET B 155 -7.22 -4.07 -9.13
C MET B 155 -8.55 -3.35 -8.83
N ILE B 156 -8.73 -2.15 -9.37
CA ILE B 156 -9.98 -1.43 -9.17
C ILE B 156 -10.23 -0.31 -10.16
N ASP B 157 -11.49 -0.22 -10.59
CA ASP B 157 -11.91 0.80 -11.55
C ASP B 157 -12.42 2.04 -10.83
N ILE B 158 -11.75 3.16 -11.11
CA ILE B 158 -12.11 4.45 -10.52
C ILE B 158 -12.38 5.42 -11.66
N PRO B 159 -13.35 6.32 -11.50
CA PRO B 159 -13.67 7.30 -12.55
C PRO B 159 -12.46 8.22 -12.73
N LYS B 160 -12.02 8.44 -13.97
CA LYS B 160 -10.84 9.25 -14.24
C LYS B 160 -10.79 10.60 -13.53
N SER B 161 -11.92 11.26 -13.35
CA SER B 161 -11.91 12.56 -12.69
C SER B 161 -11.33 12.53 -11.27
N TYR B 162 -11.46 11.39 -10.58
CA TYR B 162 -10.96 11.27 -9.21
C TYR B 162 -9.44 11.15 -9.12
N VAL B 163 -8.83 10.51 -10.11
CA VAL B 163 -7.39 10.29 -10.15
C VAL B 163 -6.65 11.58 -10.52
N ASP B 164 -6.38 12.41 -9.52
CA ASP B 164 -5.72 13.68 -9.73
C ASP B 164 -5.30 14.21 -8.38
N VAL B 165 -4.59 15.33 -8.37
CA VAL B 165 -4.19 15.93 -7.11
C VAL B 165 -5.46 15.96 -6.28
N GLY B 166 -5.33 15.67 -4.99
CA GLY B 166 -6.49 15.61 -4.13
C GLY B 166 -6.57 14.19 -3.61
N MET B 167 -6.62 13.21 -4.53
CA MET B 167 -6.67 11.81 -4.12
C MET B 167 -5.46 11.53 -3.26
N LEU B 168 -5.69 10.95 -2.09
CA LEU B 168 -4.61 10.65 -1.17
C LEU B 168 -4.27 9.16 -1.20
N THR B 169 -3.00 8.82 -0.99
CA THR B 169 -2.59 7.42 -0.97
C THR B 169 -2.07 7.03 0.42
N ARG B 170 -2.80 6.14 1.07
CA ARG B 170 -2.43 5.67 2.40
C ARG B 170 -2.27 4.16 2.42
N ALA B 171 -1.15 3.70 2.97
CA ALA B 171 -0.88 2.27 3.08
C ALA B 171 -0.58 1.95 4.54
N THR B 172 -1.27 0.97 5.09
CA THR B 172 -1.09 0.59 6.48
C THR B 172 -0.47 -0.80 6.60
N PHE B 173 0.70 -0.85 7.24
CA PHE B 173 1.40 -2.10 7.44
C PHE B 173 1.41 -2.37 8.94
N LEU B 174 1.73 -3.61 9.32
CA LEU B 174 1.78 -3.96 10.74
C LEU B 174 3.13 -3.59 11.33
N GLU B 175 4.17 -3.63 10.50
CA GLU B 175 5.52 -3.31 10.95
C GLU B 175 6.22 -2.43 9.92
N GLN B 176 7.38 -1.91 10.31
CA GLN B 176 8.17 -1.07 9.41
C GLN B 176 9.02 -1.92 8.48
N TRP B 177 8.37 -2.77 7.70
CA TRP B 177 9.09 -3.65 6.77
C TRP B 177 10.20 -2.94 6.02
N PRO B 178 11.36 -3.61 5.85
CA PRO B 178 12.44 -2.97 5.12
C PRO B 178 12.05 -2.86 3.66
N GLY B 179 12.23 -1.68 3.07
CA GLY B 179 11.90 -1.49 1.67
C GLY B 179 10.42 -1.50 1.32
N ALA B 180 9.56 -1.26 2.31
CA ALA B 180 8.13 -1.24 2.05
C ALA B 180 7.83 -0.11 1.08
N LYS B 181 6.93 -0.37 0.14
CA LYS B 181 6.54 0.64 -0.83
C LYS B 181 5.22 0.27 -1.48
N VAL B 182 4.45 1.27 -1.86
CA VAL B 182 3.18 1.04 -2.51
C VAL B 182 3.23 1.76 -3.86
N THR B 183 2.85 1.06 -4.92
CA THR B 183 2.85 1.62 -6.28
C THR B 183 1.46 1.62 -6.89
N VAL B 184 1.15 2.67 -7.63
CA VAL B 184 -0.14 2.80 -8.30
C VAL B 184 0.10 2.96 -9.78
N MET B 185 -0.24 1.92 -10.55
CA MET B 185 -0.07 1.95 -12.00
C MET B 185 -1.30 2.60 -12.62
N ILE B 186 -1.09 3.76 -13.24
CA ILE B 186 -2.18 4.51 -13.83
C ILE B 186 -2.07 4.62 -15.35
N PRO B 187 -2.91 3.87 -16.08
CA PRO B 187 -2.85 3.95 -17.54
C PRO B 187 -3.61 5.18 -18.01
N TYR B 188 -2.94 6.07 -18.74
CA TYR B 188 -3.56 7.29 -19.24
C TYR B 188 -4.09 7.09 -20.66
N SER B 189 -3.66 6.00 -21.29
CA SER B 189 -4.06 5.64 -22.63
C SER B 189 -3.70 4.17 -22.78
N SER B 190 -4.05 3.60 -23.93
CA SER B 190 -3.78 2.20 -24.20
C SER B 190 -2.30 1.88 -24.29
N THR B 191 -1.49 2.89 -24.59
CA THR B 191 -0.05 2.65 -24.73
C THR B 191 0.83 3.45 -23.77
N PHE B 192 0.22 4.03 -22.75
CA PHE B 192 1.00 4.82 -21.80
C PHE B 192 0.53 4.63 -20.36
N THR B 193 1.39 4.03 -19.54
CA THR B 193 1.07 3.84 -18.13
C THR B 193 2.10 4.58 -17.29
N TRP B 194 1.62 5.28 -16.26
CA TRP B 194 2.47 6.05 -15.37
C TRP B 194 2.34 5.46 -13.97
N CYS B 195 3.47 5.19 -13.33
CA CYS B 195 3.46 4.58 -12.00
C CYS B 195 3.90 5.48 -10.86
N GLY B 196 2.96 5.77 -9.96
CA GLY B 196 3.27 6.60 -8.81
C GLY B 196 3.64 5.71 -7.64
N GLU B 197 4.86 5.87 -7.12
CA GLU B 197 5.33 5.04 -6.01
C GLU B 197 5.62 5.81 -4.71
N LEU B 198 5.28 5.18 -3.59
CA LEU B 198 5.52 5.75 -2.27
C LEU B 198 6.40 4.80 -1.48
N GLY B 199 7.68 5.14 -1.36
CA GLY B 199 8.60 4.29 -0.63
C GLY B 199 8.89 4.83 0.76
N ALA B 200 8.48 4.07 1.78
CA ALA B 200 8.68 4.47 3.17
C ALA B 200 10.14 4.70 3.50
N ILE B 201 10.38 5.65 4.40
CA ILE B 201 11.72 5.98 4.88
C ILE B 201 11.60 6.10 6.40
N SER B 202 12.70 6.42 7.07
CA SER B 202 12.72 6.54 8.53
C SER B 202 11.69 7.53 9.06
N GLU B 203 11.11 7.23 10.23
CA GLU B 203 10.11 8.10 10.84
C GLU B 203 10.71 9.48 11.06
N GLU B 204 11.96 9.46 11.49
CA GLU B 204 12.72 10.66 11.77
C GLU B 204 12.90 11.59 10.57
N SER B 205 13.39 11.03 9.47
CA SER B 205 13.62 11.83 8.26
C SER B 205 12.39 12.54 7.72
N ALA B 206 12.64 13.60 6.96
CA ALA B 206 11.55 14.38 6.36
C ALA B 206 11.27 13.85 4.96
N PRO B 207 10.07 14.10 4.45
CA PRO B 207 9.65 13.66 3.12
C PRO B 207 10.68 13.93 2.03
N GLN B 208 10.81 13.01 1.09
CA GLN B 208 11.73 13.14 -0.02
C GLN B 208 10.93 13.15 -1.32
N PRO B 209 10.40 14.32 -1.69
CA PRO B 209 9.60 14.45 -2.92
C PRO B 209 10.49 14.40 -4.15
N SER B 210 9.95 13.87 -5.25
CA SER B 210 10.70 13.79 -6.50
C SER B 210 10.65 15.17 -7.14
N LEU B 211 11.55 15.43 -8.08
CA LEU B 211 11.57 16.72 -8.76
C LEU B 211 10.38 16.78 -9.73
N SER B 212 9.19 16.98 -9.17
CA SER B 212 7.96 17.07 -9.94
C SER B 212 7.28 18.41 -9.67
N ALA B 213 6.92 19.13 -10.72
CA ALA B 213 6.27 20.41 -10.56
C ALA B 213 5.00 20.51 -11.39
N ARG B 214 4.11 21.41 -10.96
CA ARG B 214 2.85 21.64 -11.62
C ARG B 214 2.87 23.13 -11.90
N SER B 215 2.68 23.52 -13.15
CA SER B 215 2.72 24.94 -13.48
C SER B 215 1.52 25.50 -14.23
N PRO B 216 0.83 26.48 -13.63
CA PRO B 216 -0.33 27.08 -14.32
C PRO B 216 0.26 28.15 -15.24
N VAL B 217 0.54 27.76 -16.47
CA VAL B 217 1.13 28.64 -17.46
C VAL B 217 0.34 29.91 -17.75
N CYS B 218 -0.98 29.83 -17.69
CA CYS B 218 -1.78 31.00 -17.98
C CYS B 218 -2.52 31.55 -16.78
N LYS B 219 -1.78 31.81 -15.70
CA LYS B 219 -2.42 32.37 -14.52
C LYS B 219 -3.24 33.59 -14.99
N ASN B 220 -4.35 33.85 -14.32
CA ASN B 220 -5.19 34.99 -14.66
C ASN B 220 -5.44 35.01 -16.17
N SER B 221 -6.06 33.94 -16.66
CA SER B 221 -6.37 33.79 -18.07
C SER B 221 -7.13 34.97 -18.69
N ALA B 222 -7.76 35.78 -17.85
CA ALA B 222 -8.52 36.92 -18.33
C ALA B 222 -7.55 37.90 -19.00
N ARG B 223 -6.30 37.84 -18.54
CA ARG B 223 -5.24 38.70 -19.05
C ARG B 223 -5.04 38.51 -20.54
N TYR B 224 -5.28 37.28 -20.96
CA TYR B 224 -5.09 36.88 -22.34
C TYR B 224 -6.30 37.06 -23.22
N SER B 225 -7.36 37.65 -22.68
CA SER B 225 -8.56 37.83 -23.49
C SER B 225 -8.29 38.72 -24.70
N THR B 226 -7.36 39.66 -24.58
CA THR B 226 -7.01 40.53 -25.71
C THR B 226 -5.50 40.54 -25.93
N SER B 227 -5.05 41.29 -26.93
CA SER B 227 -3.62 41.39 -27.23
C SER B 227 -2.95 42.57 -26.52
N LYS B 228 -3.68 43.22 -25.60
CA LYS B 228 -3.19 44.37 -24.84
C LYS B 228 -1.81 44.26 -24.21
N PHE B 229 -1.55 43.14 -23.54
CA PHE B 229 -0.27 42.92 -22.87
C PHE B 229 0.72 42.14 -23.72
N CYS B 230 0.42 41.99 -25.01
CA CYS B 230 1.29 41.25 -25.91
C CYS B 230 2.73 41.75 -25.90
N GLU B 231 2.88 43.07 -25.95
CA GLU B 231 4.18 43.69 -25.97
C GLU B 231 4.89 43.52 -24.64
N VAL B 232 4.16 43.76 -23.55
CA VAL B 232 4.72 43.63 -22.20
C VAL B 232 5.16 42.20 -21.89
N ASP B 233 4.50 41.21 -22.47
CA ASP B 233 4.88 39.83 -22.21
C ASP B 233 5.93 39.31 -23.18
N GLY B 234 6.18 40.07 -24.23
CA GLY B 234 7.17 39.64 -25.22
C GLY B 234 6.59 38.61 -26.18
N CYS B 235 5.28 38.69 -26.41
CA CYS B 235 4.60 37.78 -27.33
C CYS B 235 4.15 38.52 -28.59
N THR B 236 5.05 38.56 -29.56
CA THR B 236 4.77 39.25 -30.81
C THR B 236 5.39 38.52 -32.00
N ALA B 237 5.08 39.03 -33.19
CA ALA B 237 5.62 38.43 -34.39
C ALA B 237 7.14 38.42 -34.30
N GLU B 238 7.74 39.55 -33.94
CA GLU B 238 9.19 39.64 -33.82
C GLU B 238 9.79 38.56 -32.94
N THR B 239 9.29 38.43 -31.71
CA THR B 239 9.82 37.41 -30.81
C THR B 239 9.43 36.02 -31.31
N GLY B 240 8.47 35.96 -32.21
CA GLY B 240 8.01 34.69 -32.74
C GLY B 240 7.12 33.97 -31.73
N MET B 241 6.38 34.75 -30.94
CA MET B 241 5.51 34.21 -29.91
C MET B 241 6.26 33.28 -28.99
N GLU B 242 7.40 33.75 -28.51
CA GLU B 242 8.26 32.99 -27.62
C GLU B 242 8.68 33.79 -26.41
N LYS B 243 8.19 33.40 -25.24
CA LYS B 243 8.53 34.03 -23.98
C LYS B 243 8.85 32.85 -23.06
N MET B 244 10.10 32.41 -23.12
CA MET B 244 10.56 31.24 -22.34
C MET B 244 10.97 31.47 -20.90
N SER B 245 10.63 30.50 -20.04
CA SER B 245 11.00 30.55 -18.63
C SER B 245 11.46 29.17 -18.19
N LEU B 246 12.58 29.16 -17.48
CA LEU B 246 13.21 27.95 -16.99
C LEU B 246 12.34 27.10 -16.06
N LEU B 247 12.25 25.80 -16.32
CA LEU B 247 11.48 24.89 -15.47
C LEU B 247 12.41 24.18 -14.48
N THR B 248 13.53 23.72 -15.01
CA THR B 248 14.54 23.00 -14.24
C THR B 248 15.18 23.88 -13.17
N PRO B 249 15.15 23.44 -11.90
CA PRO B 249 15.77 24.25 -10.85
C PRO B 249 17.30 24.26 -10.93
N PHE B 250 17.91 25.19 -10.21
CA PHE B 250 19.35 25.38 -10.20
C PHE B 250 20.22 24.13 -10.11
N GLY B 251 20.01 23.32 -9.08
CA GLY B 251 20.82 22.11 -8.94
C GLY B 251 20.22 20.82 -9.50
N GLY B 252 19.32 20.95 -10.47
CA GLY B 252 18.72 19.76 -11.06
C GLY B 252 19.65 19.02 -12.02
N PRO B 253 19.14 17.96 -12.69
CA PRO B 253 19.90 17.14 -13.64
C PRO B 253 20.55 17.95 -14.76
N PRO B 254 21.41 17.31 -15.57
CA PRO B 254 22.11 17.95 -16.69
C PRO B 254 21.25 18.24 -17.92
N GLN B 255 19.93 18.14 -17.76
CA GLN B 255 19.04 18.45 -18.86
C GLN B 255 18.25 19.69 -18.48
N GLN B 256 18.01 20.56 -19.46
CA GLN B 256 17.32 21.80 -19.18
C GLN B 256 16.01 21.92 -19.94
N ALA B 257 14.93 22.12 -19.17
CA ALA B 257 13.58 22.27 -19.75
C ALA B 257 13.05 23.67 -19.53
N LYS B 258 12.33 24.18 -20.51
CA LYS B 258 11.74 25.53 -20.42
C LYS B 258 10.33 25.53 -21.00
N MET B 259 9.48 26.44 -20.52
CA MET B 259 8.11 26.54 -21.00
C MET B 259 7.89 27.91 -21.62
N ASN B 260 6.91 28.01 -22.50
CA ASN B 260 6.59 29.24 -23.18
C ASN B 260 5.18 29.65 -22.74
N THR B 261 4.98 30.91 -22.39
CA THR B 261 3.66 31.35 -21.94
C THR B 261 2.85 32.04 -23.05
N CYS B 262 3.48 32.35 -24.17
CA CYS B 262 2.77 32.99 -25.28
C CYS B 262 1.59 32.18 -25.84
N PRO B 263 1.63 30.84 -25.75
CA PRO B 263 0.50 30.08 -26.28
C PRO B 263 -0.84 30.43 -25.59
N CYS B 264 -0.76 30.99 -24.39
CA CYS B 264 -1.94 31.39 -23.64
C CYS B 264 -2.78 32.35 -24.46
N TYR B 265 -2.10 33.20 -25.22
CA TYR B 265 -2.80 34.18 -26.05
C TYR B 265 -3.67 33.52 -27.12
N TYR B 266 -3.10 32.51 -27.79
CA TYR B 266 -3.82 31.79 -28.82
C TYR B 266 -4.99 31.02 -28.21
N LYS B 267 -4.89 30.71 -26.93
CA LYS B 267 -5.94 29.98 -26.27
C LYS B 267 -7.12 30.87 -25.87
N TYR B 268 -6.84 32.09 -25.42
CA TYR B 268 -7.89 32.98 -24.96
C TYR B 268 -8.17 34.27 -25.73
N SER B 269 -7.27 34.69 -26.61
CA SER B 269 -7.46 35.94 -27.33
C SER B 269 -8.60 36.04 -28.34
N VAL B 270 -9.42 37.07 -28.18
CA VAL B 270 -10.51 37.34 -29.12
C VAL B 270 -9.99 38.46 -30.02
N SER B 271 -8.72 38.82 -29.80
CA SER B 271 -8.07 39.84 -30.59
C SER B 271 -7.19 39.13 -31.62
N PRO B 272 -7.06 39.72 -32.81
CA PRO B 272 -6.25 39.14 -33.88
C PRO B 272 -4.83 38.86 -33.44
N LEU B 273 -4.33 37.68 -33.77
CA LEU B 273 -2.98 37.28 -33.44
C LEU B 273 -2.17 37.03 -34.71
N PRO B 274 -0.84 37.10 -34.59
CA PRO B 274 0.01 36.86 -35.76
C PRO B 274 -0.18 35.43 -36.22
N ALA B 275 -0.14 35.23 -37.54
CA ALA B 275 -0.31 33.89 -38.10
C ALA B 275 0.98 33.11 -37.87
N MET B 276 0.84 31.87 -37.43
CA MET B 276 1.99 31.03 -37.15
C MET B 276 1.77 29.62 -37.71
N ASP B 277 2.85 28.97 -38.12
CA ASP B 277 2.74 27.60 -38.64
C ASP B 277 2.59 26.68 -37.43
N HIS B 278 3.29 27.03 -36.36
CA HIS B 278 3.26 26.25 -35.12
C HIS B 278 3.69 27.13 -33.94
N LEU B 279 3.49 26.62 -32.73
CA LEU B 279 3.88 27.34 -31.54
C LEU B 279 4.74 26.41 -30.73
N ILE B 280 5.69 26.96 -30.00
CA ILE B 280 6.53 26.14 -29.16
C ILE B 280 6.00 26.17 -27.72
N LEU B 281 5.53 25.04 -27.23
CA LEU B 281 5.01 24.95 -25.86
C LEU B 281 6.16 24.81 -24.87
N ALA B 282 7.21 24.14 -25.32
CA ALA B 282 8.36 23.91 -24.47
C ALA B 282 9.44 23.18 -25.25
N ASP B 283 10.66 23.22 -24.72
CA ASP B 283 11.77 22.55 -25.34
C ASP B 283 12.69 22.04 -24.25
N LEU B 284 13.53 21.08 -24.60
CA LEU B 284 14.42 20.45 -23.66
C LEU B 284 15.78 20.27 -24.30
N ALA B 285 16.80 20.70 -23.59
CA ALA B 285 18.16 20.60 -24.10
C ALA B 285 18.96 19.67 -23.18
N GLY B 286 19.98 19.04 -23.73
CA GLY B 286 20.81 18.14 -22.95
C GLY B 286 20.65 16.71 -23.40
N LEU B 287 20.03 16.53 -24.57
CA LEU B 287 19.79 15.21 -25.12
C LEU B 287 21.04 14.40 -25.41
N ASP B 288 22.16 15.08 -25.69
CA ASP B 288 23.41 14.39 -26.01
C ASP B 288 23.92 13.56 -24.84
N SER B 289 23.35 13.73 -23.65
CA SER B 289 23.82 12.98 -22.50
C SER B 289 22.74 12.20 -21.77
N LEU B 290 21.53 12.21 -22.31
CA LEU B 290 20.39 11.52 -21.70
C LEU B 290 20.37 10.06 -22.15
N THR B 291 20.25 9.13 -21.21
CA THR B 291 20.28 7.71 -21.54
C THR B 291 18.97 6.94 -21.45
N SER B 292 17.85 7.66 -21.58
CA SER B 292 16.54 7.01 -21.55
C SER B 292 15.61 7.89 -22.38
N PRO B 293 14.42 7.38 -22.71
CA PRO B 293 13.52 8.21 -23.52
C PRO B 293 12.78 9.32 -22.78
N VAL B 294 12.30 10.30 -23.53
CA VAL B 294 11.54 11.38 -22.95
C VAL B 294 10.09 11.23 -23.37
N TYR B 295 9.17 11.33 -22.41
CA TYR B 295 7.76 11.23 -22.72
C TYR B 295 7.09 12.58 -22.48
N VAL B 296 6.17 12.93 -23.38
CA VAL B 296 5.43 14.18 -23.24
C VAL B 296 3.98 13.79 -23.44
N MET B 297 3.13 14.13 -22.48
CA MET B 297 1.72 13.77 -22.55
C MET B 297 0.82 14.99 -22.62
N ALA B 298 -0.19 14.93 -23.49
CA ALA B 298 -1.11 16.03 -23.64
C ALA B 298 -2.51 15.65 -23.17
N ALA B 299 -3.22 16.65 -22.63
CA ALA B 299 -4.59 16.50 -22.17
C ALA B 299 -5.38 17.52 -22.99
N TYR B 300 -6.49 17.12 -23.59
CA TYR B 300 -7.25 18.04 -24.44
C TYR B 300 -8.66 17.57 -24.75
N PHE B 301 -9.49 18.50 -25.21
CA PHE B 301 -10.86 18.22 -25.60
C PHE B 301 -10.84 18.04 -27.10
N ASP B 302 -11.62 17.09 -27.60
CA ASP B 302 -11.67 16.87 -29.04
C ASP B 302 -12.32 18.08 -29.71
N SER B 303 -11.82 18.43 -30.88
CA SER B 303 -12.32 19.60 -31.61
C SER B 303 -13.66 19.46 -32.33
N THR B 304 -14.39 18.37 -32.08
CA THR B 304 -15.68 18.17 -32.73
C THR B 304 -16.71 19.23 -32.36
N HIS B 305 -17.72 19.35 -33.21
CA HIS B 305 -18.80 20.31 -32.99
C HIS B 305 -19.83 19.64 -32.09
N GLU B 306 -20.08 20.22 -30.93
CA GLU B 306 -21.05 19.64 -30.02
C GLU B 306 -22.29 20.48 -29.84
N ASN B 307 -23.35 19.82 -29.40
CA ASN B 307 -24.65 20.43 -29.15
C ASN B 307 -24.51 21.52 -28.08
N PRO B 308 -24.93 22.75 -28.41
CA PRO B 308 -24.85 23.86 -27.46
C PRO B 308 -25.73 23.63 -26.20
N VAL B 309 -26.77 22.82 -26.37
CA VAL B 309 -27.71 22.51 -25.29
C VAL B 309 -27.05 21.55 -24.29
N ARG B 310 -26.11 20.74 -24.78
CA ARG B 310 -25.41 19.77 -23.95
C ARG B 310 -23.96 19.63 -24.37
N PRO B 311 -23.13 20.63 -24.02
CA PRO B 311 -21.69 20.69 -24.34
C PRO B 311 -20.91 19.51 -23.75
N SER B 312 -20.72 18.48 -24.57
CA SER B 312 -20.00 17.27 -24.17
C SER B 312 -18.54 17.58 -23.85
N SER B 313 -18.14 17.34 -22.62
CA SER B 313 -16.78 17.61 -22.20
C SER B 313 -15.90 16.38 -21.92
N LYS B 314 -15.76 15.49 -22.89
CA LYS B 314 -14.93 14.30 -22.70
C LYS B 314 -13.45 14.68 -22.89
N LEU B 315 -12.63 14.47 -21.87
CA LEU B 315 -11.21 14.81 -21.97
C LEU B 315 -10.36 13.64 -22.45
N TYR B 316 -9.40 13.92 -23.32
CA TYR B 316 -8.53 12.89 -23.87
C TYR B 316 -7.06 13.01 -23.46
N HIS B 317 -6.30 11.94 -23.69
CA HIS B 317 -4.88 11.92 -23.34
C HIS B 317 -4.08 11.18 -24.40
N CYS B 318 -2.96 11.76 -24.80
CA CYS B 318 -2.08 11.08 -25.74
C CYS B 318 -0.67 11.30 -25.24
N ALA B 319 0.18 10.32 -25.44
CA ALA B 319 1.55 10.42 -24.98
C ALA B 319 2.51 10.11 -26.12
N LEU B 320 3.43 11.03 -26.38
CA LEU B 320 4.42 10.86 -27.42
C LEU B 320 5.73 10.48 -26.75
N GLN B 321 6.59 9.83 -27.50
CA GLN B 321 7.87 9.39 -26.99
C GLN B 321 9.03 9.77 -27.91
N MET B 322 10.09 10.31 -27.32
CA MET B 322 11.31 10.70 -28.02
C MET B 322 12.38 9.72 -27.55
N THR B 323 12.95 8.97 -28.49
CA THR B 323 13.95 7.99 -28.13
C THR B 323 15.21 8.05 -28.98
N SER B 324 16.30 7.50 -28.43
CA SER B 324 17.57 7.48 -29.12
C SER B 324 17.79 6.13 -29.77
N HIS B 325 18.12 6.15 -31.07
CA HIS B 325 18.36 4.94 -31.85
C HIS B 325 19.70 5.16 -32.52
N ASP B 326 20.70 4.36 -32.12
CA ASP B 326 22.04 4.49 -32.68
C ASP B 326 22.51 5.94 -32.62
N GLY B 327 22.22 6.61 -31.50
CA GLY B 327 22.61 8.00 -31.34
C GLY B 327 21.71 9.05 -32.00
N VAL B 328 20.63 8.62 -32.65
CA VAL B 328 19.71 9.53 -33.32
C VAL B 328 18.36 9.57 -32.61
N TRP B 329 17.89 10.76 -32.28
CA TRP B 329 16.62 10.89 -31.59
C TRP B 329 15.44 11.07 -32.52
N THR B 330 14.43 10.22 -32.38
CA THR B 330 13.21 10.33 -33.19
C THR B 330 11.99 10.16 -32.30
N SER B 331 10.88 10.72 -32.77
CA SER B 331 9.64 10.69 -32.03
C SER B 331 8.53 9.83 -32.63
N THR B 332 7.59 9.42 -31.78
CA THR B 332 6.44 8.67 -32.23
C THR B 332 5.50 9.75 -32.72
N SER B 333 4.67 9.42 -33.69
CA SER B 333 3.73 10.39 -34.24
C SER B 333 2.32 9.92 -33.91
N SER B 334 1.36 10.84 -33.95
CA SER B 334 -0.02 10.46 -33.67
C SER B 334 -0.97 11.39 -34.39
N GLU B 335 -1.95 10.81 -35.05
CA GLU B 335 -2.94 11.57 -35.81
C GLU B 335 -3.85 12.43 -34.94
N GLN B 336 -4.50 11.80 -33.97
CA GLN B 336 -5.42 12.50 -33.08
C GLN B 336 -4.74 13.46 -32.10
N CYS B 337 -3.49 13.17 -31.76
CA CYS B 337 -2.76 14.00 -30.81
C CYS B 337 -2.51 15.42 -31.35
N PRO B 338 -2.82 16.44 -30.52
CA PRO B 338 -2.64 17.84 -30.90
C PRO B 338 -1.19 18.33 -30.87
N ILE B 339 -0.36 17.66 -30.09
CA ILE B 339 1.04 18.03 -30.01
C ILE B 339 1.91 17.09 -30.83
N ARG B 340 3.19 17.45 -30.91
CA ARG B 340 4.19 16.66 -31.63
C ARG B 340 5.56 17.08 -31.15
N LEU B 341 6.47 16.12 -31.11
CA LEU B 341 7.84 16.35 -30.67
C LEU B 341 8.76 16.37 -31.87
N VAL B 342 9.67 17.34 -31.91
CA VAL B 342 10.60 17.43 -33.02
C VAL B 342 11.94 17.86 -32.50
N GLU B 343 13.01 17.54 -33.23
CA GLU B 343 14.34 17.93 -32.83
C GLU B 343 14.42 19.43 -32.98
N GLY B 344 15.12 20.08 -32.06
CA GLY B 344 15.25 21.52 -32.11
C GLY B 344 16.27 22.00 -33.11
N GLN B 345 17.05 23.00 -32.70
CA GLN B 345 18.08 23.56 -33.56
C GLN B 345 19.16 22.51 -33.82
N SER B 346 19.21 21.50 -32.94
CA SER B 346 20.17 20.42 -33.09
C SER B 346 19.60 19.20 -32.38
N GLN B 347 20.26 18.06 -32.55
CA GLN B 347 19.82 16.81 -31.93
C GLN B 347 19.95 16.88 -30.41
N ASN B 348 20.60 17.92 -29.92
CA ASN B 348 20.76 18.06 -28.48
C ASN B 348 19.51 18.69 -27.86
N VAL B 349 18.55 19.07 -28.71
CA VAL B 349 17.33 19.72 -28.25
C VAL B 349 16.05 19.14 -28.82
N LEU B 350 15.01 19.06 -27.99
CA LEU B 350 13.73 18.59 -28.47
C LEU B 350 12.71 19.71 -28.16
N GLN B 351 11.73 19.86 -29.05
CA GLN B 351 10.72 20.88 -28.87
C GLN B 351 9.36 20.20 -28.91
N VAL B 352 8.44 20.72 -28.11
CA VAL B 352 7.09 20.22 -28.07
C VAL B 352 6.34 21.22 -28.90
N ARG B 353 5.74 20.80 -30.00
CA ARG B 353 5.02 21.75 -30.84
C ARG B 353 3.53 21.51 -30.90
N VAL B 354 2.82 22.53 -31.35
CA VAL B 354 1.38 22.48 -31.52
C VAL B 354 0.97 23.54 -32.53
N ALA B 355 -0.17 23.31 -33.19
CA ALA B 355 -0.68 24.28 -34.13
C ALA B 355 -1.50 25.28 -33.32
N PRO B 356 -1.32 26.58 -33.58
CA PRO B 356 -2.04 27.64 -32.87
C PRO B 356 -3.51 27.31 -32.63
N THR B 357 -4.20 26.93 -33.69
CA THR B 357 -5.62 26.61 -33.63
C THR B 357 -6.00 25.47 -32.67
N SER B 358 -5.00 24.79 -32.09
CA SER B 358 -5.28 23.71 -31.15
C SER B 358 -5.31 24.18 -29.69
N MET B 359 -4.78 25.37 -29.45
CA MET B 359 -4.74 25.92 -28.10
C MET B 359 -6.04 26.03 -27.32
N PRO B 360 -7.11 26.52 -27.95
CA PRO B 360 -8.37 26.63 -27.20
C PRO B 360 -8.77 25.35 -26.49
N ASN B 361 -8.54 24.21 -27.15
CA ASN B 361 -8.90 22.90 -26.59
C ASN B 361 -7.77 22.22 -25.82
N LEU B 362 -6.58 22.83 -25.79
CA LEU B 362 -5.50 22.19 -25.06
C LEU B 362 -5.66 22.52 -23.58
N VAL B 363 -5.69 21.47 -22.75
CA VAL B 363 -5.85 21.62 -21.30
C VAL B 363 -4.51 21.66 -20.54
N GLY B 364 -3.57 20.82 -20.95
CA GLY B 364 -2.25 20.80 -20.33
C GLY B 364 -1.31 19.82 -21.01
N VAL B 365 0.00 20.01 -20.81
CA VAL B 365 1.01 19.10 -21.37
C VAL B 365 2.00 18.81 -20.28
N SER B 366 2.45 17.57 -20.23
CA SER B 366 3.39 17.17 -19.22
C SER B 366 4.67 16.65 -19.83
N LEU B 367 5.79 17.11 -19.28
CA LEU B 367 7.10 16.70 -19.75
C LEU B 367 7.71 15.75 -18.70
N MET B 368 8.02 14.52 -19.12
CA MET B 368 8.59 13.54 -18.20
C MET B 368 9.89 12.95 -18.72
N LEU B 369 10.93 12.96 -17.90
CA LEU B 369 12.23 12.39 -18.28
C LEU B 369 13.02 12.08 -17.02
N GLU B 370 14.18 11.47 -17.21
CA GLU B 370 15.06 11.09 -16.11
C GLU B 370 15.17 12.15 -15.01
N GLY B 371 14.57 11.89 -13.85
CA GLY B 371 14.63 12.83 -12.74
C GLY B 371 13.87 14.15 -12.89
N GLN B 372 12.99 14.25 -13.89
CA GLN B 372 12.25 15.50 -14.08
C GLN B 372 10.84 15.33 -14.62
N GLN B 373 9.88 15.93 -13.93
CA GLN B 373 8.48 15.88 -14.34
C GLN B 373 7.86 17.26 -14.15
N TYR B 374 7.31 17.80 -15.25
CA TYR B 374 6.68 19.10 -15.25
C TYR B 374 5.26 19.04 -15.83
N ARG B 375 4.29 19.44 -15.03
CA ARG B 375 2.90 19.41 -15.44
C ARG B 375 2.50 20.83 -15.82
N LEU B 376 2.45 21.10 -17.12
CA LEU B 376 2.08 22.42 -17.61
C LEU B 376 0.58 22.46 -17.84
N GLU B 377 -0.11 23.35 -17.12
CA GLU B 377 -1.56 23.50 -17.25
C GLU B 377 -1.92 24.86 -17.85
N TYR B 378 -2.82 24.87 -18.82
CA TYR B 378 -3.22 26.10 -19.48
C TYR B 378 -4.57 26.61 -19.00
N PHE B 379 -4.97 26.13 -17.84
CA PHE B 379 -6.23 26.54 -17.20
C PHE B 379 -5.85 26.73 -15.73
N GLY B 380 -6.74 27.37 -14.98
CA GLY B 380 -6.49 27.57 -13.56
C GLY B 380 -5.33 28.49 -13.21
N ASP B 381 -5.29 28.89 -11.94
CA ASP B 381 -4.26 29.78 -11.44
C ASP B 381 -3.57 29.12 -10.26
N HIS B 382 -3.80 27.83 -10.11
CA HIS B 382 -3.21 27.05 -9.02
C HIS B 382 -2.99 25.61 -9.48
N PRO C 8 -27.98 0.22 28.07
CA PRO C 8 -26.55 0.59 28.09
C PRO C 8 -25.84 -0.16 26.96
N VAL C 9 -26.58 -0.52 25.92
CA VAL C 9 -26.05 -1.28 24.81
C VAL C 9 -25.28 -0.52 23.72
N THR C 10 -24.12 -1.06 23.38
CA THR C 10 -23.31 -0.45 22.35
C THR C 10 -23.34 -1.33 21.10
N CYS C 11 -23.21 -0.70 19.95
CA CYS C 11 -23.25 -1.42 18.70
C CYS C 11 -22.10 -1.02 17.82
N CYS C 12 -22.12 -1.53 16.60
CA CYS C 12 -21.09 -1.21 15.64
C CYS C 12 -21.80 -0.57 14.45
N TYR C 13 -21.26 0.55 13.97
CA TYR C 13 -21.86 1.22 12.83
C TYR C 13 -20.95 1.23 11.62
N ASN C 14 -19.68 0.94 11.85
CA ASN C 14 -18.69 0.88 10.79
C ASN C 14 -17.68 -0.18 11.22
N PHE C 15 -17.04 -0.79 10.23
CA PHE C 15 -16.03 -1.82 10.49
C PHE C 15 -14.65 -1.23 10.21
N THR C 16 -13.64 -1.73 10.92
CA THR C 16 -12.28 -1.28 10.68
C THR C 16 -11.81 -2.07 9.46
N ASN C 17 -11.28 -1.39 8.46
CA ASN C 17 -10.80 -2.10 7.29
C ASN C 17 -9.34 -2.50 7.52
N ARG C 18 -8.86 -2.21 8.72
CA ARG C 18 -7.47 -2.47 9.10
C ARG C 18 -7.28 -3.55 10.16
N LYS C 19 -6.58 -4.60 9.76
CA LYS C 19 -6.26 -5.74 10.62
C LYS C 19 -5.48 -5.33 11.87
N ILE C 20 -5.87 -5.84 13.02
CA ILE C 20 -5.19 -5.53 14.27
C ILE C 20 -4.19 -6.63 14.56
N SER C 21 -3.00 -6.23 14.98
CA SER C 21 -1.93 -7.17 15.33
C SER C 21 -2.46 -8.15 16.38
N VAL C 22 -2.42 -9.43 16.06
CA VAL C 22 -2.91 -10.47 16.96
C VAL C 22 -2.22 -10.46 18.32
N GLN C 23 -1.18 -9.66 18.49
CA GLN C 23 -0.49 -9.60 19.77
C GLN C 23 -0.98 -8.40 20.56
N ARG C 24 -1.99 -7.73 20.04
CA ARG C 24 -2.57 -6.59 20.72
C ARG C 24 -4.05 -6.84 20.95
N LEU C 25 -4.46 -8.07 20.68
CA LEU C 25 -5.86 -8.48 20.87
C LEU C 25 -6.03 -9.25 22.17
N ALA C 26 -6.72 -8.65 23.13
CA ALA C 26 -6.94 -9.30 24.42
C ALA C 26 -7.97 -10.41 24.27
N SER C 27 -9.16 -10.04 23.83
CA SER C 27 -10.25 -10.99 23.64
C SER C 27 -11.21 -10.48 22.59
N TYR C 28 -12.34 -11.17 22.44
CA TYR C 28 -13.33 -10.76 21.46
C TYR C 28 -14.72 -11.21 21.87
N ARG C 29 -15.74 -10.59 21.30
CA ARG C 29 -17.12 -10.96 21.58
C ARG C 29 -17.95 -10.64 20.33
N ARG C 30 -19.15 -11.18 20.26
CA ARG C 30 -20.04 -10.91 19.11
C ARG C 30 -21.24 -10.06 19.53
N ILE C 31 -21.76 -9.27 18.61
CA ILE C 31 -22.93 -8.45 18.88
C ILE C 31 -24.13 -9.39 18.88
N THR C 32 -24.91 -9.37 19.96
CA THR C 32 -26.08 -10.25 20.04
C THR C 32 -27.40 -9.51 20.19
N SER C 33 -27.36 -8.33 20.77
CA SER C 33 -28.54 -7.50 21.01
C SER C 33 -29.38 -7.11 19.79
N SER C 34 -30.69 -7.30 19.91
CA SER C 34 -31.62 -6.94 18.84
C SER C 34 -31.65 -5.42 18.62
N LYS C 35 -31.03 -4.67 19.54
CA LYS C 35 -30.97 -3.23 19.44
C LYS C 35 -29.98 -2.77 18.39
N CYS C 36 -29.04 -3.66 18.02
CA CYS C 36 -28.02 -3.34 17.03
C CYS C 36 -28.45 -3.64 15.61
N PRO C 37 -27.92 -2.87 14.65
CA PRO C 37 -28.23 -2.99 13.22
C PRO C 37 -27.36 -3.94 12.38
N LYS C 38 -26.10 -4.12 12.75
CA LYS C 38 -25.22 -4.97 11.95
C LYS C 38 -24.48 -6.07 12.70
N GLU C 39 -24.35 -7.23 12.05
CA GLU C 39 -23.63 -8.36 12.62
C GLU C 39 -22.22 -7.80 12.88
N ALA C 40 -21.61 -8.15 13.99
CA ALA C 40 -20.28 -7.62 14.25
C ALA C 40 -19.41 -8.32 15.28
N VAL C 41 -18.12 -8.33 15.01
CA VAL C 41 -17.17 -8.91 15.94
C VAL C 41 -16.51 -7.73 16.63
N ILE C 42 -16.54 -7.71 17.94
CA ILE C 42 -15.91 -6.64 18.66
C ILE C 42 -14.63 -7.16 19.33
N PHE C 43 -13.50 -6.61 18.92
CA PHE C 43 -12.20 -6.98 19.47
C PHE C 43 -11.82 -6.07 20.62
N LYS C 44 -11.29 -6.67 21.68
CA LYS C 44 -10.83 -5.91 22.83
C LYS C 44 -9.31 -5.98 22.77
N THR C 45 -8.66 -4.83 22.69
CA THR C 45 -7.20 -4.80 22.62
C THR C 45 -6.60 -5.01 23.99
N ILE C 46 -5.29 -5.21 24.04
CA ILE C 46 -4.60 -5.43 25.31
C ILE C 46 -4.70 -4.17 26.18
N VAL C 47 -5.03 -3.04 25.56
CA VAL C 47 -5.16 -1.80 26.29
C VAL C 47 -6.63 -1.54 26.64
N ALA C 48 -7.45 -2.57 26.48
CA ALA C 48 -8.88 -2.53 26.79
C ALA C 48 -9.75 -1.61 25.94
N LYS C 49 -9.37 -1.41 24.68
CA LYS C 49 -10.16 -0.59 23.78
C LYS C 49 -10.88 -1.54 22.84
N GLU C 50 -12.09 -1.19 22.45
CA GLU C 50 -12.84 -2.06 21.56
C GLU C 50 -12.90 -1.54 20.13
N ILE C 51 -12.88 -2.48 19.19
CA ILE C 51 -12.94 -2.14 17.78
C ILE C 51 -13.85 -3.09 17.00
N CYS C 52 -14.67 -2.52 16.14
CA CYS C 52 -15.60 -3.29 15.33
C CYS C 52 -14.93 -3.90 14.12
N ALA C 53 -15.27 -5.16 13.84
CA ALA C 53 -14.69 -5.87 12.70
C ALA C 53 -15.72 -6.77 12.02
N ASP C 54 -15.67 -6.77 10.69
CA ASP C 54 -16.57 -7.55 9.88
C ASP C 54 -16.19 -9.03 9.92
N PRO C 55 -17.08 -9.86 10.46
CA PRO C 55 -16.94 -11.31 10.62
C PRO C 55 -16.60 -12.02 9.31
N LYS C 56 -16.96 -11.41 8.19
CA LYS C 56 -16.73 -11.98 6.87
C LYS C 56 -15.28 -11.89 6.36
N GLN C 57 -14.50 -10.96 6.90
CA GLN C 57 -13.11 -10.82 6.45
C GLN C 57 -12.29 -11.96 7.04
N LYS C 58 -11.37 -12.50 6.25
CA LYS C 58 -10.56 -13.62 6.69
C LYS C 58 -9.65 -13.34 7.88
N TRP C 59 -9.02 -12.17 7.93
CA TRP C 59 -8.13 -11.87 9.04
C TRP C 59 -8.86 -11.88 10.37
N VAL C 60 -10.15 -11.54 10.35
CA VAL C 60 -10.93 -11.52 11.58
C VAL C 60 -11.21 -12.92 12.10
N GLN C 61 -11.47 -13.85 11.19
CA GLN C 61 -11.76 -15.21 11.63
C GLN C 61 -10.48 -15.95 12.04
N ASP C 62 -9.33 -15.50 11.54
CA ASP C 62 -8.08 -16.13 11.93
C ASP C 62 -7.75 -15.59 13.32
N SER C 63 -8.13 -14.34 13.59
CA SER C 63 -7.86 -13.72 14.88
C SER C 63 -8.69 -14.43 15.95
N ILE C 64 -9.91 -14.80 15.57
CA ILE C 64 -10.82 -15.50 16.46
C ILE C 64 -10.33 -16.93 16.67
N ASP C 65 -9.84 -17.56 15.61
CA ASP C 65 -9.33 -18.92 15.72
C ASP C 65 -8.13 -18.94 16.66
N HIS C 66 -7.36 -17.85 16.63
CA HIS C 66 -6.19 -17.72 17.47
C HIS C 66 -6.64 -17.47 18.91
N LEU C 67 -7.50 -16.48 19.09
CA LEU C 67 -7.99 -16.17 20.42
C LEU C 67 -8.72 -17.35 21.05
N ASP C 68 -9.30 -18.20 20.21
CA ASP C 68 -9.99 -19.36 20.71
C ASP C 68 -9.01 -20.40 21.23
N LYS C 69 -7.90 -20.57 20.52
CA LYS C 69 -6.88 -21.55 20.92
C LYS C 69 -6.16 -21.21 22.23
N GLN C 70 -5.96 -19.92 22.51
CA GLN C 70 -5.27 -19.53 23.73
C GLN C 70 -6.22 -19.37 24.92
N THR C 71 -7.16 -20.30 25.06
CA THR C 71 -8.11 -20.27 26.17
C THR C 71 -8.49 -21.68 26.62
N PRO D 8 3.62 39.62 -40.13
CA PRO D 8 2.57 40.34 -40.89
C PRO D 8 1.16 39.85 -40.57
N VAL D 9 0.54 39.18 -41.53
CA VAL D 9 -0.82 38.65 -41.42
C VAL D 9 -1.33 38.28 -40.03
N THR D 10 -2.46 38.84 -39.64
CA THR D 10 -3.06 38.53 -38.36
C THR D 10 -4.34 37.72 -38.58
N CYS D 11 -4.64 36.83 -37.65
CA CYS D 11 -5.82 35.98 -37.79
C CYS D 11 -6.62 35.90 -36.50
N CYS D 12 -7.77 35.24 -36.59
CA CYS D 12 -8.64 35.09 -35.46
C CYS D 12 -8.61 33.65 -34.99
N TYR D 13 -8.41 33.45 -33.70
CA TYR D 13 -8.37 32.10 -33.15
C TYR D 13 -9.49 31.86 -32.15
N ASN D 14 -10.18 32.92 -31.76
CA ASN D 14 -11.29 32.82 -30.82
C ASN D 14 -12.26 33.96 -31.13
N PHE D 15 -13.54 33.68 -31.01
CA PHE D 15 -14.55 34.69 -31.28
C PHE D 15 -15.07 35.20 -29.96
N THR D 16 -15.56 36.43 -29.95
CA THR D 16 -16.11 36.97 -28.72
C THR D 16 -17.58 36.63 -28.72
N ASN D 17 -18.10 36.25 -27.56
CA ASN D 17 -19.51 35.90 -27.45
C ASN D 17 -20.32 37.04 -26.85
N ARG D 18 -19.63 38.12 -26.53
CA ARG D 18 -20.26 39.31 -25.96
C ARG D 18 -20.41 40.38 -27.04
N LYS D 19 -21.65 40.76 -27.29
CA LYS D 19 -21.95 41.77 -28.29
C LYS D 19 -21.31 43.10 -27.91
N ILE D 20 -20.85 43.83 -28.91
CA ILE D 20 -20.24 45.14 -28.71
C ILE D 20 -21.30 46.16 -29.11
N SER D 21 -21.54 47.14 -28.26
CA SER D 21 -22.54 48.15 -28.58
C SER D 21 -22.16 48.80 -29.91
N VAL D 22 -23.11 48.86 -30.84
CA VAL D 22 -22.85 49.42 -32.16
C VAL D 22 -22.13 50.78 -32.13
N GLN D 23 -22.48 51.62 -31.16
CA GLN D 23 -21.87 52.93 -31.05
C GLN D 23 -20.35 52.87 -30.85
N ARG D 24 -19.85 51.72 -30.41
CA ARG D 24 -18.41 51.55 -30.18
C ARG D 24 -17.68 51.03 -31.39
N LEU D 25 -18.42 50.74 -32.45
CA LEU D 25 -17.81 50.20 -33.66
C LEU D 25 -17.58 51.26 -34.72
N ALA D 26 -16.35 51.28 -35.24
CA ALA D 26 -15.97 52.20 -36.29
C ALA D 26 -16.05 51.51 -37.66
N SER D 27 -15.54 50.28 -37.74
CA SER D 27 -15.58 49.53 -38.99
C SER D 27 -15.37 48.05 -38.78
N TYR D 28 -15.30 47.31 -39.87
CA TYR D 28 -15.09 45.88 -39.82
C TYR D 28 -14.55 45.43 -41.17
N ARG D 29 -13.79 44.35 -41.16
CA ARG D 29 -13.26 43.80 -42.40
C ARG D 29 -13.42 42.32 -42.19
N ARG D 30 -13.30 41.54 -43.25
CA ARG D 30 -13.43 40.10 -43.14
C ARG D 30 -12.07 39.46 -43.37
N ILE D 31 -11.87 38.29 -42.79
CA ILE D 31 -10.62 37.58 -42.98
C ILE D 31 -10.64 37.00 -44.40
N THR D 32 -9.59 37.28 -45.17
CA THR D 32 -9.51 36.77 -46.53
C THR D 32 -8.24 35.95 -46.76
N SER D 33 -7.25 36.12 -45.88
CA SER D 33 -5.99 35.41 -46.04
C SER D 33 -6.07 33.89 -45.87
N SER D 34 -5.28 33.17 -46.68
CA SER D 34 -5.23 31.72 -46.65
C SER D 34 -4.40 31.24 -45.48
N LYS D 35 -3.56 32.14 -44.96
CA LYS D 35 -2.72 31.80 -43.83
C LYS D 35 -3.59 31.67 -42.57
N CYS D 36 -4.84 32.11 -42.67
CA CYS D 36 -5.75 32.06 -41.53
C CYS D 36 -6.58 30.78 -41.51
N PRO D 37 -6.88 30.25 -40.30
CA PRO D 37 -7.66 29.02 -40.07
C PRO D 37 -9.18 29.15 -39.92
N LYS D 38 -9.66 30.27 -39.40
CA LYS D 38 -11.09 30.43 -39.21
C LYS D 38 -11.67 31.61 -39.96
N GLU D 39 -12.92 31.47 -40.37
CA GLU D 39 -13.62 32.54 -41.07
C GLU D 39 -13.93 33.57 -39.98
N ALA D 40 -13.72 34.85 -40.24
CA ALA D 40 -14.02 35.82 -39.20
C ALA D 40 -14.29 37.22 -39.66
N VAL D 41 -15.01 37.94 -38.80
CA VAL D 41 -15.32 39.34 -39.04
C VAL D 41 -14.47 40.06 -37.99
N ILE D 42 -13.74 41.09 -38.40
CA ILE D 42 -12.93 41.83 -37.45
C ILE D 42 -13.47 43.25 -37.31
N PHE D 43 -14.04 43.51 -36.14
CA PHE D 43 -14.59 44.81 -35.81
C PHE D 43 -13.48 45.70 -35.30
N LYS D 44 -13.52 46.96 -35.69
CA LYS D 44 -12.55 47.92 -35.22
C LYS D 44 -13.37 48.91 -34.40
N THR D 45 -12.97 49.12 -33.15
CA THR D 45 -13.67 50.03 -32.26
C THR D 45 -13.33 51.48 -32.56
N ILE D 46 -14.05 52.40 -31.92
CA ILE D 46 -13.82 53.83 -32.09
C ILE D 46 -12.47 54.17 -31.49
N VAL D 47 -11.91 53.24 -30.71
CA VAL D 47 -10.62 53.45 -30.09
C VAL D 47 -9.56 52.70 -30.87
N ALA D 48 -9.90 52.29 -32.09
CA ALA D 48 -8.97 51.59 -32.97
C ALA D 48 -8.58 50.18 -32.50
N LYS D 49 -9.40 49.56 -31.68
CA LYS D 49 -9.11 48.21 -31.21
C LYS D 49 -9.88 47.20 -32.06
N GLU D 50 -9.26 46.05 -32.33
CA GLU D 50 -9.88 45.01 -33.13
C GLU D 50 -10.34 43.83 -32.29
N ILE D 51 -11.55 43.34 -32.58
CA ILE D 51 -12.11 42.21 -31.88
C ILE D 51 -12.62 41.22 -32.90
N CYS D 52 -12.34 39.94 -32.68
CA CYS D 52 -12.75 38.85 -33.57
C CYS D 52 -14.20 38.45 -33.32
N ALA D 53 -15.00 38.34 -34.38
CA ALA D 53 -16.41 37.98 -34.22
C ALA D 53 -16.89 36.88 -35.17
N ASP D 54 -17.85 36.09 -34.68
CA ASP D 54 -18.40 34.98 -35.44
C ASP D 54 -19.45 35.42 -36.47
N PRO D 55 -19.24 35.06 -37.74
CA PRO D 55 -20.19 35.42 -38.80
C PRO D 55 -21.59 34.80 -38.62
N LYS D 56 -21.63 33.60 -38.05
CA LYS D 56 -22.90 32.90 -37.87
C LYS D 56 -23.79 33.50 -36.78
N GLN D 57 -23.28 34.47 -36.03
CA GLN D 57 -24.07 35.09 -34.95
C GLN D 57 -24.95 36.26 -35.38
N LYS D 58 -26.16 36.32 -34.84
CA LYS D 58 -27.13 37.35 -35.17
C LYS D 58 -26.61 38.78 -34.96
N TRP D 59 -26.05 39.07 -33.78
CA TRP D 59 -25.57 40.42 -33.52
C TRP D 59 -24.47 40.87 -34.48
N VAL D 60 -23.66 39.94 -34.95
CA VAL D 60 -22.58 40.30 -35.86
C VAL D 60 -23.14 40.73 -37.24
N GLN D 61 -24.14 40.02 -37.74
CA GLN D 61 -24.72 40.37 -39.02
C GLN D 61 -25.44 41.71 -38.89
N ASP D 62 -26.19 41.90 -37.82
CA ASP D 62 -26.89 43.17 -37.61
C ASP D 62 -25.88 44.31 -37.55
N SER D 63 -24.74 44.08 -36.92
CA SER D 63 -23.71 45.11 -36.82
C SER D 63 -23.12 45.41 -38.19
N ILE D 64 -23.04 44.39 -39.03
CA ILE D 64 -22.49 44.60 -40.36
C ILE D 64 -23.46 45.45 -41.18
N ASP D 65 -24.76 45.22 -41.01
CA ASP D 65 -25.77 46.00 -41.74
C ASP D 65 -25.60 47.46 -41.39
N HIS D 66 -25.69 47.76 -40.10
CA HIS D 66 -25.56 49.11 -39.58
C HIS D 66 -24.37 49.82 -40.21
N LEU D 67 -23.20 49.18 -40.17
CA LEU D 67 -21.98 49.77 -40.73
C LEU D 67 -22.04 49.98 -42.24
N ASP D 68 -22.75 49.12 -42.96
CA ASP D 68 -22.83 49.29 -44.40
C ASP D 68 -23.84 50.36 -44.81
N LYS D 69 -24.92 50.47 -44.04
CA LYS D 69 -25.96 51.44 -44.32
C LYS D 69 -25.72 52.84 -43.75
N GLN D 70 -24.46 53.18 -43.50
CA GLN D 70 -24.15 54.52 -42.98
C GLN D 70 -22.98 55.10 -43.73
N THR D 71 -22.55 54.40 -44.76
CA THR D 71 -21.44 54.84 -45.59
C THR D 71 -21.94 55.71 -46.75
N HIS E 12 20.33 -11.48 17.96
CA HIS E 12 21.79 -11.60 18.23
C HIS E 12 22.54 -12.23 17.06
N SER E 13 23.83 -11.94 16.97
CA SER E 13 24.64 -12.45 15.87
C SER E 13 25.21 -13.85 16.10
N SER E 14 25.13 -14.35 17.33
CA SER E 14 25.63 -15.69 17.64
C SER E 14 24.64 -16.45 18.51
N GLY E 15 24.79 -17.77 18.59
CA GLY E 15 23.89 -18.56 19.42
C GLY E 15 23.60 -20.00 19.04
N VAL E 16 22.75 -20.63 19.85
CA VAL E 16 22.35 -22.01 19.64
C VAL E 16 20.85 -22.05 19.89
N SER E 17 20.12 -22.64 18.95
CA SER E 17 18.67 -22.75 19.07
C SER E 17 18.18 -24.10 18.55
N THR E 18 17.07 -24.56 19.09
CA THR E 18 16.51 -25.86 18.72
C THR E 18 15.03 -25.80 18.37
N GLN E 19 14.55 -26.87 17.75
CA GLN E 19 13.16 -26.98 17.36
C GLN E 19 12.88 -28.40 16.88
N SER E 20 11.62 -28.79 16.92
CA SER E 20 11.25 -30.13 16.45
C SER E 20 11.15 -30.07 14.92
N VAL E 21 11.35 -31.21 14.27
CA VAL E 21 11.26 -31.29 12.81
C VAL E 21 10.31 -32.42 12.44
N ASP E 22 9.14 -32.06 11.95
CA ASP E 22 8.13 -33.02 11.54
C ASP E 22 8.02 -32.94 10.03
N LEU E 23 8.66 -33.88 9.32
CA LEU E 23 8.63 -33.88 7.86
C LEU E 23 7.23 -33.98 7.27
N SER E 24 6.32 -34.56 8.04
CA SER E 24 4.94 -34.71 7.59
C SER E 24 4.34 -33.35 7.26
N GLN E 25 4.67 -32.36 8.07
CA GLN E 25 4.14 -31.02 7.89
C GLN E 25 5.09 -30.07 7.19
N ILE E 26 6.00 -30.62 6.40
CA ILE E 26 6.95 -29.82 5.65
C ILE E 26 6.75 -30.18 4.18
N LYS E 27 6.30 -29.22 3.38
CA LYS E 27 6.03 -29.45 1.96
C LYS E 27 7.10 -30.30 1.27
N ARG E 28 6.75 -31.54 0.99
CA ARG E 28 7.64 -32.48 0.33
C ARG E 28 8.93 -32.66 1.11
N GLY E 29 8.85 -32.49 2.42
CA GLY E 29 10.01 -32.63 3.27
C GLY E 29 10.68 -33.97 3.09
N ASP E 30 9.86 -34.99 2.82
CA ASP E 30 10.33 -36.34 2.63
C ASP E 30 11.29 -36.44 1.46
N GLU E 31 10.94 -35.81 0.34
CA GLU E 31 11.78 -35.84 -0.85
C GLU E 31 13.06 -35.04 -0.69
N ILE E 32 12.96 -33.89 -0.03
CA ILE E 32 14.10 -33.04 0.24
C ILE E 32 15.11 -33.86 1.04
N GLN E 33 14.61 -34.61 2.01
CA GLN E 33 15.45 -35.44 2.85
C GLN E 33 16.08 -36.57 2.06
N ALA E 34 15.30 -37.20 1.20
CA ALA E 34 15.75 -38.33 0.40
C ALA E 34 16.67 -37.99 -0.78
N HIS E 35 16.45 -36.82 -1.40
CA HIS E 35 17.25 -36.43 -2.54
C HIS E 35 18.21 -35.25 -2.37
N CYS E 36 18.00 -34.44 -1.34
CA CYS E 36 18.88 -33.29 -1.13
C CYS E 36 19.77 -33.40 0.12
N LEU E 37 19.36 -34.20 1.08
CA LEU E 37 20.13 -34.36 2.31
C LEU E 37 20.58 -35.79 2.53
N THR E 38 20.47 -36.60 1.48
CA THR E 38 20.87 -37.99 1.50
C THR E 38 21.63 -38.23 0.20
N PRO E 39 22.85 -38.77 0.28
CA PRO E 39 23.60 -39.02 -0.96
C PRO E 39 22.87 -40.00 -1.87
N ALA E 40 22.32 -39.48 -2.95
CA ALA E 40 21.57 -40.30 -3.91
C ALA E 40 22.04 -40.05 -5.33
N GLU E 41 21.19 -39.43 -6.15
CA GLU E 41 21.56 -39.13 -7.52
C GLU E 41 22.82 -38.26 -7.52
N THR E 42 23.73 -38.55 -8.44
CA THR E 42 24.97 -37.79 -8.54
C THR E 42 24.83 -36.63 -9.51
N GLU E 43 23.65 -36.01 -9.49
CA GLU E 43 23.35 -34.88 -10.35
C GLU E 43 22.39 -33.99 -9.58
N VAL E 44 22.37 -32.70 -9.91
CA VAL E 44 21.51 -31.75 -9.21
C VAL E 44 20.04 -31.72 -9.66
N THR E 45 19.70 -32.44 -10.73
CA THR E 45 18.35 -32.42 -11.27
C THR E 45 17.18 -32.72 -10.32
N GLU E 46 17.24 -33.84 -9.61
CA GLU E 46 16.15 -34.19 -8.70
C GLU E 46 15.98 -33.19 -7.57
N CYS E 47 17.07 -32.87 -6.89
CA CYS E 47 16.99 -31.93 -5.79
C CYS E 47 16.62 -30.52 -6.28
N ALA E 48 17.09 -30.15 -7.47
CA ALA E 48 16.76 -28.84 -8.00
C ALA E 48 15.26 -28.79 -8.28
N GLY E 49 14.75 -29.86 -8.89
CA GLY E 49 13.33 -29.93 -9.21
C GLY E 49 12.41 -29.82 -8.01
N ILE E 50 12.83 -30.39 -6.89
CA ILE E 50 12.03 -30.31 -5.68
C ILE E 50 12.04 -28.88 -5.17
N LEU E 51 13.22 -28.37 -4.87
CA LEU E 51 13.37 -27.02 -4.34
C LEU E 51 12.71 -25.96 -5.21
N LYS E 52 12.88 -26.06 -6.53
CA LYS E 52 12.27 -25.09 -7.44
C LYS E 52 10.79 -24.94 -7.09
N ASP E 53 10.14 -26.06 -6.78
CA ASP E 53 8.74 -26.02 -6.42
C ASP E 53 8.49 -25.48 -5.03
N VAL E 54 8.94 -26.20 -4.00
CA VAL E 54 8.72 -25.80 -2.62
C VAL E 54 9.30 -24.44 -2.21
N LEU E 55 10.55 -24.18 -2.58
CA LEU E 55 11.20 -22.92 -2.22
C LEU E 55 10.65 -21.69 -2.92
N SER E 56 10.01 -21.88 -4.08
CA SER E 56 9.45 -20.75 -4.78
C SER E 56 8.19 -20.33 -4.03
N LYS E 57 7.65 -21.25 -3.25
CA LYS E 57 6.46 -21.00 -2.45
C LYS E 57 6.83 -20.40 -1.10
N ASN E 58 7.84 -20.98 -0.46
CA ASN E 58 8.32 -20.52 0.84
C ASN E 58 9.84 -20.53 0.85
N LEU E 59 10.42 -19.37 0.56
CA LEU E 59 11.87 -19.21 0.47
C LEU E 59 12.72 -19.79 1.58
N HIS E 60 12.25 -19.73 2.82
CA HIS E 60 13.05 -20.24 3.93
C HIS E 60 12.72 -21.65 4.41
N GLU E 61 11.93 -22.36 3.62
CA GLU E 61 11.50 -23.73 3.92
C GLU E 61 12.57 -24.65 4.50
N LEU E 62 13.79 -24.56 3.97
CA LEU E 62 14.89 -25.40 4.43
C LEU E 62 15.21 -25.24 5.93
N GLN E 63 14.91 -24.07 6.48
CA GLN E 63 15.18 -23.82 7.89
C GLN E 63 14.33 -24.70 8.79
N GLY E 64 13.26 -25.26 8.25
CA GLY E 64 12.41 -26.13 9.04
C GLY E 64 13.00 -27.53 9.19
N LEU E 65 14.10 -27.78 8.48
CA LEU E 65 14.75 -29.09 8.53
C LEU E 65 15.92 -29.17 9.52
N CYS E 66 16.28 -28.03 10.11
CA CYS E 66 17.37 -28.01 11.07
C CYS E 66 16.82 -28.32 12.46
N ASN E 67 17.30 -29.38 13.08
CA ASN E 67 16.86 -29.72 14.42
C ASN E 67 17.60 -28.79 15.38
N VAL E 68 18.82 -28.43 14.99
CA VAL E 68 19.67 -27.56 15.79
C VAL E 68 20.41 -26.55 14.93
N LYS E 69 20.39 -25.29 15.35
CA LYS E 69 21.08 -24.25 14.62
C LYS E 69 22.14 -23.63 15.53
N ASN E 70 23.35 -23.53 15.01
CA ASN E 70 24.47 -22.96 15.76
C ASN E 70 25.11 -21.86 14.90
N LYS E 71 24.88 -20.61 15.24
CA LYS E 71 25.44 -19.50 14.47
C LYS E 71 26.52 -18.72 15.23
N MET E 72 27.48 -18.22 14.47
CA MET E 72 28.58 -17.45 15.02
C MET E 72 28.82 -16.25 14.11
N GLY E 73 29.19 -15.13 14.71
CA GLY E 73 29.44 -13.93 13.93
C GLY E 73 30.91 -13.80 13.56
N VAL E 74 31.18 -13.58 12.27
CA VAL E 74 32.55 -13.44 11.81
C VAL E 74 32.74 -12.11 11.08
N PRO E 75 33.86 -11.43 11.35
CA PRO E 75 34.18 -10.14 10.73
C PRO E 75 34.40 -10.24 9.24
N TRP E 76 34.08 -9.17 8.52
CA TRP E 76 34.34 -9.15 7.09
C TRP E 76 35.84 -9.00 6.92
N VAL E 77 36.36 -9.50 5.81
CA VAL E 77 37.78 -9.38 5.48
C VAL E 77 37.77 -9.00 4.00
N SER E 78 38.01 -7.73 3.71
CA SER E 78 37.98 -7.23 2.34
C SER E 78 39.21 -7.50 1.49
N VAL E 79 39.03 -7.33 0.20
CA VAL E 79 40.10 -7.51 -0.79
C VAL E 79 39.80 -6.51 -1.89
N GLU E 80 40.12 -5.24 -1.62
CA GLU E 80 39.90 -4.12 -2.55
C GLU E 80 40.35 -4.48 -3.96
N GLU E 81 41.44 -5.21 -4.01
CA GLU E 81 41.99 -5.69 -5.27
C GLU E 81 40.98 -6.26 -6.29
N LEU E 82 40.23 -7.33 -5.95
CA LEU E 82 39.26 -7.88 -6.89
C LEU E 82 37.79 -7.55 -6.58
N GLY E 83 37.63 -6.66 -5.59
CA GLY E 83 36.38 -6.17 -5.07
C GLY E 83 35.63 -7.21 -4.28
N GLN E 84 36.38 -7.97 -3.49
CA GLN E 84 35.84 -9.09 -2.69
C GLN E 84 35.67 -8.83 -1.20
N GLU E 85 34.61 -9.40 -0.65
CA GLU E 85 34.28 -9.31 0.76
C GLU E 85 34.18 -10.75 1.20
N ILE E 86 35.08 -11.16 2.09
CA ILE E 86 35.08 -12.55 2.52
C ILE E 86 34.89 -12.81 4.01
N ILE E 87 33.89 -13.64 4.31
CA ILE E 87 33.62 -14.04 5.68
C ILE E 87 34.07 -15.50 5.71
N THR E 88 34.88 -15.83 6.70
CA THR E 88 35.39 -17.18 6.83
C THR E 88 35.38 -17.59 8.30
N GLY E 89 35.07 -18.86 8.56
CA GLY E 89 35.03 -19.34 9.92
C GLY E 89 35.08 -20.86 10.06
N ARG E 90 35.32 -21.32 11.28
CA ARG E 90 35.40 -22.74 11.58
C ARG E 90 34.16 -23.14 12.37
N LEU E 91 33.23 -23.85 11.74
CA LEU E 91 32.01 -24.27 12.42
C LEU E 91 32.25 -25.22 13.59
N PRO E 92 31.48 -25.06 14.68
CA PRO E 92 31.65 -25.94 15.84
C PRO E 92 30.86 -27.24 15.69
N PHE E 93 31.36 -28.11 14.82
CA PHE E 93 30.75 -29.41 14.56
C PHE E 93 30.45 -30.15 15.86
N PRO E 94 29.19 -30.50 16.07
CA PRO E 94 28.75 -31.19 17.28
C PRO E 94 29.45 -32.50 17.64
N SER E 95 30.10 -33.16 16.68
CA SER E 95 30.81 -34.40 17.02
C SER E 95 31.67 -34.97 15.91
N VAL E 96 32.48 -35.96 16.25
CA VAL E 96 33.36 -36.60 15.29
C VAL E 96 32.56 -36.89 14.04
N GLY E 97 32.99 -36.33 12.91
CA GLY E 97 32.30 -36.53 11.65
C GLY E 97 32.16 -37.98 11.23
N GLY E 98 33.24 -38.74 11.36
CA GLY E 98 33.23 -40.14 10.98
C GLY E 98 34.63 -40.75 10.88
N THR E 99 34.67 -41.95 10.30
CA THR E 99 35.90 -42.70 10.11
C THR E 99 36.04 -42.92 8.59
N PRO E 100 37.22 -43.33 8.10
CA PRO E 100 37.36 -43.54 6.64
C PRO E 100 36.42 -44.63 6.09
N VAL E 101 36.04 -45.58 6.94
CA VAL E 101 35.15 -46.68 6.54
C VAL E 101 33.71 -46.23 6.29
N ASN E 102 33.30 -45.09 6.86
CA ASN E 102 31.95 -44.57 6.66
C ASN E 102 31.73 -44.16 5.22
N ASP E 103 30.51 -43.79 4.90
CA ASP E 103 30.21 -43.37 3.54
C ASP E 103 30.21 -41.88 3.43
N LEU E 104 29.25 -41.34 2.67
CA LEU E 104 29.18 -39.92 2.48
C LEU E 104 27.97 -39.28 3.13
N VAL E 105 28.08 -37.99 3.42
CA VAL E 105 26.99 -37.23 3.98
C VAL E 105 26.71 -36.17 2.94
N ARG E 106 25.45 -36.01 2.57
CA ARG E 106 25.11 -34.98 1.60
C ARG E 106 24.66 -33.74 2.35
N VAL E 107 25.50 -32.71 2.32
CA VAL E 107 25.15 -31.48 2.99
C VAL E 107 24.66 -30.41 2.00
N LEU E 108 23.80 -29.53 2.49
CA LEU E 108 23.25 -28.45 1.68
C LEU E 108 23.97 -27.17 2.12
N VAL E 109 24.30 -26.30 1.18
CA VAL E 109 24.97 -25.06 1.54
C VAL E 109 24.11 -23.91 1.04
N VAL E 110 23.85 -22.95 1.92
CA VAL E 110 23.04 -21.79 1.57
C VAL E 110 23.74 -20.47 1.82
N ALA E 111 23.65 -19.58 0.83
CA ALA E 111 24.26 -18.26 0.91
C ALA E 111 23.17 -17.24 0.66
N GLU E 112 22.99 -16.29 1.58
CA GLU E 112 21.96 -15.28 1.40
C GLU E 112 22.24 -13.98 2.15
N SER E 113 21.38 -13.00 1.91
CA SER E 113 21.49 -11.70 2.55
C SER E 113 20.11 -11.10 2.45
N ASN E 114 19.90 -9.95 3.06
CA ASN E 114 18.61 -9.30 2.99
C ASN E 114 18.49 -8.68 1.62
N THR E 115 17.28 -8.63 1.08
CA THR E 115 17.08 -8.04 -0.23
C THR E 115 16.99 -6.54 0.01
N PRO E 116 17.97 -5.77 -0.50
CA PRO E 116 17.95 -4.32 -0.31
C PRO E 116 16.82 -3.69 -1.11
N GLU E 117 16.13 -2.73 -0.50
CA GLU E 117 15.02 -2.05 -1.13
C GLU E 117 15.38 -1.50 -2.50
N GLU E 118 16.29 -0.55 -2.52
CA GLU E 118 16.73 0.05 -3.78
C GLU E 118 17.65 -0.93 -4.49
N THR E 119 17.17 -1.48 -5.61
CA THR E 119 17.91 -2.44 -6.40
C THR E 119 19.37 -2.02 -6.58
N PRO E 120 20.30 -2.80 -6.01
CA PRO E 120 21.72 -2.48 -6.11
C PRO E 120 22.27 -2.48 -7.54
N GLU E 121 23.51 -2.07 -7.67
CA GLU E 121 24.19 -2.00 -8.97
C GLU E 121 24.16 -3.37 -9.64
N GLU E 122 24.90 -4.32 -9.05
CA GLU E 122 25.01 -5.66 -9.59
C GLU E 122 24.12 -6.72 -8.93
N GLU E 123 24.18 -7.91 -9.49
CA GLU E 123 23.41 -9.06 -9.01
C GLU E 123 24.07 -9.64 -7.76
N PHE E 124 23.30 -10.44 -7.02
CA PHE E 124 23.79 -11.08 -5.80
C PHE E 124 24.74 -12.20 -6.18
N TYR E 125 25.91 -12.25 -5.56
CA TYR E 125 26.86 -13.30 -5.87
C TYR E 125 27.53 -13.85 -4.63
N ALA E 126 27.78 -15.15 -4.64
CA ALA E 126 28.43 -15.80 -3.52
C ALA E 126 29.08 -17.08 -3.98
N TYR E 127 30.30 -17.29 -3.49
CA TYR E 127 31.04 -18.50 -3.80
C TYR E 127 31.49 -19.07 -2.46
N VAL E 128 31.07 -20.30 -2.16
CA VAL E 128 31.43 -20.92 -0.89
C VAL E 128 32.28 -22.17 -1.10
N GLU E 129 33.18 -22.43 -0.16
CA GLU E 129 34.05 -23.59 -0.24
C GLU E 129 34.38 -24.15 1.14
N LEU E 130 34.61 -25.46 1.18
CA LEU E 130 34.93 -26.15 2.42
C LEU E 130 36.28 -26.83 2.25
N GLN E 131 37.32 -26.22 2.80
CA GLN E 131 38.67 -26.77 2.66
C GLN E 131 39.16 -27.59 3.85
N THR E 132 39.76 -28.74 3.53
CA THR E 132 40.33 -29.58 4.57
C THR E 132 41.81 -29.57 4.25
N GLU E 133 42.58 -30.40 4.93
CA GLU E 133 44.01 -30.43 4.71
C GLU E 133 44.40 -30.79 3.26
N LEU E 134 43.82 -31.87 2.74
CA LEU E 134 44.16 -32.30 1.39
C LEU E 134 43.32 -31.69 0.27
N TYR E 135 42.03 -31.98 0.28
CA TYR E 135 41.15 -31.46 -0.76
C TYR E 135 40.19 -30.36 -0.29
N THR E 136 39.96 -29.40 -1.18
CA THR E 136 39.05 -28.29 -0.91
C THR E 136 37.75 -28.48 -1.68
N PHE E 137 36.69 -28.82 -0.99
CA PHE E 137 35.41 -29.01 -1.67
C PHE E 137 34.81 -27.65 -2.07
N GLY E 138 34.76 -27.42 -3.39
CA GLY E 138 34.22 -26.18 -3.91
C GLY E 138 32.77 -26.32 -4.32
N LEU E 139 31.99 -25.27 -4.09
CA LEU E 139 30.58 -25.30 -4.45
C LEU E 139 30.38 -24.62 -5.79
N SER E 140 30.70 -25.35 -6.86
CA SER E 140 30.60 -24.85 -8.23
C SER E 140 29.18 -24.58 -8.70
N ASP E 141 29.09 -23.98 -9.89
CA ASP E 141 27.80 -23.67 -10.51
C ASP E 141 27.09 -24.99 -10.76
N ASP E 142 27.88 -26.07 -10.86
CA ASP E 142 27.33 -27.41 -11.09
C ASP E 142 26.79 -28.08 -9.83
N ASN E 143 26.96 -27.43 -8.67
CA ASN E 143 26.44 -27.96 -7.41
C ASN E 143 25.15 -27.24 -7.04
N VAL E 144 24.82 -26.20 -7.82
CA VAL E 144 23.63 -25.39 -7.58
C VAL E 144 22.33 -26.17 -7.73
N VAL E 145 21.47 -26.07 -6.72
CA VAL E 145 20.19 -26.73 -6.77
C VAL E 145 19.05 -25.72 -6.61
N PHE E 146 19.42 -24.45 -6.40
CA PHE E 146 18.41 -23.41 -6.27
C PHE E 146 19.01 -22.01 -6.18
N THR E 147 18.39 -21.08 -6.90
CA THR E 147 18.80 -19.69 -6.88
C THR E 147 17.58 -18.80 -6.86
N SER E 148 17.71 -17.66 -6.20
CA SER E 148 16.66 -16.68 -6.11
C SER E 148 17.42 -15.36 -6.18
N ASP E 149 16.73 -14.24 -6.11
CA ASP E 149 17.44 -12.97 -6.20
C ASP E 149 18.48 -12.76 -5.11
N TYR E 150 18.24 -13.27 -3.91
CA TYR E 150 19.20 -13.08 -2.83
C TYR E 150 19.56 -14.33 -2.02
N MET E 151 19.39 -15.50 -2.62
CA MET E 151 19.72 -16.75 -1.95
C MET E 151 20.14 -17.83 -2.94
N THR E 152 21.23 -18.52 -2.64
CA THR E 152 21.70 -19.58 -3.53
C THR E 152 21.82 -20.85 -2.69
N VAL E 153 21.42 -21.98 -3.26
CA VAL E 153 21.51 -23.25 -2.55
C VAL E 153 22.30 -24.26 -3.36
N TRP E 154 23.34 -24.82 -2.73
CA TRP E 154 24.17 -25.81 -3.41
C TRP E 154 23.97 -27.16 -2.74
N MET E 155 24.55 -28.18 -3.35
CA MET E 155 24.45 -29.53 -2.83
C MET E 155 25.75 -30.24 -3.13
N ILE E 156 26.18 -31.12 -2.22
CA ILE E 156 27.43 -31.82 -2.45
C ILE E 156 27.71 -32.93 -1.42
N ASP E 157 28.27 -34.03 -1.93
CA ASP E 157 28.62 -35.21 -1.14
C ASP E 157 30.06 -35.15 -0.68
N ILE E 158 30.26 -35.31 0.62
CA ILE E 158 31.60 -35.26 1.21
C ILE E 158 31.82 -36.44 2.13
N PRO E 159 33.02 -37.03 2.10
CA PRO E 159 33.27 -38.17 3.00
C PRO E 159 33.07 -37.65 4.43
N LYS E 160 32.24 -38.34 5.20
CA LYS E 160 31.94 -37.93 6.58
C LYS E 160 33.12 -37.57 7.46
N SER E 161 34.21 -38.32 7.34
CA SER E 161 35.40 -38.07 8.16
C SER E 161 35.99 -36.69 7.93
N TYR E 162 35.66 -36.08 6.80
CA TYR E 162 36.17 -34.75 6.49
C TYR E 162 35.39 -33.68 7.24
N VAL E 163 34.10 -33.95 7.42
CA VAL E 163 33.20 -33.02 8.09
C VAL E 163 33.38 -33.02 9.61
N ASP E 164 34.46 -32.39 10.06
CA ASP E 164 34.77 -32.31 11.48
C ASP E 164 35.64 -31.07 11.64
N VAL E 165 36.11 -30.80 12.85
CA VAL E 165 36.97 -29.64 13.07
C VAL E 165 38.16 -29.87 12.14
N GLY E 166 38.66 -28.81 11.55
CA GLY E 166 39.75 -28.94 10.60
C GLY E 166 39.24 -28.39 9.28
N MET E 167 37.99 -28.70 8.98
CA MET E 167 37.34 -28.22 7.76
C MET E 167 37.02 -26.74 7.99
N LEU E 168 37.44 -25.91 7.05
CA LEU E 168 37.21 -24.48 7.15
C LEU E 168 36.13 -24.06 6.13
N THR E 169 35.24 -23.15 6.54
CA THR E 169 34.19 -22.66 5.66
C THR E 169 34.51 -21.23 5.23
N ARG E 170 34.46 -20.96 3.93
CA ARG E 170 34.78 -19.63 3.41
C ARG E 170 33.78 -19.13 2.38
N ALA E 171 33.26 -17.92 2.58
CA ALA E 171 32.31 -17.37 1.64
C ALA E 171 32.83 -16.07 1.05
N THR E 172 32.61 -15.90 -0.25
CA THR E 172 33.06 -14.73 -0.95
C THR E 172 31.90 -14.04 -1.67
N PHE E 173 31.76 -12.75 -1.42
CA PHE E 173 30.71 -11.94 -2.04
C PHE E 173 31.42 -10.73 -2.67
N LEU E 174 30.69 -9.96 -3.48
CA LEU E 174 31.28 -8.79 -4.15
C LEU E 174 30.97 -7.46 -3.47
N GLU E 175 30.07 -7.51 -2.50
CA GLU E 175 29.68 -6.32 -1.76
C GLU E 175 29.53 -6.78 -0.31
N GLN E 176 29.46 -5.86 0.62
CA GLN E 176 29.26 -6.23 2.01
C GLN E 176 27.75 -6.26 2.22
N TRP E 177 27.09 -7.19 1.53
CA TRP E 177 25.64 -7.34 1.62
C TRP E 177 25.16 -7.40 3.06
N PRO E 178 24.29 -6.46 3.46
CA PRO E 178 23.81 -6.51 4.83
C PRO E 178 23.13 -7.84 5.13
N GLY E 179 23.47 -8.41 6.29
CA GLY E 179 22.88 -9.67 6.70
C GLY E 179 23.38 -10.90 5.95
N ALA E 180 24.57 -10.80 5.39
CA ALA E 180 25.13 -11.93 4.66
C ALA E 180 25.44 -13.07 5.62
N LYS E 181 24.97 -14.26 5.28
CA LYS E 181 25.22 -15.45 6.07
C LYS E 181 25.36 -16.70 5.19
N VAL E 182 26.19 -17.63 5.63
CA VAL E 182 26.41 -18.87 4.90
C VAL E 182 26.00 -19.98 5.84
N THR E 183 25.12 -20.85 5.39
CA THR E 183 24.67 -21.94 6.26
C THR E 183 24.99 -23.31 5.67
N VAL E 184 25.50 -24.19 6.51
CA VAL E 184 25.82 -25.54 6.08
C VAL E 184 24.92 -26.53 6.82
N MET E 185 23.95 -27.10 6.11
CA MET E 185 23.03 -28.05 6.71
C MET E 185 23.75 -29.40 6.69
N ILE E 186 23.95 -29.98 7.87
CA ILE E 186 24.62 -31.27 7.99
C ILE E 186 23.75 -32.33 8.67
N PRO E 187 23.25 -33.29 7.91
CA PRO E 187 22.42 -34.34 8.50
C PRO E 187 23.33 -35.41 9.11
N TYR E 188 23.22 -35.65 10.41
CA TYR E 188 24.05 -36.65 11.07
C TYR E 188 23.43 -38.04 11.10
N SER E 189 22.11 -38.08 10.95
CA SER E 189 21.36 -39.33 10.93
C SER E 189 20.17 -39.04 10.05
N SER E 190 19.37 -40.06 9.79
CA SER E 190 18.20 -39.88 8.95
C SER E 190 17.23 -38.88 9.57
N THR E 191 17.25 -38.72 10.89
CA THR E 191 16.32 -37.79 11.53
C THR E 191 16.95 -36.66 12.32
N PHE E 192 18.21 -36.37 12.09
CA PHE E 192 18.84 -35.27 12.80
C PHE E 192 19.72 -34.42 11.90
N THR E 193 19.32 -33.17 11.68
CA THR E 193 20.09 -32.26 10.85
C THR E 193 20.56 -31.08 11.68
N TRP E 194 21.87 -30.85 11.67
CA TRP E 194 22.50 -29.76 12.43
C TRP E 194 22.95 -28.70 11.42
N CYS E 195 22.61 -27.44 11.69
CA CYS E 195 22.96 -26.38 10.76
C CYS E 195 23.97 -25.41 11.33
N GLY E 196 25.12 -25.31 10.65
CA GLY E 196 26.16 -24.39 11.06
C GLY E 196 26.03 -23.10 10.27
N GLU E 197 25.87 -21.98 10.95
CA GLU E 197 25.71 -20.71 10.26
C GLU E 197 26.78 -19.68 10.63
N LEU E 198 27.34 -19.03 9.61
CA LEU E 198 28.35 -18.01 9.80
C LEU E 198 27.66 -16.71 9.48
N GLY E 199 27.58 -15.83 10.46
CA GLY E 199 26.93 -14.54 10.27
C GLY E 199 27.93 -13.43 10.09
N ALA E 200 27.72 -12.62 9.06
CA ALA E 200 28.63 -11.53 8.75
C ALA E 200 28.46 -10.31 9.67
N ILE E 201 29.53 -9.96 10.36
CA ILE E 201 29.54 -8.77 11.21
C ILE E 201 30.72 -7.90 10.78
N SER E 202 30.59 -6.60 11.05
CA SER E 202 31.60 -5.59 10.69
C SER E 202 33.08 -5.95 10.85
N GLU E 203 33.88 -5.55 9.85
CA GLU E 203 35.32 -5.79 9.80
C GLU E 203 35.96 -5.39 11.12
N GLU E 204 35.56 -4.21 11.59
CA GLU E 204 36.06 -3.62 12.83
C GLU E 204 35.71 -4.44 14.06
N SER E 205 34.62 -5.21 13.95
CA SER E 205 34.16 -6.04 15.05
C SER E 205 35.07 -7.26 15.19
N ALA E 206 35.02 -7.89 16.36
CA ALA E 206 35.82 -9.09 16.60
C ALA E 206 34.87 -10.29 16.60
N PRO E 207 35.37 -11.46 16.21
CA PRO E 207 34.57 -12.68 16.16
C PRO E 207 33.60 -12.87 17.33
N GLN E 208 32.37 -13.25 17.00
CA GLN E 208 31.33 -13.50 17.98
C GLN E 208 30.94 -14.98 17.98
N PRO E 209 31.71 -15.82 18.68
CA PRO E 209 31.43 -17.26 18.74
C PRO E 209 30.28 -17.59 19.67
N SER E 210 29.56 -18.66 19.36
CA SER E 210 28.45 -19.12 20.16
C SER E 210 28.97 -19.89 21.36
N LEU E 211 28.13 -20.11 22.37
CA LEU E 211 28.58 -20.87 23.52
C LEU E 211 28.65 -22.35 23.15
N SER E 212 29.73 -22.71 22.47
CA SER E 212 29.97 -24.08 22.03
C SER E 212 31.37 -24.50 22.48
N ALA E 213 31.47 -25.65 23.14
CA ALA E 213 32.76 -26.12 23.62
C ALA E 213 32.95 -27.59 23.31
N ARG E 214 34.21 -27.99 23.26
CA ARG E 214 34.57 -29.37 22.97
C ARG E 214 35.38 -29.81 24.20
N SER E 215 34.91 -30.85 24.88
CA SER E 215 35.60 -31.34 26.06
C SER E 215 36.01 -32.80 25.97
N PRO E 216 37.31 -33.08 26.09
CA PRO E 216 37.80 -34.46 26.03
C PRO E 216 37.77 -35.02 27.45
N VAL E 217 36.63 -35.59 27.83
CA VAL E 217 36.43 -36.16 29.15
C VAL E 217 37.55 -37.07 29.67
N CYS E 218 38.15 -37.89 28.79
CA CYS E 218 39.21 -38.78 29.22
C CYS E 218 40.61 -38.39 28.69
N LYS E 219 41.27 -37.45 29.35
CA LYS E 219 42.61 -37.06 28.92
C LYS E 219 43.54 -38.08 29.55
N ASN E 220 44.56 -38.49 28.81
CA ASN E 220 45.50 -39.50 29.29
C ASN E 220 44.70 -40.77 29.58
N SER E 221 44.21 -41.39 28.51
CA SER E 221 43.40 -42.60 28.63
C SER E 221 44.09 -43.72 29.40
N ALA E 222 45.42 -43.68 29.44
CA ALA E 222 46.18 -44.71 30.15
C ALA E 222 45.91 -44.62 31.66
N ARG E 223 45.66 -43.40 32.12
CA ARG E 223 45.37 -43.15 33.53
C ARG E 223 44.22 -44.06 33.97
N TYR E 224 43.38 -44.40 33.01
CA TYR E 224 42.21 -45.23 33.24
C TYR E 224 42.37 -46.71 32.97
N SER E 225 43.58 -47.17 32.71
CA SER E 225 43.81 -48.59 32.43
C SER E 225 43.61 -49.49 33.65
N THR E 226 43.54 -48.90 34.82
CA THR E 226 43.32 -49.66 36.04
C THR E 226 42.52 -48.80 37.00
N SER E 227 42.19 -49.37 38.15
CA SER E 227 41.41 -48.66 39.16
C SER E 227 42.31 -47.87 40.12
N LYS E 228 43.62 -47.88 39.86
CA LYS E 228 44.58 -47.17 40.70
C LYS E 228 44.19 -45.78 41.18
N PHE E 229 43.58 -44.98 40.31
CA PHE E 229 43.20 -43.62 40.67
C PHE E 229 41.72 -43.48 40.97
N CYS E 230 41.03 -44.60 41.08
CA CYS E 230 39.60 -44.59 41.33
C CYS E 230 39.22 -43.81 42.59
N GLU E 231 39.95 -44.06 43.66
CA GLU E 231 39.70 -43.39 44.93
C GLU E 231 40.04 -41.90 44.84
N VAL E 232 41.19 -41.59 44.25
CA VAL E 232 41.64 -40.22 44.10
C VAL E 232 40.71 -39.41 43.22
N ASP E 233 40.17 -40.02 42.19
CA ASP E 233 39.26 -39.31 41.29
C ASP E 233 37.83 -39.26 41.81
N GLY E 234 37.59 -39.94 42.92
CA GLY E 234 36.24 -39.95 43.46
C GLY E 234 35.33 -40.78 42.59
N CYS E 235 35.85 -41.87 42.02
CA CYS E 235 35.05 -42.76 41.18
C CYS E 235 34.97 -44.12 41.83
N THR E 236 34.00 -44.26 42.73
CA THR E 236 33.81 -45.48 43.47
C THR E 236 32.34 -45.88 43.53
N ALA E 237 32.06 -47.02 44.14
CA ALA E 237 30.69 -47.49 44.26
C ALA E 237 29.93 -46.59 45.22
N GLU E 238 30.64 -46.05 46.21
CA GLU E 238 30.06 -45.17 47.22
C GLU E 238 29.44 -43.92 46.58
N THR E 239 30.21 -43.24 45.73
CA THR E 239 29.72 -42.03 45.07
C THR E 239 28.85 -42.40 43.89
N GLY E 240 28.71 -43.71 43.65
CA GLY E 240 27.89 -44.19 42.54
C GLY E 240 28.53 -43.85 41.20
N MET E 241 29.87 -43.84 41.18
CA MET E 241 30.62 -43.55 39.97
C MET E 241 30.24 -42.19 39.40
N GLU E 242 30.26 -41.17 40.25
CA GLU E 242 29.91 -39.84 39.83
C GLU E 242 30.86 -38.77 40.31
N LYS E 243 31.56 -38.17 39.36
CA LYS E 243 32.48 -37.08 39.60
C LYS E 243 32.02 -36.04 38.60
N MET E 244 31.12 -35.18 39.04
CA MET E 244 30.58 -34.14 38.18
C MET E 244 31.42 -32.89 38.13
N SER E 245 31.45 -32.29 36.95
CA SER E 245 32.18 -31.05 36.73
C SER E 245 31.25 -30.19 35.87
N LEU E 246 31.30 -28.88 36.09
CA LEU E 246 30.46 -27.93 35.40
C LEU E 246 30.89 -27.61 33.96
N LEU E 247 29.92 -27.62 33.04
CA LEU E 247 30.16 -27.31 31.63
C LEU E 247 29.72 -25.87 31.33
N THR E 248 28.61 -25.46 31.93
CA THR E 248 28.07 -24.11 31.74
C THR E 248 28.94 -23.05 32.43
N PRO E 249 29.45 -22.07 31.68
CA PRO E 249 30.28 -21.04 32.31
C PRO E 249 29.43 -20.10 33.18
N PHE E 250 30.11 -19.36 34.05
CA PHE E 250 29.47 -18.43 34.97
C PHE E 250 28.28 -17.62 34.43
N GLY E 251 28.53 -16.77 33.43
CA GLY E 251 27.43 -15.98 32.90
C GLY E 251 26.59 -16.65 31.81
N GLY E 252 26.55 -17.98 31.79
CA GLY E 252 25.79 -18.67 30.77
C GLY E 252 24.29 -18.59 30.97
N PRO E 253 23.51 -19.28 30.13
CA PRO E 253 22.05 -19.28 30.23
C PRO E 253 21.56 -19.93 31.54
N PRO E 254 20.28 -19.73 31.89
CA PRO E 254 19.66 -20.28 33.10
C PRO E 254 19.66 -21.78 33.31
N GLN E 255 20.08 -22.56 32.31
CA GLN E 255 20.14 -24.01 32.49
C GLN E 255 21.58 -24.35 32.82
N GLN E 256 21.78 -25.36 33.66
CA GLN E 256 23.10 -25.77 34.09
C GLN E 256 23.44 -27.18 33.64
N ALA E 257 24.52 -27.32 32.88
CA ALA E 257 24.94 -28.62 32.38
C ALA E 257 26.22 -29.10 33.03
N LYS E 258 26.29 -30.39 33.32
CA LYS E 258 27.47 -30.98 33.94
C LYS E 258 27.85 -32.32 33.33
N MET E 259 29.15 -32.62 33.32
CA MET E 259 29.64 -33.87 32.77
C MET E 259 30.27 -34.74 33.87
N ASN E 260 30.21 -36.05 33.68
CA ASN E 260 30.78 -37.01 34.62
C ASN E 260 31.99 -37.66 33.95
N THR E 261 33.09 -37.76 34.67
CA THR E 261 34.29 -38.34 34.09
C THR E 261 34.48 -39.83 34.43
N CYS E 262 33.79 -40.31 35.48
CA CYS E 262 33.92 -41.72 35.87
C CYS E 262 33.65 -42.72 34.73
N PRO E 263 32.77 -42.38 33.77
CA PRO E 263 32.56 -43.34 32.70
C PRO E 263 33.88 -43.81 32.03
N CYS E 264 34.90 -42.94 32.05
CA CYS E 264 36.20 -43.25 31.45
C CYS E 264 36.76 -44.59 31.97
N TYR E 265 36.59 -44.81 33.27
CA TYR E 265 37.06 -46.04 33.88
C TYR E 265 36.37 -47.25 33.25
N TYR E 266 35.07 -47.14 32.96
CA TYR E 266 34.36 -48.25 32.35
C TYR E 266 34.77 -48.40 30.91
N LYS E 267 35.25 -47.32 30.31
CA LYS E 267 35.67 -47.40 28.92
C LYS E 267 37.04 -48.06 28.75
N TYR E 268 37.97 -47.75 29.66
CA TYR E 268 39.35 -48.27 29.56
C TYR E 268 39.85 -49.32 30.54
N SER E 269 39.33 -49.33 31.76
CA SER E 269 39.83 -50.24 32.80
C SER E 269 39.79 -51.76 32.59
N VAL E 270 40.95 -52.39 32.72
CA VAL E 270 41.05 -53.84 32.61
C VAL E 270 41.04 -54.33 34.04
N SER E 271 40.69 -53.41 34.95
CA SER E 271 40.59 -53.72 36.37
C SER E 271 39.11 -53.90 36.68
N PRO E 272 38.78 -54.78 37.63
CA PRO E 272 37.38 -54.99 37.98
C PRO E 272 36.74 -53.72 38.49
N LEU E 273 35.52 -53.45 38.04
CA LEU E 273 34.79 -52.25 38.43
C LEU E 273 33.46 -52.54 39.13
N PRO E 274 32.97 -51.59 39.94
CA PRO E 274 31.71 -51.80 40.64
C PRO E 274 30.60 -52.04 39.61
N ALA E 275 29.79 -53.07 39.84
CA ALA E 275 28.69 -53.40 38.94
C ALA E 275 27.67 -52.27 39.04
N MET E 276 27.18 -51.79 37.89
CA MET E 276 26.22 -50.69 37.89
C MET E 276 25.11 -50.94 36.88
N ASP E 277 23.89 -50.51 37.24
CA ASP E 277 22.75 -50.65 36.35
C ASP E 277 22.97 -49.72 35.19
N HIS E 278 23.43 -48.51 35.52
CA HIS E 278 23.66 -47.48 34.51
C HIS E 278 24.67 -46.45 34.98
N LEU E 279 25.18 -45.67 34.04
CA LEU E 279 26.13 -44.61 34.34
C LEU E 279 25.54 -43.29 33.85
N ILE E 280 25.83 -42.21 34.56
CA ILE E 280 25.33 -40.92 34.14
C ILE E 280 26.47 -40.16 33.43
N LEU E 281 26.33 -39.98 32.13
CA LEU E 281 27.34 -39.28 31.35
C LEU E 281 27.27 -37.77 31.57
N ALA E 282 26.08 -37.28 31.88
CA ALA E 282 25.91 -35.86 32.09
C ALA E 282 24.47 -35.54 32.49
N ASP E 283 24.25 -34.32 32.97
CA ASP E 283 22.91 -33.92 33.36
C ASP E 283 22.72 -32.43 33.11
N LEU E 284 21.45 -32.04 33.04
CA LEU E 284 21.07 -30.68 32.78
C LEU E 284 19.90 -30.30 33.66
N ALA E 285 20.05 -29.21 34.42
CA ALA E 285 18.99 -28.76 35.31
C ALA E 285 18.49 -27.40 34.85
N GLY E 286 17.23 -27.11 35.17
CA GLY E 286 16.64 -25.84 34.77
C GLY E 286 15.63 -25.97 33.65
N LEU E 287 15.17 -27.19 33.42
CA LEU E 287 14.20 -27.45 32.37
C LEU E 287 12.87 -26.74 32.63
N ASP E 288 12.64 -26.37 33.88
CA ASP E 288 11.38 -25.69 34.22
C ASP E 288 11.23 -24.39 33.45
N SER E 289 12.34 -23.73 33.14
CA SER E 289 12.25 -22.47 32.41
C SER E 289 12.66 -22.57 30.95
N LEU E 290 12.91 -23.79 30.47
CA LEU E 290 13.35 -24.01 29.09
C LEU E 290 12.19 -24.16 28.11
N THR E 291 12.14 -23.30 27.10
CA THR E 291 11.04 -23.31 26.14
C THR E 291 11.27 -23.93 24.77
N SER E 292 12.28 -24.78 24.65
CA SER E 292 12.56 -25.46 23.39
C SER E 292 13.16 -26.84 23.73
N PRO E 293 13.14 -27.78 22.78
CA PRO E 293 13.70 -29.10 23.10
C PRO E 293 15.21 -29.21 23.29
N VAL E 294 15.64 -30.28 23.95
CA VAL E 294 17.05 -30.57 24.18
C VAL E 294 17.42 -31.78 23.34
N TYR E 295 18.54 -31.70 22.62
CA TYR E 295 19.01 -32.80 21.81
C TYR E 295 20.36 -33.28 22.33
N VAL E 296 20.55 -34.60 22.30
CA VAL E 296 21.78 -35.22 22.74
C VAL E 296 22.14 -36.23 21.66
N MET E 297 23.36 -36.14 21.14
CA MET E 297 23.78 -37.04 20.08
C MET E 297 25.01 -37.89 20.46
N ALA E 298 24.92 -39.19 20.18
CA ALA E 298 26.00 -40.10 20.49
C ALA E 298 26.72 -40.57 19.24
N ALA E 299 28.03 -40.74 19.36
CA ALA E 299 28.87 -41.23 18.29
C ALA E 299 29.48 -42.50 18.87
N TYR E 300 29.22 -43.63 18.22
CA TYR E 300 29.70 -44.90 18.74
C TYR E 300 29.96 -45.95 17.65
N PHE E 301 30.77 -46.94 17.99
CA PHE E 301 31.09 -48.03 17.09
C PHE E 301 30.08 -49.11 17.37
N ASP E 302 29.74 -49.87 16.33
CA ASP E 302 28.76 -50.95 16.44
C ASP E 302 29.26 -52.12 17.26
N SER E 303 28.32 -52.78 17.94
CA SER E 303 28.60 -53.93 18.79
C SER E 303 29.07 -55.18 18.06
N THR E 304 28.47 -55.48 16.90
CA THR E 304 28.83 -56.68 16.12
C THR E 304 30.31 -56.97 16.21
N HIS E 305 30.67 -58.24 16.30
CA HIS E 305 32.08 -58.61 16.42
C HIS E 305 32.81 -58.49 15.08
N GLU E 306 34.14 -58.46 15.14
CA GLU E 306 34.98 -58.25 13.97
C GLU E 306 35.73 -59.42 13.40
N ASN E 307 36.48 -59.10 12.35
CA ASN E 307 37.36 -60.05 11.72
C ASN E 307 38.65 -59.42 12.19
N PRO E 308 39.33 -60.04 13.16
CA PRO E 308 40.59 -59.51 13.68
C PRO E 308 41.51 -59.03 12.57
N VAL E 309 41.51 -59.75 11.46
CA VAL E 309 42.33 -59.42 10.30
C VAL E 309 41.86 -58.14 9.63
N ARG E 310 40.58 -57.80 9.81
CA ARG E 310 40.05 -56.59 9.20
C ARG E 310 39.02 -55.90 10.09
N PRO E 311 39.49 -55.27 11.17
CA PRO E 311 38.67 -54.54 12.13
C PRO E 311 37.88 -53.41 11.44
N SER E 312 36.58 -53.64 11.31
CA SER E 312 35.68 -52.68 10.67
C SER E 312 35.29 -51.56 11.62
N SER E 313 35.88 -50.39 11.42
CA SER E 313 35.56 -49.27 12.28
C SER E 313 34.53 -48.28 11.69
N LYS E 314 33.31 -48.73 11.45
CA LYS E 314 32.30 -47.80 10.94
C LYS E 314 31.63 -47.10 12.11
N LEU E 315 31.74 -45.77 12.14
CA LEU E 315 31.20 -44.96 13.21
C LEU E 315 29.74 -44.54 13.00
N TYR E 316 28.92 -44.71 14.03
CA TYR E 316 27.50 -44.37 13.95
C TYR E 316 27.11 -43.15 14.78
N HIS E 317 25.93 -42.60 14.47
CA HIS E 317 25.39 -41.43 15.14
C HIS E 317 23.90 -41.58 15.44
N CYS E 318 23.50 -41.22 16.65
CA CYS E 318 22.07 -41.24 17.01
C CYS E 318 21.79 -40.02 17.88
N ALA E 319 20.63 -39.41 17.68
CA ALA E 319 20.27 -38.22 18.44
C ALA E 319 18.91 -38.37 19.11
N LEU E 320 18.88 -38.17 20.43
CA LEU E 320 17.66 -38.25 21.18
C LEU E 320 17.16 -36.83 21.40
N GLN E 321 15.86 -36.69 21.65
CA GLN E 321 15.24 -35.41 21.85
C GLN E 321 14.36 -35.43 23.11
N MET E 322 14.61 -34.48 24.00
CA MET E 322 13.81 -34.35 25.23
C MET E 322 12.90 -33.14 24.93
N THR E 323 11.60 -33.35 24.99
CA THR E 323 10.66 -32.27 24.67
C THR E 323 9.57 -32.09 25.73
N SER E 324 9.09 -30.85 25.86
CA SER E 324 8.04 -30.54 26.81
C SER E 324 6.67 -30.54 26.13
N HIS E 325 5.77 -31.38 26.62
CA HIS E 325 4.42 -31.49 26.09
C HIS E 325 3.53 -31.14 27.26
N ASP E 326 2.75 -30.07 27.11
CA ASP E 326 1.84 -29.65 28.18
C ASP E 326 2.55 -29.60 29.52
N GLY E 327 3.83 -29.22 29.51
CA GLY E 327 4.59 -29.11 30.74
C GLY E 327 5.36 -30.35 31.13
N VAL E 328 5.05 -31.47 30.48
CA VAL E 328 5.73 -32.72 30.78
C VAL E 328 6.88 -32.98 29.82
N TRP E 329 8.05 -33.30 30.38
CA TRP E 329 9.22 -33.58 29.56
C TRP E 329 9.38 -35.08 29.33
N THR E 330 9.32 -35.49 28.06
CA THR E 330 9.50 -36.89 27.68
C THR E 330 10.55 -36.95 26.60
N SER E 331 11.19 -38.10 26.41
CA SER E 331 12.22 -38.25 25.39
C SER E 331 11.90 -39.32 24.38
N THR E 332 12.54 -39.23 23.22
CA THR E 332 12.36 -40.24 22.17
C THR E 332 13.23 -41.42 22.61
N SER E 333 13.08 -42.56 21.96
CA SER E 333 13.88 -43.73 22.32
C SER E 333 14.38 -44.42 21.07
N SER E 334 15.39 -45.28 21.23
CA SER E 334 15.94 -46.00 20.08
C SER E 334 16.55 -47.30 20.54
N GLU E 335 16.18 -48.39 19.89
CA GLU E 335 16.72 -49.69 20.25
C GLU E 335 18.20 -49.77 19.92
N GLN E 336 18.64 -48.98 18.93
CA GLN E 336 20.04 -49.01 18.50
C GLN E 336 20.93 -47.99 19.20
N CYS E 337 20.36 -46.95 19.77
CA CYS E 337 21.15 -45.91 20.44
C CYS E 337 21.64 -46.35 21.82
N PRO E 338 22.96 -46.27 22.05
CA PRO E 338 23.59 -46.65 23.31
C PRO E 338 23.16 -45.79 24.50
N ILE E 339 22.91 -44.52 24.24
CA ILE E 339 22.51 -43.62 25.31
C ILE E 339 21.00 -43.51 25.40
N ARG E 340 20.53 -42.88 26.47
CA ARG E 340 19.11 -42.67 26.69
C ARG E 340 18.96 -41.42 27.59
N LEU E 341 17.88 -40.69 27.41
CA LEU E 341 17.65 -39.51 28.22
C LEU E 341 16.47 -39.80 29.15
N VAL E 342 16.59 -39.45 30.41
CA VAL E 342 15.53 -39.68 31.39
C VAL E 342 15.46 -38.52 32.36
N GLU E 343 14.32 -38.32 33.00
CA GLU E 343 14.20 -37.24 33.98
C GLU E 343 15.08 -37.58 35.18
N GLY E 344 15.58 -36.54 35.86
CA GLY E 344 16.43 -36.75 37.02
C GLY E 344 15.62 -37.01 38.26
N GLN E 345 16.06 -36.44 39.39
CA GLN E 345 15.34 -36.62 40.64
C GLN E 345 14.05 -35.80 40.64
N SER E 346 13.93 -34.90 39.66
CA SER E 346 12.74 -34.07 39.50
C SER E 346 12.63 -33.79 38.00
N GLN E 347 11.48 -33.25 37.58
CA GLN E 347 11.24 -32.92 36.17
C GLN E 347 12.04 -31.70 35.74
N ASN E 348 12.81 -31.14 36.67
CA ASN E 348 13.63 -29.98 36.36
C ASN E 348 15.02 -30.40 35.89
N VAL E 349 15.25 -31.70 35.87
CA VAL E 349 16.54 -32.24 35.46
C VAL E 349 16.42 -33.41 34.49
N LEU E 350 17.31 -33.44 33.51
CA LEU E 350 17.35 -34.53 32.56
C LEU E 350 18.73 -35.14 32.70
N GLN E 351 18.81 -36.45 32.52
CA GLN E 351 20.07 -37.17 32.62
C GLN E 351 20.34 -37.93 31.34
N VAL E 352 21.60 -37.93 30.91
CA VAL E 352 22.01 -38.68 29.75
C VAL E 352 22.57 -39.95 30.37
N ARG E 353 21.94 -41.08 30.10
CA ARG E 353 22.40 -42.34 30.67
C ARG E 353 22.95 -43.31 29.64
N VAL E 354 23.65 -44.32 30.14
CA VAL E 354 24.23 -45.34 29.29
C VAL E 354 24.52 -46.57 30.14
N ALA E 355 24.50 -47.74 29.52
CA ALA E 355 24.80 -48.97 30.22
C ALA E 355 26.32 -49.09 30.27
N PRO E 356 26.89 -49.40 31.44
CA PRO E 356 28.34 -49.54 31.65
C PRO E 356 29.07 -50.22 30.50
N THR E 357 28.53 -51.35 30.09
CA THR E 357 29.11 -52.16 29.04
C THR E 357 29.14 -51.51 27.65
N SER E 358 28.59 -50.30 27.54
CA SER E 358 28.58 -49.56 26.27
C SER E 358 29.77 -48.60 26.10
N MET E 359 30.44 -48.24 27.20
CA MET E 359 31.55 -47.30 27.12
C MET E 359 32.67 -47.60 26.13
N PRO E 360 33.24 -48.82 26.16
CA PRO E 360 34.32 -49.14 25.23
C PRO E 360 34.09 -48.72 23.77
N ASN E 361 32.84 -48.78 23.30
CA ASN E 361 32.52 -48.38 21.92
C ASN E 361 31.95 -46.98 21.83
N LEU E 362 31.84 -46.30 22.96
CA LEU E 362 31.28 -44.95 22.92
C LEU E 362 32.39 -43.93 22.64
N VAL E 363 32.25 -43.19 21.54
CA VAL E 363 33.24 -42.19 21.14
C VAL E 363 32.95 -40.80 21.72
N GLY E 364 31.68 -40.40 21.72
CA GLY E 364 31.28 -39.11 22.25
C GLY E 364 29.78 -38.84 22.29
N VAL E 365 29.37 -37.81 23.02
CA VAL E 365 27.98 -37.43 23.08
C VAL E 365 27.98 -35.92 23.08
N SER E 366 26.97 -35.34 22.46
CA SER E 366 26.88 -33.90 22.38
C SER E 366 25.55 -33.41 22.89
N LEU E 367 25.61 -32.42 23.76
CA LEU E 367 24.43 -31.83 24.35
C LEU E 367 24.16 -30.51 23.64
N MET E 368 22.96 -30.36 23.09
CA MET E 368 22.57 -29.13 22.40
C MET E 368 21.21 -28.63 22.90
N LEU E 369 21.17 -27.36 23.28
CA LEU E 369 19.94 -26.73 23.75
C LEU E 369 20.12 -25.22 23.62
N GLU E 370 19.06 -24.45 23.87
CA GLU E 370 19.12 -22.99 23.78
C GLU E 370 20.43 -22.42 24.33
N GLY E 371 21.16 -21.73 23.46
CA GLY E 371 22.42 -21.10 23.84
C GLY E 371 23.63 -21.90 24.31
N GLN E 372 23.54 -23.23 24.32
CA GLN E 372 24.68 -24.04 24.77
C GLN E 372 24.88 -25.32 23.97
N GLN E 373 26.14 -25.65 23.70
CA GLN E 373 26.50 -26.86 22.97
C GLN E 373 27.80 -27.40 23.56
N TYR E 374 27.76 -28.67 23.98
CA TYR E 374 28.93 -29.30 24.56
C TYR E 374 29.24 -30.62 23.88
N ARG E 375 30.43 -30.70 23.30
CA ARG E 375 30.86 -31.89 22.60
C ARG E 375 31.76 -32.65 23.55
N LEU E 376 31.25 -33.73 24.12
CA LEU E 376 32.02 -34.54 25.06
C LEU E 376 32.65 -35.70 24.32
N GLU E 377 33.97 -35.83 24.44
CA GLU E 377 34.70 -36.91 23.77
C GLU E 377 35.41 -37.84 24.72
N TYR E 378 35.32 -39.13 24.47
CA TYR E 378 35.97 -40.11 25.34
C TYR E 378 37.28 -40.61 24.79
N PHE E 379 37.79 -39.96 23.75
CA PHE E 379 39.06 -40.33 23.15
C PHE E 379 39.92 -39.07 23.08
N GLY E 380 41.17 -39.24 22.70
CA GLY E 380 42.06 -38.10 22.56
C GLY E 380 42.47 -37.40 23.85
N ASP E 381 43.15 -36.27 23.71
CA ASP E 381 43.61 -35.50 24.84
C ASP E 381 43.49 -34.01 24.53
N HIS E 382 42.91 -33.69 23.38
CA HIS E 382 42.74 -32.31 22.95
C HIS E 382 41.40 -32.12 22.22
N PRO F 8 27.91 -55.74 46.83
CA PRO F 8 29.32 -55.27 46.66
C PRO F 8 30.00 -56.14 45.60
N VAL F 9 29.43 -56.16 44.40
CA VAL F 9 29.97 -56.99 43.32
C VAL F 9 30.80 -56.23 42.29
N THR F 10 31.96 -56.80 41.95
CA THR F 10 32.81 -56.18 40.94
C THR F 10 32.81 -57.01 39.68
N CYS F 11 32.85 -56.33 38.54
CA CYS F 11 32.82 -57.01 37.27
C CYS F 11 33.93 -56.57 36.35
N CYS F 12 34.04 -57.28 35.23
CA CYS F 12 35.05 -57.01 34.23
C CYS F 12 34.42 -56.45 32.97
N TYR F 13 34.90 -55.29 32.54
CA TYR F 13 34.36 -54.63 31.36
C TYR F 13 35.32 -54.63 30.17
N ASN F 14 36.61 -54.76 30.45
CA ASN F 14 37.62 -54.80 29.41
C ASN F 14 38.65 -55.84 29.80
N PHE F 15 39.22 -56.52 28.82
CA PHE F 15 40.24 -57.53 29.10
C PHE F 15 41.60 -56.97 28.71
N THR F 16 42.64 -57.37 29.44
CA THR F 16 44.00 -56.93 29.13
C THR F 16 44.47 -57.80 27.96
N ASN F 17 45.06 -57.19 26.94
CA ASN F 17 45.54 -58.00 25.83
C ASN F 17 47.01 -58.30 26.00
N ARG F 18 47.57 -57.87 27.13
CA ARG F 18 48.98 -58.09 27.43
C ARG F 18 49.14 -59.19 28.48
N LYS F 19 49.86 -60.24 28.12
CA LYS F 19 50.10 -61.36 29.01
C LYS F 19 50.76 -60.84 30.29
N ILE F 20 50.57 -61.57 31.39
CA ILE F 20 51.18 -61.20 32.67
C ILE F 20 52.09 -62.36 33.02
N SER F 21 53.36 -62.07 33.29
CA SER F 21 54.31 -63.13 33.63
C SER F 21 53.72 -64.04 34.68
N VAL F 22 53.72 -65.36 34.42
CA VAL F 22 53.18 -66.34 35.35
C VAL F 22 53.83 -66.29 36.73
N GLN F 23 55.03 -65.71 36.78
CA GLN F 23 55.77 -65.61 38.04
C GLN F 23 55.27 -64.44 38.90
N ARG F 24 54.31 -63.68 38.38
CA ARG F 24 53.75 -62.55 39.11
C ARG F 24 52.28 -62.72 39.44
N LEU F 25 51.74 -63.88 39.11
CA LEU F 25 50.34 -64.19 39.37
C LEU F 25 50.21 -65.03 40.62
N ALA F 26 49.42 -64.57 41.57
CA ALA F 26 49.22 -65.29 42.82
C ALA F 26 48.03 -66.26 42.73
N SER F 27 46.92 -65.80 42.18
CA SER F 27 45.74 -66.65 42.05
C SER F 27 44.81 -66.12 40.99
N TYR F 28 43.60 -66.66 40.96
CA TYR F 28 42.62 -66.25 39.98
C TYR F 28 41.29 -66.86 40.37
N ARG F 29 40.22 -66.23 39.91
CA ARG F 29 38.88 -66.71 40.16
C ARG F 29 38.08 -66.34 38.90
N ARG F 30 36.92 -66.96 38.73
CA ARG F 30 36.10 -66.66 37.57
C ARG F 30 34.88 -65.84 37.99
N ILE F 31 34.38 -65.01 37.09
CA ILE F 31 33.20 -64.22 37.38
C ILE F 31 32.03 -65.20 37.42
N THR F 32 31.20 -65.13 38.45
CA THR F 32 30.06 -66.03 38.56
C THR F 32 28.77 -65.27 38.82
N SER F 33 28.88 -64.03 39.27
CA SER F 33 27.73 -63.20 39.57
C SER F 33 26.88 -62.79 38.35
N SER F 34 25.57 -62.99 38.49
CA SER F 34 24.61 -62.66 37.44
C SER F 34 24.55 -61.16 37.15
N LYS F 35 25.13 -60.36 38.04
CA LYS F 35 25.14 -58.91 37.86
C LYS F 35 26.18 -58.50 36.82
N CYS F 36 27.15 -59.36 36.58
CA CYS F 36 28.21 -59.09 35.63
C CYS F 36 27.81 -59.42 34.19
N PRO F 37 28.26 -58.59 33.23
CA PRO F 37 27.99 -58.71 31.79
C PRO F 37 28.89 -59.61 30.93
N LYS F 38 30.15 -59.77 31.29
CA LYS F 38 31.06 -60.59 30.48
C LYS F 38 31.73 -61.71 31.25
N GLU F 39 31.96 -62.84 30.57
CA GLU F 39 32.64 -63.96 31.18
C GLU F 39 34.06 -63.46 31.39
N ALA F 40 34.67 -63.78 32.53
CA ALA F 40 36.02 -63.30 32.73
C ALA F 40 36.85 -63.97 33.81
N VAL F 41 38.15 -64.02 33.56
CA VAL F 41 39.09 -64.58 34.50
C VAL F 41 39.70 -63.39 35.20
N ILE F 42 39.72 -63.42 36.53
CA ILE F 42 40.28 -62.32 37.26
C ILE F 42 41.54 -62.79 37.94
N PHE F 43 42.68 -62.33 37.42
CA PHE F 43 43.97 -62.68 37.98
C PHE F 43 44.27 -61.73 39.15
N LYS F 44 44.93 -62.27 40.16
CA LYS F 44 45.34 -61.50 41.33
C LYS F 44 46.86 -61.63 41.32
N THR F 45 47.56 -60.52 41.40
CA THR F 45 49.01 -60.55 41.37
C THR F 45 49.61 -60.71 42.75
N ILE F 46 50.93 -60.88 42.76
CA ILE F 46 51.69 -61.04 43.98
C ILE F 46 51.59 -59.78 44.82
N VAL F 47 51.14 -58.69 44.20
CA VAL F 47 50.98 -57.42 44.91
C VAL F 47 49.49 -57.21 45.21
N ALA F 48 48.72 -58.29 45.07
CA ALA F 48 47.29 -58.30 45.35
C ALA F 48 46.43 -57.40 44.47
N LYS F 49 46.90 -57.10 43.26
CA LYS F 49 46.09 -56.28 42.36
C LYS F 49 45.35 -57.20 41.41
N GLU F 50 44.14 -56.84 41.04
CA GLU F 50 43.35 -57.66 40.14
C GLU F 50 43.36 -57.15 38.70
N ILE F 51 43.38 -58.07 37.75
CA ILE F 51 43.35 -57.74 36.33
C ILE F 51 42.43 -58.69 35.60
N CYS F 52 41.61 -58.15 34.70
CA CYS F 52 40.64 -58.93 33.94
C CYS F 52 41.24 -59.56 32.69
N ALA F 53 41.00 -60.85 32.51
CA ALA F 53 41.54 -61.55 31.35
C ALA F 53 40.46 -62.34 30.61
N ASP F 54 40.65 -62.47 29.29
CA ASP F 54 39.72 -63.17 28.42
C ASP F 54 39.93 -64.68 28.52
N PRO F 55 38.91 -65.43 28.97
CA PRO F 55 39.01 -66.89 29.09
C PRO F 55 39.35 -67.58 27.77
N LYS F 56 39.01 -66.91 26.68
CA LYS F 56 39.26 -67.44 25.35
C LYS F 56 40.72 -67.54 24.93
N GLN F 57 41.55 -66.62 25.40
CA GLN F 57 42.96 -66.62 25.03
C GLN F 57 43.78 -67.76 25.64
N LYS F 58 44.75 -68.25 24.88
CA LYS F 58 45.58 -69.35 25.34
C LYS F 58 46.49 -69.02 26.51
N TRP F 59 47.10 -67.83 26.51
CA TRP F 59 47.98 -67.47 27.62
C TRP F 59 47.21 -67.49 28.93
N VAL F 60 45.90 -67.26 28.85
CA VAL F 60 45.09 -67.26 30.05
C VAL F 60 44.83 -68.69 30.52
N GLN F 61 44.43 -69.56 29.60
CA GLN F 61 44.18 -70.96 29.97
C GLN F 61 45.48 -71.59 30.47
N ASP F 62 46.59 -71.30 29.79
CA ASP F 62 47.87 -71.86 30.21
C ASP F 62 48.24 -71.34 31.60
N SER F 63 47.95 -70.07 31.86
CA SER F 63 48.27 -69.50 33.17
C SER F 63 47.39 -70.17 34.21
N ILE F 64 46.16 -70.52 33.83
CA ILE F 64 45.24 -71.18 34.75
C ILE F 64 45.75 -72.58 35.08
N ASP F 65 46.29 -73.27 34.07
CA ASP F 65 46.81 -74.60 34.29
C ASP F 65 47.97 -74.53 35.28
N HIS F 66 48.85 -73.56 35.06
CA HIS F 66 50.01 -73.36 35.93
C HIS F 66 49.55 -73.18 37.37
N LEU F 67 48.61 -72.27 37.58
CA LEU F 67 48.12 -71.99 38.91
C LEU F 67 47.38 -73.18 39.53
N ASP F 68 46.89 -74.10 38.70
CA ASP F 68 46.20 -75.28 39.23
C ASP F 68 47.16 -76.42 39.53
N LYS F 69 48.24 -76.52 38.76
CA LYS F 69 49.23 -77.57 38.96
C LYS F 69 50.03 -77.40 40.25
N GLN F 70 50.36 -76.16 40.60
CA GLN F 70 51.12 -75.91 41.80
C GLN F 70 50.28 -75.91 43.06
N THR F 71 49.33 -74.97 43.15
CA THR F 71 48.47 -74.87 44.33
C THR F 71 47.68 -76.16 44.53
#